data_4Q7A
#
_entry.id   4Q7A
#
_cell.length_a   119.540
_cell.length_b   119.540
_cell.length_c   119.212
_cell.angle_alpha   90.00
_cell.angle_beta   90.00
_cell.angle_gamma   90.00
#
_symmetry.space_group_name_H-M   'P 42'
#
loop_
_entity.id
_entity.type
_entity.pdbx_description
1 polymer 'N-acetyl-ornithine/N-acetyl-lysine deacetylase'
2 non-polymer 'SULFATE ION'
3 non-polymer GLYCEROL
4 non-polymer 'CHLORIDE ION'
5 water water
#
_entity_poly.entity_id   1
_entity_poly.type   'polypeptide(L)'
_entity_poly.pdbx_seq_one_letter_code
;SNA(MSE)LESISP(MSE)S(MSE)TTADLLRGLVSIPSPSGAEAPAVEWLCQQ(MSE)AALGYQAEPDGAGNAVGTRGE
GPREI(MSE)LLGHIDTVPGEVPVQVVDGVLYGRGAVDAKGPLATFVVAGARAKLPPGVRLTVVGAVEEEV(MSE)SSRG
ARHLIATREAPDAVVIGEPSGWDGVVLGYRGSVALEYRVTVP(MSE)SHSAGPEATAAELAADFWYRLRTWCAEWSVGID
HAFHRVEPKLNALNSSSDGLYGEAVARIGLRLPPALSPEEAIAVATSLASEGEVTATVNAPAFQTDKRQPIVAAFLAAVR
AHGGTPRLKLKTGTSD(MSE)NLVGPAWGCPIVAYGPGDSRLDHTPEEHVPLADLERATAILTTAIERVAAQIHSGRWGG
ER
;
_entity_poly.pdbx_strand_id   A,B,C,D
#
# COMPACT_ATOMS: atom_id res chain seq x y z
N LEU A 5 -50.58 34.28 15.37
CA LEU A 5 -50.39 34.88 14.06
C LEU A 5 -51.69 35.47 13.53
N GLU A 6 -51.60 36.57 12.80
CA GLU A 6 -52.76 37.15 12.14
C GLU A 6 -53.27 36.17 11.08
N SER A 7 -54.58 36.11 10.91
CA SER A 7 -55.16 35.18 9.94
C SER A 7 -54.92 35.65 8.50
N ILE A 8 -54.89 34.69 7.57
CA ILE A 8 -54.63 34.97 6.17
C ILE A 8 -55.61 34.20 5.29
N SER A 9 -56.20 34.87 4.31
CA SER A 9 -57.02 34.17 3.32
C SER A 9 -56.10 33.23 2.53
N PRO A 10 -56.53 31.97 2.37
CA PRO A 10 -55.77 30.94 1.66
C PRO A 10 -55.33 31.35 0.25
N SER A 12 -54.31 34.33 -0.42
CA SER A 12 -53.28 35.34 -0.23
C SER A 12 -51.89 34.73 0.00
N THR A 14 -49.04 32.19 -1.41
CA THR A 14 -48.51 31.38 -2.50
C THR A 14 -47.78 30.19 -1.88
N THR A 15 -47.74 29.07 -2.59
CA THR A 15 -47.02 27.90 -2.13
C THR A 15 -45.53 28.22 -2.09
N ALA A 16 -45.10 29.08 -2.99
CA ALA A 16 -43.69 29.49 -3.08
C ALA A 16 -43.24 30.23 -1.84
N ASP A 17 -44.01 31.24 -1.43
CA ASP A 17 -43.65 32.06 -0.28
C ASP A 17 -43.69 31.28 1.04
N LEU A 18 -44.67 30.40 1.17
CA LEU A 18 -44.74 29.51 2.33
C LEU A 18 -43.55 28.56 2.32
N LEU A 19 -43.22 28.04 1.15
CA LEU A 19 -42.12 27.07 1.03
C LEU A 19 -40.77 27.69 1.40
N ARG A 20 -40.53 28.91 0.96
CA ARG A 20 -39.27 29.60 1.26
C ARG A 20 -39.09 29.74 2.76
N GLY A 21 -40.17 30.08 3.45
CA GLY A 21 -40.14 30.21 4.89
C GLY A 21 -39.92 28.89 5.58
N LEU A 22 -40.49 27.82 5.03
CA LEU A 22 -40.37 26.50 5.60
C LEU A 22 -38.97 25.91 5.42
N VAL A 23 -38.41 26.09 4.23
CA VAL A 23 -37.08 25.60 3.92
C VAL A 23 -36.01 26.34 4.72
N SER A 24 -36.22 27.64 4.92
CA SER A 24 -35.27 28.48 5.64
C SER A 24 -35.18 28.13 7.13
N ILE A 25 -36.06 27.27 7.60
CA ILE A 25 -35.97 26.76 8.96
C ILE A 25 -35.41 25.35 8.92
N PRO A 26 -34.18 25.17 9.42
CA PRO A 26 -33.52 23.87 9.35
C PRO A 26 -34.23 22.86 10.24
N SER A 27 -34.61 21.72 9.67
CA SER A 27 -35.32 20.71 10.43
C SER A 27 -34.93 19.28 10.05
N PRO A 28 -33.66 18.92 10.23
CA PRO A 28 -33.28 17.52 9.96
C PRO A 28 -33.95 16.61 10.97
N SER A 29 -34.05 15.32 10.65
CA SER A 29 -34.72 14.36 11.51
C SER A 29 -34.30 14.49 12.97
N GLY A 30 -35.27 14.67 13.86
CA GLY A 30 -34.99 14.78 15.29
C GLY A 30 -34.81 16.21 15.75
N ALA A 31 -34.94 17.16 14.82
CA ALA A 31 -34.79 18.57 15.13
C ALA A 31 -35.93 19.40 14.54
N GLU A 32 -37.12 18.82 14.51
CA GLU A 32 -38.25 19.41 13.79
C GLU A 32 -39.05 20.48 14.56
N ALA A 33 -38.88 20.54 15.88
CA ALA A 33 -39.74 21.37 16.74
C ALA A 33 -40.02 22.81 16.29
N PRO A 34 -38.96 23.60 16.00
CA PRO A 34 -39.24 24.99 15.62
C PRO A 34 -40.02 25.11 14.31
N ALA A 35 -39.66 24.29 13.33
CA ALA A 35 -40.36 24.30 12.04
C ALA A 35 -41.80 23.83 12.21
N VAL A 36 -41.99 22.86 13.12
CA VAL A 36 -43.32 22.35 13.43
C VAL A 36 -44.21 23.45 13.99
N GLU A 37 -43.72 24.14 15.02
CA GLU A 37 -44.46 25.23 15.64
C GLU A 37 -44.69 26.37 14.66
N TRP A 38 -43.71 26.63 13.81
CA TRP A 38 -43.83 27.68 12.80
C TRP A 38 -44.88 27.30 11.76
N LEU A 39 -44.88 26.04 11.34
CA LEU A 39 -45.84 25.56 10.37
C LEU A 39 -47.26 25.58 10.93
N CYS A 40 -47.38 25.25 12.22
CA CYS A 40 -48.68 25.27 12.87
C CYS A 40 -49.22 26.69 12.98
N GLN A 41 -48.32 27.66 13.15
CA GLN A 41 -48.73 29.06 13.17
C GLN A 41 -49.23 29.49 11.81
N GLN A 42 -48.51 29.07 10.76
CA GLN A 42 -48.90 29.38 9.39
C GLN A 42 -50.20 28.69 9.02
N ALA A 44 -52.71 27.73 11.18
CA ALA A 44 -53.79 28.40 11.90
C ALA A 44 -54.16 29.73 11.25
N ALA A 45 -53.16 30.41 10.71
CA ALA A 45 -53.39 31.68 10.02
C ALA A 45 -54.24 31.47 8.77
N LEU A 46 -54.06 30.32 8.12
CA LEU A 46 -54.83 29.98 6.93
C LEU A 46 -56.18 29.35 7.28
N GLY A 47 -56.46 29.20 8.57
CA GLY A 47 -57.77 28.74 9.01
C GLY A 47 -57.85 27.30 9.49
N TYR A 48 -56.70 26.65 9.61
CA TYR A 48 -56.66 25.30 10.17
C TYR A 48 -56.85 25.33 11.68
N GLN A 49 -57.47 24.29 12.23
CA GLN A 49 -57.32 23.98 13.64
C GLN A 49 -55.97 23.27 13.71
N ALA A 50 -54.97 23.95 14.25
CA ALA A 50 -53.60 23.46 14.15
C ALA A 50 -52.82 23.50 15.45
N GLU A 51 -52.08 22.42 15.72
CA GLU A 51 -51.19 22.31 16.86
C GLU A 51 -50.34 21.06 16.70
N PRO A 52 -49.16 21.04 17.34
CA PRO A 52 -48.33 19.82 17.34
C PRO A 52 -49.02 18.70 18.11
N ASP A 53 -48.84 17.44 17.70
CA ASP A 53 -49.42 16.33 18.46
C ASP A 53 -48.44 15.77 19.49
N GLY A 54 -48.83 14.70 20.15
CA GLY A 54 -48.01 14.08 21.17
C GLY A 54 -46.68 13.54 20.65
N ALA A 55 -46.60 13.35 19.34
CA ALA A 55 -45.39 12.85 18.71
C ALA A 55 -44.54 13.99 18.15
N GLY A 56 -45.14 15.18 18.08
CA GLY A 56 -44.43 16.34 17.57
C GLY A 56 -44.78 16.66 16.13
N ASN A 57 -45.69 15.87 15.55
CA ASN A 57 -46.17 16.14 14.22
C ASN A 57 -46.94 17.45 14.18
N ALA A 58 -46.70 18.25 13.14
CA ALA A 58 -47.55 19.40 12.89
C ALA A 58 -48.85 18.89 12.30
N VAL A 59 -49.95 19.05 13.05
CA VAL A 59 -51.24 18.54 12.61
C VAL A 59 -52.25 19.67 12.41
N GLY A 60 -52.80 19.76 11.20
CA GLY A 60 -53.80 20.76 10.88
C GLY A 60 -55.08 20.11 10.42
N THR A 61 -56.20 20.61 10.91
CA THR A 61 -57.49 20.04 10.57
C THR A 61 -58.54 21.11 10.31
N ARG A 62 -59.37 20.89 9.30
CA ARG A 62 -60.54 21.72 9.06
C ARG A 62 -61.66 20.84 8.55
N GLY A 63 -62.88 21.34 8.59
CA GLY A 63 -64.04 20.53 8.27
C GLY A 63 -64.39 19.66 9.45
N GLU A 64 -65.32 18.73 9.24
CA GLU A 64 -65.81 17.89 10.33
C GLU A 64 -66.34 16.56 9.80
N GLY A 65 -67.02 15.81 10.67
CA GLY A 65 -67.67 14.58 10.25
C GLY A 65 -66.85 13.33 10.52
N PRO A 66 -67.42 12.16 10.20
CA PRO A 66 -66.77 10.86 10.41
C PRO A 66 -65.75 10.54 9.33
N ARG A 67 -66.01 11.00 8.10
CA ARG A 67 -65.12 10.73 6.98
C ARG A 67 -63.86 11.58 7.09
N GLU A 68 -62.78 11.12 6.46
CA GLU A 68 -61.52 11.85 6.56
C GLU A 68 -60.60 11.65 5.36
N ILE A 69 -60.06 12.76 4.86
CA ILE A 69 -58.98 12.72 3.88
C ILE A 69 -57.73 13.24 4.56
N LEU A 71 -53.78 14.48 4.18
CA LEU A 71 -52.61 14.86 3.42
C LEU A 71 -51.38 14.64 4.30
N LEU A 72 -50.76 13.48 4.18
CA LEU A 72 -49.64 13.12 5.02
C LEU A 72 -48.29 13.39 4.35
N GLY A 73 -47.58 14.41 4.81
CA GLY A 73 -46.25 14.70 4.33
C GLY A 73 -45.29 14.64 5.50
N HIS A 74 -44.04 15.01 5.25
CA HIS A 74 -43.07 15.09 6.35
C HIS A 74 -42.31 16.40 6.35
N ILE A 75 -42.11 16.95 7.55
CA ILE A 75 -41.48 18.25 7.72
C ILE A 75 -39.99 18.12 7.91
N ASP A 76 -39.52 16.88 8.12
CA ASP A 76 -38.11 16.64 8.36
C ASP A 76 -37.32 16.38 7.08
N THR A 77 -36.03 16.70 7.13
CA THR A 77 -35.15 16.51 5.99
C THR A 77 -33.90 15.74 6.41
N VAL A 78 -33.04 15.44 5.44
CA VAL A 78 -31.70 14.98 5.76
C VAL A 78 -30.91 16.20 6.21
N PRO A 79 -29.88 16.00 7.04
CA PRO A 79 -29.07 17.15 7.44
C PRO A 79 -28.26 17.69 6.27
N GLY A 80 -27.75 18.92 6.39
CA GLY A 80 -27.03 19.56 5.32
C GLY A 80 -27.75 20.80 4.82
N GLU A 81 -27.03 21.91 4.73
CA GLU A 81 -27.64 23.18 4.36
C GLU A 81 -27.55 23.47 2.87
N VAL A 82 -28.59 24.09 2.34
CA VAL A 82 -28.54 24.72 1.03
C VAL A 82 -29.03 26.15 1.20
N PRO A 83 -28.11 27.12 1.04
CA PRO A 83 -28.45 28.55 1.12
C PRO A 83 -29.74 28.87 0.35
N VAL A 84 -30.70 29.47 1.05
CA VAL A 84 -32.04 29.67 0.50
C VAL A 84 -32.13 30.90 -0.39
N GLN A 85 -32.49 30.69 -1.66
CA GLN A 85 -32.70 31.78 -2.60
C GLN A 85 -33.43 31.31 -3.86
N VAL A 86 -33.90 32.27 -4.66
CA VAL A 86 -34.60 31.97 -5.91
C VAL A 86 -33.81 32.49 -7.11
N VAL A 87 -33.34 31.59 -7.96
CA VAL A 87 -32.66 31.98 -9.18
C VAL A 87 -33.63 31.92 -10.36
N ASP A 88 -34.21 33.07 -10.68
CA ASP A 88 -35.20 33.21 -11.75
C ASP A 88 -36.27 32.11 -11.77
N GLY A 89 -37.22 32.20 -10.85
CA GLY A 89 -38.35 31.28 -10.82
C GLY A 89 -38.02 29.87 -10.33
N VAL A 90 -36.81 29.68 -9.83
CA VAL A 90 -36.41 28.38 -9.30
C VAL A 90 -35.89 28.53 -7.87
N LEU A 91 -36.51 27.80 -6.95
CA LEU A 91 -36.16 27.89 -5.53
C LEU A 91 -35.12 26.85 -5.13
N TYR A 92 -34.09 27.28 -4.41
CA TYR A 92 -33.05 26.38 -3.92
C TYR A 92 -33.11 26.26 -2.40
N GLY A 93 -33.04 25.03 -1.90
CA GLY A 93 -33.03 24.80 -0.48
C GLY A 93 -33.18 23.36 -0.06
N ARG A 94 -32.78 23.06 1.18
CA ARG A 94 -32.93 21.72 1.75
C ARG A 94 -34.40 21.43 2.05
N GLY A 95 -34.95 20.44 1.36
CA GLY A 95 -36.34 20.07 1.55
C GLY A 95 -37.24 20.68 0.50
N ALA A 96 -36.66 21.47 -0.40
CA ALA A 96 -37.40 22.08 -1.49
C ALA A 96 -38.15 21.03 -2.29
N VAL A 97 -37.51 19.88 -2.47
CA VAL A 97 -38.11 18.74 -3.15
C VAL A 97 -38.62 17.71 -2.13
N ASP A 98 -37.75 17.34 -1.20
CA ASP A 98 -38.04 16.23 -0.29
C ASP A 98 -37.94 16.61 1.18
N ALA A 99 -39.08 16.96 1.80
CA ALA A 99 -40.36 17.00 1.12
C ALA A 99 -41.19 18.20 1.58
N LYS A 100 -40.52 19.31 1.84
CA LYS A 100 -41.20 20.52 2.27
C LYS A 100 -42.04 21.11 1.14
N GLY A 101 -41.61 20.85 -0.10
CA GLY A 101 -42.35 21.25 -1.28
C GLY A 101 -43.76 20.71 -1.31
N PRO A 102 -43.89 19.37 -1.31
CA PRO A 102 -45.21 18.73 -1.23
C PRO A 102 -45.98 19.13 0.03
N LEU A 103 -45.29 19.27 1.15
CA LEU A 103 -45.94 19.64 2.41
C LEU A 103 -46.54 21.05 2.34
N ALA A 104 -45.80 21.96 1.70
CA ALA A 104 -46.28 23.32 1.50
C ALA A 104 -47.46 23.34 0.53
N THR A 105 -47.36 22.50 -0.50
CA THR A 105 -48.45 22.34 -1.47
C THR A 105 -49.68 21.82 -0.76
N PHE A 106 -49.48 20.86 0.14
CA PHE A 106 -50.55 20.30 0.95
C PHE A 106 -51.28 21.38 1.72
N VAL A 107 -50.53 22.17 2.48
CA VAL A 107 -51.09 23.20 3.33
C VAL A 107 -51.89 24.24 2.56
N VAL A 108 -51.31 24.74 1.47
CA VAL A 108 -51.98 25.77 0.67
C VAL A 108 -53.21 25.21 -0.03
N ALA A 109 -53.07 24.06 -0.67
CA ALA A 109 -54.20 23.44 -1.36
C ALA A 109 -55.29 23.02 -0.36
N GLY A 110 -54.86 22.48 0.77
CA GLY A 110 -55.80 22.03 1.78
C GLY A 110 -56.57 23.17 2.42
N ALA A 111 -56.02 24.38 2.32
CA ALA A 111 -56.68 25.56 2.84
C ALA A 111 -57.64 26.15 1.80
N ARG A 112 -57.28 26.02 0.53
CA ARG A 112 -58.07 26.59 -0.56
C ARG A 112 -59.19 25.67 -1.04
N ALA A 113 -59.26 24.48 -0.47
CA ALA A 113 -60.24 23.48 -0.90
C ALA A 113 -61.63 23.80 -0.37
N LYS A 114 -62.64 23.58 -1.22
CA LYS A 114 -64.03 23.66 -0.79
C LYS A 114 -64.43 22.34 -0.14
N LEU A 115 -64.59 22.35 1.17
CA LEU A 115 -64.93 21.11 1.88
C LEU A 115 -66.44 20.96 2.06
N PRO A 116 -66.97 19.82 1.62
CA PRO A 116 -68.38 19.50 1.85
C PRO A 116 -68.56 19.06 3.30
N PRO A 117 -69.81 19.11 3.82
CA PRO A 117 -70.06 18.68 5.20
C PRO A 117 -69.70 17.21 5.43
N GLY A 118 -69.36 16.85 6.67
CA GLY A 118 -69.08 15.47 7.00
C GLY A 118 -67.73 14.94 6.58
N VAL A 119 -67.09 15.61 5.61
CA VAL A 119 -65.76 15.20 5.18
C VAL A 119 -64.69 16.07 5.84
N ARG A 120 -63.82 15.43 6.61
CA ARG A 120 -62.78 16.12 7.35
C ARG A 120 -61.45 16.06 6.62
N LEU A 121 -60.75 17.19 6.54
CA LEU A 121 -59.45 17.23 5.89
C LEU A 121 -58.34 17.39 6.92
N THR A 122 -57.35 16.49 6.86
CA THR A 122 -56.24 16.52 7.81
C THR A 122 -54.90 16.64 7.09
N VAL A 123 -54.17 17.71 7.39
CA VAL A 123 -52.83 17.91 6.84
C VAL A 123 -51.80 17.66 7.94
N VAL A 124 -50.84 16.79 7.67
CA VAL A 124 -49.87 16.37 8.68
C VAL A 124 -48.42 16.56 8.23
N GLY A 125 -47.64 17.24 9.06
CA GLY A 125 -46.20 17.34 8.84
C GLY A 125 -45.46 16.38 9.75
N ALA A 126 -45.31 15.14 9.30
CA ALA A 126 -44.77 14.08 10.14
C ALA A 126 -43.28 14.25 10.44
N VAL A 127 -42.87 13.85 11.65
CA VAL A 127 -41.48 13.98 12.08
C VAL A 127 -40.70 12.68 11.90
N GLU A 128 -39.38 12.81 11.81
CA GLU A 128 -38.45 11.68 11.84
C GLU A 128 -38.64 10.63 10.76
N GLU A 129 -39.17 11.05 9.61
CA GLU A 129 -39.41 10.12 8.50
C GLU A 129 -38.12 9.83 7.73
N GLU A 130 -37.30 10.85 7.53
CA GLU A 130 -36.14 10.76 6.64
C GLU A 130 -35.02 9.83 7.12
N VAL A 131 -34.25 10.31 8.09
CA VAL A 131 -33.06 9.59 8.57
C VAL A 131 -33.42 8.52 9.59
N SER A 133 -36.72 6.33 12.02
CA SER A 133 -37.67 5.24 11.80
C SER A 133 -39.13 5.69 11.73
N SER A 134 -39.37 6.94 11.35
CA SER A 134 -40.72 7.46 11.14
C SER A 134 -41.63 7.32 12.36
N ARG A 135 -41.17 7.79 13.51
CA ARG A 135 -41.98 7.76 14.73
C ARG A 135 -43.24 8.58 14.54
N GLY A 136 -43.11 9.70 13.85
CA GLY A 136 -44.23 10.59 13.60
C GLY A 136 -45.40 9.90 12.93
N ALA A 137 -45.10 9.06 11.94
CA ALA A 137 -46.15 8.31 11.25
C ALA A 137 -46.62 7.12 12.08
N ARG A 138 -45.68 6.45 12.74
CA ARG A 138 -46.02 5.31 13.60
C ARG A 138 -46.97 5.71 14.71
N HIS A 139 -46.89 6.97 15.12
CA HIS A 139 -47.79 7.49 16.14
C HIS A 139 -49.19 7.69 15.56
N LEU A 140 -49.26 8.02 14.28
CA LEU A 140 -50.56 8.16 13.61
C LEU A 140 -51.21 6.78 13.52
N ILE A 141 -50.44 5.79 13.10
CA ILE A 141 -50.91 4.42 13.00
C ILE A 141 -51.34 3.90 14.37
N ALA A 142 -50.58 4.27 15.39
CA ALA A 142 -50.84 3.79 16.74
C ALA A 142 -52.13 4.33 17.35
N THR A 143 -52.38 5.62 17.17
CA THR A 143 -53.42 6.31 17.95
C THR A 143 -54.75 6.56 17.24
N ARG A 144 -54.72 6.82 15.94
CA ARG A 144 -55.92 7.15 15.19
C ARG A 144 -56.41 6.09 14.19
N GLU A 145 -57.68 6.16 13.84
CA GLU A 145 -58.26 5.21 12.91
C GLU A 145 -58.00 5.60 11.46
N ALA A 146 -58.17 4.64 10.56
CA ALA A 146 -57.87 4.84 9.14
C ALA A 146 -58.72 5.92 8.49
N PRO A 147 -58.07 6.85 7.77
CA PRO A 147 -58.78 7.83 6.94
C PRO A 147 -59.46 7.11 5.77
N ASP A 148 -60.34 7.80 5.05
CA ASP A 148 -60.96 7.19 3.88
C ASP A 148 -60.01 7.24 2.70
N ALA A 149 -59.11 8.22 2.71
CA ALA A 149 -58.10 8.37 1.68
C ALA A 149 -56.87 9.06 2.25
N VAL A 150 -55.70 8.76 1.70
CA VAL A 150 -54.45 9.39 2.12
C VAL A 150 -53.65 9.84 0.91
N VAL A 151 -53.09 11.05 1.00
CA VAL A 151 -52.17 11.52 -0.02
C VAL A 151 -50.80 11.71 0.62
N ILE A 152 -49.82 10.97 0.12
CA ILE A 152 -48.46 11.04 0.65
C ILE A 152 -47.71 12.24 0.05
N GLY A 153 -47.11 13.04 0.92
CA GLY A 153 -46.39 14.22 0.49
C GLY A 153 -44.97 13.94 0.03
N GLU A 154 -44.84 13.45 -1.21
CA GLU A 154 -43.55 13.15 -1.80
C GLU A 154 -43.52 13.71 -3.23
N PRO A 155 -42.31 14.00 -3.76
CA PRO A 155 -42.19 14.55 -5.11
C PRO A 155 -42.58 13.57 -6.22
N SER A 156 -43.80 13.68 -6.71
CA SER A 156 -44.28 12.84 -7.80
C SER A 156 -44.01 13.51 -9.14
N GLY A 157 -43.69 14.80 -9.09
CA GLY A 157 -43.68 15.62 -10.29
C GLY A 157 -45.05 16.26 -10.38
N TRP A 158 -45.13 17.46 -10.97
CA TRP A 158 -46.39 18.20 -11.00
C TRP A 158 -47.47 17.48 -11.80
N ASP A 159 -47.07 16.78 -12.85
CA ASP A 159 -48.01 16.01 -13.65
C ASP A 159 -47.84 14.51 -13.46
N GLY A 160 -47.36 14.12 -12.28
CA GLY A 160 -47.18 12.71 -11.96
C GLY A 160 -48.02 12.30 -10.78
N VAL A 161 -48.45 11.03 -10.77
CA VAL A 161 -49.23 10.49 -9.67
C VAL A 161 -48.63 9.18 -9.21
N VAL A 162 -48.06 9.17 -8.00
CA VAL A 162 -47.42 7.96 -7.48
C VAL A 162 -48.46 6.98 -6.91
N LEU A 163 -48.56 5.80 -7.50
CA LEU A 163 -49.53 4.80 -7.08
C LEU A 163 -49.00 3.84 -6.04
N GLY A 164 -47.67 3.79 -5.89
CA GLY A 164 -47.06 2.86 -4.95
C GLY A 164 -45.56 2.84 -5.05
N TYR A 165 -44.97 1.72 -4.68
CA TYR A 165 -43.52 1.61 -4.61
C TYR A 165 -42.98 0.28 -5.13
N ARG A 166 -41.77 0.32 -5.67
CA ARG A 166 -41.05 -0.91 -6.00
C ARG A 166 -40.71 -1.64 -4.71
N GLY A 167 -40.73 -2.97 -4.76
CA GLY A 167 -40.32 -3.76 -3.63
C GLY A 167 -38.81 -3.72 -3.50
N SER A 168 -38.29 -4.40 -2.48
CA SER A 168 -36.84 -4.43 -2.27
C SER A 168 -36.42 -5.72 -1.57
N VAL A 169 -35.43 -6.39 -2.14
CA VAL A 169 -34.87 -7.59 -1.52
C VAL A 169 -33.35 -7.48 -1.46
N ALA A 170 -32.80 -7.71 -0.27
CA ALA A 170 -31.35 -7.74 -0.10
C ALA A 170 -30.88 -9.20 -0.13
N LEU A 171 -29.99 -9.51 -1.07
CA LEU A 171 -29.44 -10.85 -1.17
C LEU A 171 -28.06 -10.87 -0.53
N GLU A 172 -27.64 -12.06 -0.10
CA GLU A 172 -26.28 -12.26 0.35
C GLU A 172 -25.73 -13.58 -0.18
N TYR A 173 -24.83 -13.48 -1.16
CA TYR A 173 -24.17 -14.65 -1.72
C TYR A 173 -22.92 -14.94 -0.89
N ARG A 174 -22.80 -16.16 -0.39
CA ARG A 174 -21.61 -16.57 0.34
C ARG A 174 -21.06 -17.85 -0.29
N VAL A 175 -19.73 -17.93 -0.40
CA VAL A 175 -19.10 -19.13 -0.94
C VAL A 175 -17.75 -19.39 -0.26
N THR A 176 -17.48 -20.66 0.02
CA THR A 176 -16.20 -21.06 0.58
C THR A 176 -15.51 -22.06 -0.34
N VAL A 177 -14.24 -21.80 -0.63
CA VAL A 177 -13.47 -22.61 -1.57
C VAL A 177 -12.08 -22.91 -1.03
N PRO A 178 -11.63 -24.18 -1.14
CA PRO A 178 -10.28 -24.54 -0.68
C PRO A 178 -9.19 -23.82 -1.48
N SER A 180 -5.72 -23.08 -3.48
CA SER A 180 -5.04 -23.89 -4.49
C SER A 180 -3.95 -23.10 -5.21
N HIS A 181 -3.31 -23.75 -6.17
CA HIS A 181 -2.23 -23.15 -6.94
C HIS A 181 -2.70 -22.84 -8.35
N SER A 182 -3.99 -23.01 -8.57
CA SER A 182 -4.58 -22.91 -9.91
C SER A 182 -5.01 -21.50 -10.31
N ALA A 183 -4.76 -21.14 -11.56
CA ALA A 183 -5.17 -19.86 -12.11
C ALA A 183 -6.34 -20.03 -13.07
N GLY A 184 -7.11 -21.10 -12.87
CA GLY A 184 -8.25 -21.39 -13.72
C GLY A 184 -9.45 -20.51 -13.45
N PRO A 185 -10.49 -20.63 -14.28
CA PRO A 185 -11.73 -19.86 -14.12
C PRO A 185 -12.47 -20.29 -12.86
N GLU A 186 -12.95 -19.33 -12.08
CA GLU A 186 -13.66 -19.63 -10.83
C GLU A 186 -12.85 -20.52 -9.90
N ALA A 187 -11.56 -20.21 -9.75
CA ALA A 187 -10.69 -21.00 -8.90
C ALA A 187 -10.56 -20.41 -7.50
N THR A 188 -11.04 -19.18 -7.34
CA THR A 188 -11.02 -18.52 -6.03
C THR A 188 -12.44 -18.14 -5.59
N ALA A 189 -12.60 -17.92 -4.30
CA ALA A 189 -13.90 -17.51 -3.75
C ALA A 189 -14.38 -16.19 -4.34
N ALA A 190 -13.46 -15.25 -4.50
CA ALA A 190 -13.79 -13.94 -5.05
C ALA A 190 -14.28 -14.05 -6.50
N GLU A 191 -13.72 -15.00 -7.25
CA GLU A 191 -14.10 -15.20 -8.64
C GLU A 191 -15.53 -15.71 -8.79
N LEU A 192 -15.96 -16.55 -7.86
CA LEU A 192 -17.30 -17.12 -7.88
C LEU A 192 -18.36 -16.09 -7.52
N ALA A 193 -18.05 -15.26 -6.52
CA ALA A 193 -18.97 -14.21 -6.09
C ALA A 193 -19.15 -13.19 -7.20
N ALA A 194 -18.05 -12.81 -7.85
CA ALA A 194 -18.10 -11.91 -8.98
C ALA A 194 -18.93 -12.53 -10.11
N ASP A 195 -18.73 -13.81 -10.35
CA ASP A 195 -19.44 -14.51 -11.42
C ASP A 195 -20.94 -14.62 -11.13
N PHE A 196 -21.30 -14.83 -9.88
CA PHE A 196 -22.71 -14.85 -9.49
C PHE A 196 -23.32 -13.50 -9.81
N TRP A 197 -22.61 -12.43 -9.46
CA TRP A 197 -23.04 -11.07 -9.71
C TRP A 197 -23.24 -10.77 -11.21
N TYR A 198 -22.26 -11.17 -12.02
CA TYR A 198 -22.33 -10.97 -13.47
C TYR A 198 -23.55 -11.66 -14.05
N ARG A 199 -23.77 -12.90 -13.63
CA ARG A 199 -24.86 -13.71 -14.15
C ARG A 199 -26.22 -13.23 -13.65
N LEU A 200 -26.24 -12.72 -12.42
CA LEU A 200 -27.46 -12.12 -11.88
C LEU A 200 -27.79 -10.81 -12.59
N ARG A 201 -26.77 -9.97 -12.79
CA ARG A 201 -26.95 -8.71 -13.48
C ARG A 201 -27.48 -8.92 -14.90
N THR A 202 -26.92 -9.91 -15.59
CA THR A 202 -27.34 -10.26 -16.94
C THR A 202 -28.78 -10.77 -16.97
N TRP A 203 -29.14 -11.62 -16.02
CA TRP A 203 -30.49 -12.16 -15.97
C TRP A 203 -31.52 -11.05 -15.84
N CYS A 204 -31.29 -10.14 -14.90
CA CYS A 204 -32.20 -9.03 -14.66
C CYS A 204 -32.38 -8.15 -15.88
N ALA A 205 -31.28 -7.91 -16.59
CA ALA A 205 -31.30 -7.05 -17.76
C ALA A 205 -32.08 -7.70 -18.91
N GLU A 206 -31.91 -9.00 -19.07
CA GLU A 206 -32.62 -9.75 -20.10
C GLU A 206 -34.13 -9.72 -19.85
N TRP A 207 -34.50 -9.89 -18.59
CA TRP A 207 -35.89 -9.84 -18.17
C TRP A 207 -36.47 -8.45 -18.42
N SER A 208 -35.72 -7.43 -18.04
CA SER A 208 -36.18 -6.04 -18.08
C SER A 208 -36.15 -5.40 -19.47
N VAL A 209 -35.87 -6.19 -20.50
CA VAL A 209 -35.75 -5.65 -21.85
C VAL A 209 -37.13 -5.44 -22.50
N GLY A 210 -37.30 -4.31 -23.17
CA GLY A 210 -38.58 -3.96 -23.77
C GLY A 210 -39.42 -3.09 -22.84
N ILE A 211 -38.90 -2.83 -21.64
CA ILE A 211 -39.62 -2.08 -20.63
C ILE A 211 -39.36 -0.57 -20.72
N ASP A 212 -40.44 0.22 -20.67
CA ASP A 212 -40.35 1.67 -20.85
C ASP A 212 -39.67 2.39 -19.69
N HIS A 213 -40.19 2.20 -18.48
CA HIS A 213 -39.74 2.97 -17.32
C HIS A 213 -38.85 2.18 -16.37
N ALA A 214 -37.98 2.90 -15.65
CA ALA A 214 -37.06 2.28 -14.71
C ALA A 214 -37.77 1.59 -13.56
N PHE A 215 -38.90 2.15 -13.13
CA PHE A 215 -39.68 1.59 -12.04
C PHE A 215 -40.47 0.33 -12.43
N HIS A 216 -40.36 -0.06 -13.69
CA HIS A 216 -40.95 -1.32 -14.14
C HIS A 216 -39.89 -2.37 -14.40
N ARG A 217 -38.62 -1.96 -14.40
CA ARG A 217 -37.50 -2.89 -14.57
C ARG A 217 -37.05 -3.42 -13.21
N VAL A 218 -36.45 -4.59 -13.21
CA VAL A 218 -35.77 -5.09 -12.00
C VAL A 218 -34.32 -4.64 -12.05
N GLU A 219 -33.88 -3.94 -11.02
CA GLU A 219 -32.53 -3.39 -11.00
C GLU A 219 -31.69 -3.98 -9.88
N PRO A 220 -30.59 -4.66 -10.23
CA PRO A 220 -29.65 -5.18 -9.24
C PRO A 220 -28.55 -4.18 -8.92
N LYS A 221 -28.16 -4.08 -7.65
CA LYS A 221 -27.10 -3.19 -7.23
C LYS A 221 -26.11 -3.92 -6.33
N LEU A 222 -24.86 -4.01 -6.77
CA LEU A 222 -23.83 -4.64 -5.95
C LEU A 222 -23.33 -3.64 -4.90
N ASN A 223 -23.90 -3.70 -3.71
CA ASN A 223 -23.55 -2.79 -2.64
C ASN A 223 -22.16 -3.05 -2.09
N ALA A 224 -21.81 -4.32 -1.98
CA ALA A 224 -20.53 -4.70 -1.40
C ALA A 224 -20.06 -6.03 -1.94
N LEU A 225 -18.75 -6.24 -1.88
CA LEU A 225 -18.15 -7.50 -2.29
C LEU A 225 -16.87 -7.67 -1.50
N ASN A 226 -16.84 -8.67 -0.63
CA ASN A 226 -15.68 -8.88 0.24
C ASN A 226 -15.18 -10.31 0.20
N SER A 227 -13.88 -10.49 0.42
CA SER A 227 -13.27 -11.81 0.37
C SER A 227 -12.17 -11.94 1.43
N SER A 228 -11.84 -13.17 1.78
CA SER A 228 -10.81 -13.43 2.77
C SER A 228 -10.21 -14.82 2.59
N SER A 229 -9.15 -15.11 3.34
CA SER A 229 -8.52 -16.43 3.31
C SER A 229 -7.79 -16.69 4.62
N ASP A 230 -7.74 -17.96 5.04
CA ASP A 230 -6.99 -18.33 6.23
C ASP A 230 -5.87 -19.32 5.90
N GLY A 231 -5.56 -19.46 4.62
CA GLY A 231 -4.52 -20.37 4.18
C GLY A 231 -5.07 -21.69 3.70
N LEU A 232 -6.18 -22.12 4.31
CA LEU A 232 -6.81 -23.38 3.94
C LEU A 232 -7.99 -23.14 3.00
N TYR A 233 -8.82 -22.17 3.35
CA TYR A 233 -10.00 -21.86 2.56
C TYR A 233 -10.11 -20.37 2.24
N GLY A 234 -10.56 -20.07 1.02
CA GLY A 234 -10.90 -18.72 0.64
C GLY A 234 -12.40 -18.55 0.78
N GLU A 235 -12.82 -17.41 1.32
CA GLU A 235 -14.23 -17.13 1.48
C GLU A 235 -14.57 -15.80 0.81
N ALA A 236 -15.79 -15.67 0.31
CA ALA A 236 -16.24 -14.42 -0.30
C ALA A 236 -17.72 -14.22 -0.02
N VAL A 237 -18.14 -12.97 0.03
CA VAL A 237 -19.53 -12.65 0.26
C VAL A 237 -19.94 -11.40 -0.52
N ALA A 238 -21.05 -11.49 -1.24
CA ALA A 238 -21.55 -10.37 -2.03
C ALA A 238 -22.85 -9.83 -1.47
N ARG A 239 -22.97 -8.51 -1.43
CA ARG A 239 -24.19 -7.85 -0.98
C ARG A 239 -24.89 -7.25 -2.20
N ILE A 240 -25.97 -7.90 -2.64
CA ILE A 240 -26.67 -7.49 -3.86
C ILE A 240 -28.10 -7.07 -3.56
N GLY A 241 -28.44 -5.83 -3.91
CA GLY A 241 -29.79 -5.34 -3.71
C GLY A 241 -30.62 -5.48 -4.98
N LEU A 242 -31.90 -5.78 -4.81
CA LEU A 242 -32.82 -5.86 -5.93
C LEU A 242 -33.99 -4.92 -5.71
N ARG A 243 -34.32 -4.13 -6.73
CA ARG A 243 -35.55 -3.34 -6.70
C ARG A 243 -36.58 -4.04 -7.59
N LEU A 244 -37.72 -4.37 -7.00
CA LEU A 244 -38.69 -5.21 -7.70
C LEU A 244 -39.98 -4.49 -8.12
N PRO A 245 -40.33 -4.61 -9.41
CA PRO A 245 -41.64 -4.21 -9.93
C PRO A 245 -42.67 -5.28 -9.62
N PRO A 246 -43.97 -4.94 -9.67
CA PRO A 246 -45.03 -5.91 -9.37
C PRO A 246 -45.05 -7.12 -10.31
N ALA A 247 -44.42 -7.00 -11.47
CA ALA A 247 -44.40 -8.10 -12.44
C ALA A 247 -43.47 -9.23 -11.99
N LEU A 248 -42.58 -8.94 -11.05
CA LEU A 248 -41.69 -9.95 -10.50
C LEU A 248 -41.81 -10.02 -8.98
N SER A 249 -42.24 -11.16 -8.47
CA SER A 249 -42.51 -11.33 -7.04
C SER A 249 -41.22 -11.41 -6.23
N PRO A 250 -41.30 -11.02 -4.95
CA PRO A 250 -40.17 -11.18 -4.01
C PRO A 250 -39.88 -12.65 -3.70
N GLU A 251 -40.65 -13.57 -4.28
CA GLU A 251 -40.41 -14.99 -4.11
C GLU A 251 -39.78 -15.56 -5.37
N GLU A 252 -40.24 -15.10 -6.53
CA GLU A 252 -39.66 -15.51 -7.80
C GLU A 252 -38.24 -14.95 -7.94
N ALA A 253 -37.99 -13.82 -7.30
CA ALA A 253 -36.65 -13.22 -7.30
C ALA A 253 -35.64 -14.12 -6.59
N ILE A 254 -36.00 -14.59 -5.40
CA ILE A 254 -35.11 -15.43 -4.60
C ILE A 254 -34.78 -16.73 -5.31
N ALA A 255 -35.83 -17.39 -5.79
CA ALA A 255 -35.69 -18.68 -6.47
C ALA A 255 -34.75 -18.59 -7.67
N VAL A 256 -34.88 -17.50 -8.43
CA VAL A 256 -33.99 -17.24 -9.56
C VAL A 256 -32.55 -17.04 -9.07
N ALA A 257 -32.38 -16.23 -8.04
CA ALA A 257 -31.08 -16.00 -7.46
C ALA A 257 -30.48 -17.30 -6.93
N THR A 258 -31.33 -18.13 -6.34
CA THR A 258 -30.90 -19.40 -5.77
C THR A 258 -30.37 -20.35 -6.83
N SER A 259 -31.07 -20.42 -7.95
CA SER A 259 -30.68 -21.34 -9.03
C SER A 259 -29.37 -20.91 -9.69
N LEU A 260 -29.03 -19.63 -9.57
CA LEU A 260 -27.78 -19.12 -10.13
C LEU A 260 -26.60 -19.49 -9.25
N ALA A 261 -26.88 -19.77 -7.98
CA ALA A 261 -25.84 -20.19 -7.05
C ALA A 261 -25.59 -21.69 -7.13
N SER A 262 -24.90 -22.12 -8.18
CA SER A 262 -24.59 -23.53 -8.35
C SER A 262 -23.58 -24.02 -7.33
N GLU A 263 -22.62 -23.16 -7.00
CA GLU A 263 -21.58 -23.51 -6.04
C GLU A 263 -21.73 -22.71 -4.76
N GLY A 264 -22.17 -21.47 -4.88
CA GLY A 264 -22.33 -20.62 -3.72
C GLY A 264 -23.61 -20.86 -2.97
N GLU A 265 -23.89 -20.02 -1.98
CA GLU A 265 -25.14 -20.10 -1.24
C GLU A 265 -25.79 -18.72 -1.16
N VAL A 266 -27.11 -18.69 -1.22
CA VAL A 266 -27.85 -17.44 -1.25
C VAL A 266 -28.80 -17.31 -0.05
N THR A 267 -28.68 -16.20 0.67
CA THR A 267 -29.66 -15.86 1.70
C THR A 267 -30.27 -14.51 1.33
N ALA A 268 -31.52 -14.28 1.73
CA ALA A 268 -32.25 -13.11 1.25
C ALA A 268 -33.12 -12.46 2.31
N THR A 269 -33.16 -11.14 2.28
CA THR A 269 -33.99 -10.37 3.21
C THR A 269 -35.10 -9.65 2.45
N VAL A 270 -36.32 -10.13 2.62
CA VAL A 270 -37.49 -9.48 2.00
C VAL A 270 -37.94 -8.30 2.85
N ASN A 271 -37.42 -7.12 2.54
CA ASN A 271 -37.83 -5.89 3.23
C ASN A 271 -39.30 -5.60 2.97
N ALA A 272 -39.66 -5.55 1.69
CA ALA A 272 -41.04 -5.33 1.26
C ALA A 272 -41.22 -5.75 -0.19
N PRO A 273 -42.37 -6.35 -0.51
CA PRO A 273 -42.75 -6.57 -1.91
C PRO A 273 -43.30 -5.28 -2.50
N ALA A 274 -43.47 -5.23 -3.82
CA ALA A 274 -44.02 -4.04 -4.46
C ALA A 274 -45.49 -3.83 -4.07
N PHE A 275 -45.90 -2.58 -3.93
CA PHE A 275 -47.33 -2.26 -3.82
C PHE A 275 -47.73 -1.33 -4.95
N GLN A 276 -48.93 -1.52 -5.47
CA GLN A 276 -49.43 -0.73 -6.57
C GLN A 276 -50.93 -0.51 -6.41
N THR A 277 -51.32 0.73 -6.10
CA THR A 277 -52.73 1.08 -6.05
C THR A 277 -53.37 0.82 -7.40
N ASP A 278 -54.51 0.13 -7.40
CA ASP A 278 -55.25 -0.14 -8.64
C ASP A 278 -55.57 1.16 -9.37
N LYS A 279 -55.06 1.30 -10.59
CA LYS A 279 -55.19 2.52 -11.37
C LYS A 279 -56.63 2.83 -11.80
N ARG A 280 -57.57 2.01 -11.34
CA ARG A 280 -58.97 2.23 -11.66
C ARG A 280 -59.76 2.56 -10.40
N GLN A 281 -59.06 2.67 -9.28
CA GLN A 281 -59.67 3.13 -8.04
C GLN A 281 -60.01 4.61 -8.20
N PRO A 282 -61.12 5.05 -7.56
CA PRO A 282 -61.61 6.42 -7.62
C PRO A 282 -60.54 7.48 -7.32
N ILE A 283 -59.64 7.19 -6.38
CA ILE A 283 -58.61 8.15 -5.99
C ILE A 283 -57.61 8.41 -7.12
N VAL A 284 -57.39 7.40 -7.96
CA VAL A 284 -56.48 7.54 -9.10
C VAL A 284 -57.14 8.41 -10.18
N ALA A 285 -58.40 8.11 -10.46
CA ALA A 285 -59.16 8.87 -11.45
C ALA A 285 -59.29 10.32 -11.02
N ALA A 286 -59.37 10.54 -9.71
CA ALA A 286 -59.49 11.89 -9.16
C ALA A 286 -58.27 12.74 -9.47
N PHE A 287 -57.08 12.13 -9.38
CA PHE A 287 -55.84 12.85 -9.64
C PHE A 287 -55.57 12.99 -11.13
N LEU A 288 -55.87 11.93 -11.87
CA LEU A 288 -55.82 11.97 -13.34
C LEU A 288 -56.63 13.16 -13.84
N ALA A 289 -57.87 13.26 -13.36
CA ALA A 289 -58.77 14.33 -13.76
C ALA A 289 -58.23 15.71 -13.39
N ALA A 290 -57.65 15.81 -12.19
CA ALA A 290 -57.10 17.07 -11.71
C ALA A 290 -55.95 17.56 -12.59
N VAL A 291 -55.04 16.65 -12.92
CA VAL A 291 -53.92 16.98 -13.78
C VAL A 291 -54.41 17.34 -15.17
N ARG A 292 -55.40 16.58 -15.66
CA ARG A 292 -55.99 16.85 -16.97
C ARG A 292 -56.69 18.21 -16.99
N ALA A 293 -57.38 18.53 -15.91
CA ALA A 293 -58.11 19.79 -15.81
C ALA A 293 -57.18 20.99 -15.92
N HIS A 294 -55.98 20.85 -15.38
CA HIS A 294 -55.02 21.95 -15.37
C HIS A 294 -53.95 21.82 -16.45
N GLY A 295 -54.37 21.28 -17.60
CA GLY A 295 -53.52 21.26 -18.78
C GLY A 295 -52.42 20.23 -18.80
N GLY A 296 -52.28 19.47 -17.71
CA GLY A 296 -51.24 18.48 -17.63
C GLY A 296 -51.65 17.18 -18.30
N THR A 297 -50.66 16.42 -18.77
CA THR A 297 -50.89 15.06 -19.22
C THR A 297 -50.27 14.12 -18.19
N PRO A 298 -51.11 13.55 -17.32
CA PRO A 298 -50.66 12.78 -16.15
C PRO A 298 -49.93 11.50 -16.51
N ARG A 299 -48.84 11.23 -15.81
CA ARG A 299 -48.12 9.97 -15.94
C ARG A 299 -48.10 9.25 -14.61
N LEU A 300 -48.68 8.05 -14.58
CA LEU A 300 -48.71 7.24 -13.37
C LEU A 300 -47.32 6.69 -13.10
N LYS A 301 -46.92 6.73 -11.82
CA LYS A 301 -45.55 6.35 -11.47
C LYS A 301 -45.48 5.42 -10.26
N LEU A 302 -44.36 4.72 -10.16
CA LEU A 302 -44.02 3.96 -8.96
C LEU A 302 -42.77 4.57 -8.34
N LYS A 303 -42.75 4.69 -7.02
CA LYS A 303 -41.56 5.13 -6.34
C LYS A 303 -40.67 3.92 -6.11
N THR A 304 -39.39 4.15 -5.80
CA THR A 304 -38.46 3.06 -5.56
C THR A 304 -38.00 3.03 -4.11
N GLY A 305 -37.56 4.19 -3.62
CA GLY A 305 -37.12 4.31 -2.25
C GLY A 305 -38.25 4.17 -1.26
N THR A 306 -37.92 4.14 0.03
CA THR A 306 -38.91 4.02 1.08
C THR A 306 -39.45 5.38 1.49
N SER A 307 -40.77 5.46 1.67
CA SER A 307 -41.41 6.65 2.23
C SER A 307 -42.43 6.16 3.24
N ASP A 308 -43.20 7.08 3.82
CA ASP A 308 -44.22 6.70 4.79
C ASP A 308 -45.43 6.04 4.13
N ASN A 310 -45.02 3.23 2.43
CA ASN A 310 -44.71 1.85 2.80
C ASN A 310 -45.23 1.50 4.18
N LEU A 311 -45.37 2.51 5.02
CA LEU A 311 -45.86 2.35 6.39
C LEU A 311 -47.38 2.29 6.44
N VAL A 312 -48.01 3.43 6.14
CA VAL A 312 -49.45 3.60 6.31
C VAL A 312 -50.26 2.96 5.18
N GLY A 313 -49.58 2.63 4.08
CA GLY A 313 -50.21 1.92 2.98
C GLY A 313 -50.86 0.62 3.42
N PRO A 314 -50.03 -0.36 3.80
CA PRO A 314 -50.53 -1.66 4.24
C PRO A 314 -51.21 -1.59 5.61
N ALA A 315 -50.79 -0.66 6.45
CA ALA A 315 -51.29 -0.56 7.82
C ALA A 315 -52.71 -0.02 7.94
N TRP A 316 -53.16 0.72 6.92
CA TRP A 316 -54.49 1.33 6.94
C TRP A 316 -55.44 0.72 5.92
N GLY A 317 -54.89 0.29 4.77
CA GLY A 317 -55.70 -0.37 3.76
C GLY A 317 -56.63 0.55 2.97
N CYS A 318 -56.63 1.83 3.32
CA CYS A 318 -57.44 2.82 2.61
C CYS A 318 -56.74 3.21 1.32
N PRO A 319 -57.52 3.67 0.32
CA PRO A 319 -56.94 4.14 -0.95
C PRO A 319 -55.87 5.20 -0.72
N ILE A 320 -54.78 5.14 -1.49
CA ILE A 320 -53.64 6.00 -1.23
C ILE A 320 -52.81 6.27 -2.48
N VAL A 321 -52.33 7.51 -2.62
CA VAL A 321 -51.38 7.87 -3.66
C VAL A 321 -50.38 8.82 -3.05
N ALA A 322 -49.30 9.09 -3.77
CA ALA A 322 -48.38 10.16 -3.39
C ALA A 322 -48.44 11.22 -4.47
N TYR A 323 -48.44 12.49 -4.09
CA TYR A 323 -48.44 13.59 -5.04
C TYR A 323 -47.66 14.77 -4.51
N GLY A 324 -46.97 15.46 -5.41
CA GLY A 324 -46.22 16.64 -5.04
C GLY A 324 -45.36 17.14 -6.18
N PRO A 325 -45.09 18.45 -6.21
CA PRO A 325 -44.19 19.03 -7.20
C PRO A 325 -42.75 18.61 -6.90
N GLY A 326 -41.91 18.54 -7.93
CA GLY A 326 -40.51 18.22 -7.71
C GLY A 326 -39.99 17.02 -8.46
N ASP A 327 -38.74 17.11 -8.88
CA ASP A 327 -38.02 16.00 -9.50
C ASP A 327 -37.41 15.18 -8.37
N SER A 328 -37.94 13.98 -8.15
CA SER A 328 -37.49 13.11 -7.05
C SER A 328 -36.03 12.70 -7.19
N ARG A 329 -35.47 12.83 -8.38
CA ARG A 329 -34.08 12.47 -8.62
C ARG A 329 -33.14 13.44 -7.92
N LEU A 330 -33.70 14.55 -7.45
CA LEU A 330 -32.93 15.56 -6.72
C LEU A 330 -32.99 15.34 -5.21
N ASP A 331 -33.65 14.28 -4.78
CA ASP A 331 -33.72 13.93 -3.37
C ASP A 331 -32.32 13.83 -2.77
N HIS A 332 -32.11 14.55 -1.67
CA HIS A 332 -30.88 14.47 -0.87
C HIS A 332 -29.65 15.12 -1.53
N THR A 333 -29.75 15.40 -2.82
CA THR A 333 -28.65 16.02 -3.56
C THR A 333 -28.33 17.40 -3.01
N PRO A 334 -27.05 17.81 -3.08
CA PRO A 334 -26.59 19.11 -2.58
C PRO A 334 -27.24 20.29 -3.29
N GLU A 335 -27.74 20.08 -4.49
CA GLU A 335 -28.39 21.15 -5.25
C GLU A 335 -29.88 20.88 -5.42
N GLU A 336 -30.56 20.63 -4.30
CA GLU A 336 -32.00 20.37 -4.30
C GLU A 336 -32.77 21.63 -4.68
N HIS A 337 -33.66 21.53 -5.66
CA HIS A 337 -34.40 22.69 -6.14
C HIS A 337 -35.71 22.35 -6.84
N VAL A 338 -36.59 23.34 -6.97
CA VAL A 338 -37.88 23.19 -7.62
C VAL A 338 -38.35 24.50 -8.24
N PRO A 339 -38.85 24.45 -9.49
CA PRO A 339 -39.39 25.66 -10.12
C PRO A 339 -40.63 26.14 -9.39
N LEU A 340 -40.80 27.46 -9.25
CA LEU A 340 -41.98 28.00 -8.58
C LEU A 340 -43.24 27.72 -9.38
N ALA A 341 -43.07 27.59 -10.69
CA ALA A 341 -44.19 27.28 -11.59
C ALA A 341 -44.81 25.92 -11.26
N ASP A 342 -43.95 24.96 -10.92
CA ASP A 342 -44.41 23.65 -10.49
C ASP A 342 -45.21 23.75 -9.20
N LEU A 343 -44.72 24.56 -8.27
CA LEU A 343 -45.38 24.74 -6.98
C LEU A 343 -46.81 25.27 -7.14
N GLU A 344 -46.97 26.28 -7.99
CA GLU A 344 -48.29 26.88 -8.18
C GLU A 344 -49.21 26.00 -9.01
N ARG A 345 -48.64 25.28 -9.97
CA ARG A 345 -49.41 24.38 -10.82
C ARG A 345 -49.95 23.20 -10.01
N ALA A 346 -49.07 22.55 -9.26
CA ALA A 346 -49.44 21.40 -8.45
C ALA A 346 -50.42 21.78 -7.34
N THR A 347 -50.34 23.02 -6.90
CA THR A 347 -51.26 23.51 -5.87
C THR A 347 -52.68 23.58 -6.41
N ALA A 348 -52.81 24.08 -7.64
CA ALA A 348 -54.12 24.15 -8.29
C ALA A 348 -54.65 22.74 -8.54
N ILE A 349 -53.76 21.86 -8.99
CA ILE A 349 -54.13 20.47 -9.27
C ILE A 349 -54.59 19.74 -8.01
N LEU A 350 -53.81 19.86 -6.94
CA LEU A 350 -54.16 19.19 -5.69
C LEU A 350 -55.48 19.70 -5.11
N THR A 351 -55.69 21.03 -5.20
CA THR A 351 -56.93 21.63 -4.73
C THR A 351 -58.13 20.99 -5.42
N THR A 352 -58.05 20.87 -6.74
CA THR A 352 -59.09 20.22 -7.53
C THR A 352 -59.24 18.77 -7.12
N ALA A 353 -58.11 18.09 -6.94
CA ALA A 353 -58.10 16.68 -6.57
C ALA A 353 -58.75 16.44 -5.21
N ILE A 354 -58.43 17.29 -4.25
CA ILE A 354 -59.00 17.20 -2.91
C ILE A 354 -60.52 17.34 -2.95
N GLU A 355 -60.99 18.32 -3.74
CA GLU A 355 -62.42 18.57 -3.86
C GLU A 355 -63.16 17.39 -4.51
N ARG A 356 -62.52 16.76 -5.50
CA ARG A 356 -63.11 15.60 -6.16
C ARG A 356 -63.22 14.40 -5.22
N VAL A 357 -62.14 14.13 -4.49
CA VAL A 357 -62.12 13.00 -3.55
C VAL A 357 -63.12 13.22 -2.41
N ALA A 358 -63.18 14.44 -1.91
CA ALA A 358 -64.10 14.78 -0.82
C ALA A 358 -65.55 14.54 -1.23
N ALA A 359 -65.88 14.89 -2.47
CA ALA A 359 -67.22 14.64 -3.00
C ALA A 359 -67.46 13.14 -3.17
N GLN A 360 -66.50 12.46 -3.82
CA GLN A 360 -66.55 11.01 -4.02
C GLN A 360 -66.96 10.25 -2.77
N ILE A 361 -66.48 10.71 -1.63
CA ILE A 361 -66.79 10.09 -0.34
C ILE A 361 -68.28 10.15 0.00
N HIS A 362 -68.76 11.37 0.20
CA HIS A 362 -70.10 11.61 0.72
C HIS A 362 -71.19 11.06 -0.16
N SER A 363 -71.03 11.28 -1.46
CA SER A 363 -72.00 10.87 -2.46
C SER A 363 -72.09 9.38 -2.41
N GLY A 364 -71.06 8.77 -1.85
CA GLY A 364 -70.99 7.34 -1.72
C GLY A 364 -70.02 6.80 -2.74
N LEU B 5 35.34 -30.40 43.71
CA LEU B 5 35.98 -31.47 42.95
C LEU B 5 37.45 -31.64 43.35
N GLU B 6 37.99 -32.83 43.09
CA GLU B 6 39.39 -33.09 43.38
C GLU B 6 40.27 -32.35 42.38
N SER B 7 41.44 -31.91 42.84
CA SER B 7 42.40 -31.22 41.98
C SER B 7 42.81 -32.09 40.80
N ILE B 8 42.67 -31.56 39.59
CA ILE B 8 43.09 -32.26 38.39
C ILE B 8 44.34 -31.61 37.80
N SER B 9 44.96 -32.28 36.84
CA SER B 9 46.13 -31.73 36.17
C SER B 9 45.70 -30.65 35.18
N PRO B 10 46.35 -29.48 35.22
CA PRO B 10 46.13 -28.41 34.24
C PRO B 10 46.40 -28.91 32.82
N SER B 12 45.91 -32.11 31.90
CA SER B 12 44.89 -33.11 31.59
C SER B 12 43.73 -32.53 30.77
N THR B 14 41.79 -30.41 28.32
CA THR B 14 42.05 -29.62 27.13
C THR B 14 41.06 -28.46 27.06
N THR B 15 41.39 -27.46 26.25
CA THR B 15 40.52 -26.30 26.06
C THR B 15 39.21 -26.71 25.37
N ALA B 16 39.32 -27.66 24.44
CA ALA B 16 38.15 -28.19 23.77
C ALA B 16 37.21 -28.86 24.78
N ASP B 17 37.80 -29.60 25.72
CA ASP B 17 37.02 -30.24 26.77
C ASP B 17 36.28 -29.23 27.64
N LEU B 18 37.01 -28.20 28.09
CA LEU B 18 36.43 -27.16 28.93
C LEU B 18 35.38 -26.35 28.18
N LEU B 19 35.67 -26.04 26.92
CA LEU B 19 34.75 -25.22 26.11
C LEU B 19 33.43 -25.93 25.86
N ARG B 20 33.48 -27.24 25.61
CA ARG B 20 32.28 -28.02 25.37
C ARG B 20 31.34 -27.94 26.55
N GLY B 21 31.89 -28.07 27.75
CA GLY B 21 31.10 -27.96 28.96
C GLY B 21 30.58 -26.55 29.15
N LEU B 22 31.43 -25.57 28.85
CA LEU B 22 31.09 -24.16 29.04
C LEU B 22 30.05 -23.69 28.03
N VAL B 23 30.16 -24.17 26.79
CA VAL B 23 29.24 -23.77 25.73
C VAL B 23 27.88 -24.43 25.90
N SER B 24 27.84 -25.49 26.71
CA SER B 24 26.60 -26.23 26.96
C SER B 24 25.64 -25.42 27.82
N ILE B 25 26.18 -24.73 28.81
CA ILE B 25 25.38 -23.97 29.75
C ILE B 25 24.94 -22.64 29.14
N PRO B 26 23.62 -22.39 29.13
CA PRO B 26 23.11 -21.14 28.57
C PRO B 26 23.52 -19.97 29.44
N SER B 27 24.04 -18.91 28.83
CA SER B 27 24.39 -17.71 29.60
C SER B 27 24.29 -16.43 28.78
N PRO B 28 23.07 -16.05 28.38
CA PRO B 28 22.92 -14.71 27.80
C PRO B 28 23.14 -13.67 28.89
N SER B 29 23.45 -12.43 28.52
CA SER B 29 23.71 -11.39 29.50
C SER B 29 22.61 -11.28 30.55
N GLY B 30 23.00 -11.17 31.81
CA GLY B 30 22.03 -11.05 32.90
C GLY B 30 21.73 -12.37 33.57
N ALA B 31 21.98 -13.47 32.86
CA ALA B 31 21.69 -14.80 33.38
C ALA B 31 22.92 -15.70 33.33
N GLU B 32 24.03 -15.21 33.87
CA GLU B 32 25.30 -15.93 33.79
C GLU B 32 25.59 -16.78 35.04
N ALA B 33 24.71 -16.68 36.04
CA ALA B 33 24.96 -17.32 37.33
C ALA B 33 25.30 -18.82 37.32
N PRO B 34 24.49 -19.65 36.63
CA PRO B 34 24.86 -21.07 36.57
C PRO B 34 26.19 -21.29 35.85
N ALA B 35 26.47 -20.51 34.81
CA ALA B 35 27.72 -20.63 34.08
C ALA B 35 28.89 -20.21 34.95
N VAL B 36 28.72 -19.14 35.71
CA VAL B 36 29.74 -18.65 36.62
C VAL B 36 30.08 -19.67 37.70
N GLU B 37 29.05 -20.23 38.34
CA GLU B 37 29.24 -21.24 39.37
C GLU B 37 30.03 -22.43 38.84
N TRP B 38 29.65 -22.90 37.66
CA TRP B 38 30.29 -24.06 37.04
C TRP B 38 31.76 -23.79 36.77
N LEU B 39 32.03 -22.64 36.14
CA LEU B 39 33.40 -22.29 35.78
C LEU B 39 34.29 -22.09 37.00
N CYS B 40 33.73 -21.52 38.06
CA CYS B 40 34.47 -21.33 39.30
C CYS B 40 34.91 -22.67 39.89
N GLN B 41 34.04 -23.66 39.77
CA GLN B 41 34.36 -25.01 40.24
C GLN B 41 35.50 -25.59 39.41
N GLN B 42 35.38 -25.45 38.10
CA GLN B 42 36.38 -25.96 37.17
C GLN B 42 37.73 -25.32 37.43
N ALA B 44 38.76 -23.91 40.20
CA ALA B 44 39.23 -24.35 41.51
C ALA B 44 39.94 -25.70 41.40
N ALA B 45 39.48 -26.53 40.47
CA ALA B 45 40.07 -27.84 40.23
C ALA B 45 41.40 -27.74 39.49
N LEU B 46 41.63 -26.60 38.84
CA LEU B 46 42.82 -26.41 38.01
C LEU B 46 43.94 -25.67 38.74
N GLY B 47 43.74 -25.36 40.01
CA GLY B 47 44.77 -24.70 40.80
C GLY B 47 44.52 -23.23 41.07
N TYR B 48 43.47 -22.69 40.45
CA TYR B 48 43.07 -21.32 40.74
C TYR B 48 42.36 -21.29 42.10
N GLN B 49 42.36 -20.11 42.71
CA GLN B 49 41.45 -19.85 43.81
C GLN B 49 40.27 -19.11 43.22
N ALA B 50 39.18 -19.82 42.98
CA ALA B 50 38.07 -19.28 42.20
C ALA B 50 36.80 -19.00 43.01
N GLU B 51 36.22 -17.82 42.78
CA GLU B 51 35.02 -17.38 43.47
C GLU B 51 34.40 -16.16 42.79
N PRO B 52 33.06 -16.10 42.73
CA PRO B 52 32.36 -14.93 42.21
C PRO B 52 32.65 -13.67 43.02
N ASP B 53 32.85 -12.54 42.33
CA ASP B 53 33.06 -11.27 43.04
C ASP B 53 31.75 -10.53 43.28
N GLY B 54 31.83 -9.23 43.51
CA GLY B 54 30.64 -8.43 43.83
C GLY B 54 29.59 -8.40 42.74
N ALA B 55 30.01 -8.36 41.48
CA ALA B 55 29.08 -8.26 40.36
C ALA B 55 28.72 -9.63 39.80
N GLY B 56 29.20 -10.70 40.44
CA GLY B 56 28.91 -12.04 39.98
C GLY B 56 29.84 -12.50 38.88
N ASN B 57 30.90 -11.71 38.64
CA ASN B 57 31.94 -12.12 37.70
C ASN B 57 32.67 -13.35 38.21
N ALA B 58 32.97 -14.28 37.31
CA ALA B 58 33.79 -15.43 37.66
C ALA B 58 35.25 -15.00 37.74
N VAL B 59 35.87 -15.19 38.91
CA VAL B 59 37.26 -14.76 39.10
C VAL B 59 38.09 -15.89 39.72
N GLY B 60 39.20 -16.24 39.05
CA GLY B 60 40.10 -17.26 39.55
C GLY B 60 41.54 -16.79 39.50
N THR B 61 42.25 -16.92 40.62
CA THR B 61 43.60 -16.37 40.72
C THR B 61 44.69 -17.41 40.90
N ARG B 62 45.87 -17.10 40.36
CA ARG B 62 47.06 -17.92 40.54
C ARG B 62 48.24 -17.03 40.91
N GLY B 63 49.29 -17.65 41.41
CA GLY B 63 50.53 -16.95 41.69
C GLY B 63 50.50 -16.14 42.96
N GLU B 64 51.52 -15.30 43.13
CA GLU B 64 51.69 -14.52 44.35
C GLU B 64 52.63 -13.37 44.04
N GLY B 65 52.42 -12.24 44.70
CA GLY B 65 53.29 -11.08 44.52
C GLY B 65 52.57 -9.78 44.23
N PRO B 66 53.33 -8.68 44.11
CA PRO B 66 52.79 -7.33 43.89
C PRO B 66 52.53 -7.02 42.42
N ARG B 67 52.79 -7.97 41.54
CA ARG B 67 52.52 -7.76 40.12
C ARG B 67 51.42 -8.69 39.62
N GLU B 68 50.61 -8.20 38.68
CA GLU B 68 49.44 -8.95 38.25
C GLU B 68 49.18 -8.87 36.75
N ILE B 69 48.96 -10.03 36.14
CA ILE B 69 48.51 -10.11 34.76
C ILE B 69 47.05 -10.52 34.76
N LEU B 71 43.66 -11.55 32.77
CA LEU B 71 43.09 -12.02 31.52
C LEU B 71 41.59 -11.75 31.57
N LEU B 72 41.16 -10.70 30.89
CA LEU B 72 39.80 -10.21 31.02
C LEU B 72 38.89 -10.69 29.89
N GLY B 73 38.13 -11.75 30.15
CA GLY B 73 37.16 -12.25 29.20
C GLY B 73 35.74 -12.07 29.70
N HIS B 74 34.76 -12.46 28.90
CA HIS B 74 33.37 -12.41 29.35
C HIS B 74 32.67 -13.76 29.14
N ILE B 75 31.76 -14.08 30.05
CA ILE B 75 31.11 -15.38 30.08
C ILE B 75 29.72 -15.34 29.47
N ASP B 76 29.20 -14.12 29.29
CA ASP B 76 27.86 -13.95 28.72
C ASP B 76 27.87 -13.93 27.20
N THR B 77 26.70 -14.18 26.60
CA THR B 77 26.56 -14.22 25.16
C THR B 77 25.29 -13.52 24.73
N VAL B 78 25.06 -13.44 23.43
CA VAL B 78 23.77 -13.07 22.91
C VAL B 78 22.84 -14.25 23.16
N PRO B 79 21.52 -14.02 23.25
CA PRO B 79 20.63 -15.15 23.49
C PRO B 79 20.53 -16.09 22.29
N GLY B 80 19.81 -17.19 22.46
CA GLY B 80 19.67 -18.19 21.43
C GLY B 80 20.65 -19.34 21.61
N GLU B 81 20.25 -20.53 21.16
CA GLU B 81 21.12 -21.70 21.25
C GLU B 81 21.58 -22.16 19.87
N VAL B 82 22.87 -21.99 19.59
CA VAL B 82 23.47 -22.66 18.45
C VAL B 82 23.57 -24.11 18.85
N PRO B 83 22.94 -25.00 18.06
CA PRO B 83 22.93 -26.44 18.35
C PRO B 83 24.34 -26.94 18.59
N VAL B 84 24.67 -27.21 19.85
CA VAL B 84 26.02 -27.61 20.22
C VAL B 84 26.36 -28.98 19.61
N GLN B 85 27.32 -28.98 18.70
CA GLN B 85 27.75 -30.22 18.06
C GLN B 85 29.20 -30.11 17.57
N VAL B 86 29.89 -31.24 17.56
CA VAL B 86 31.24 -31.30 17.04
C VAL B 86 31.27 -32.17 15.79
N VAL B 87 31.54 -31.56 14.64
CA VAL B 87 31.57 -32.27 13.37
C VAL B 87 32.82 -31.89 12.59
N ASP B 88 33.57 -32.91 12.16
CA ASP B 88 34.77 -32.72 11.33
C ASP B 88 35.76 -31.73 11.93
N GLY B 89 36.02 -31.87 13.22
CA GLY B 89 36.99 -31.03 13.91
C GLY B 89 36.56 -29.58 14.07
N VAL B 90 35.25 -29.36 14.11
CA VAL B 90 34.70 -28.02 14.31
C VAL B 90 33.65 -28.05 15.42
N LEU B 91 33.80 -27.17 16.40
CA LEU B 91 32.84 -27.10 17.51
C LEU B 91 31.81 -26.01 17.30
N TYR B 92 30.55 -26.39 17.17
CA TYR B 92 29.46 -25.44 17.04
C TYR B 92 28.85 -25.13 18.40
N GLY B 93 28.54 -23.86 18.64
CA GLY B 93 27.93 -23.46 19.90
C GLY B 93 27.91 -21.95 20.11
N ARG B 94 26.89 -21.49 20.82
CA ARG B 94 26.77 -20.07 21.15
C ARG B 94 27.92 -19.62 22.06
N GLY B 95 28.70 -18.66 21.59
CA GLY B 95 29.80 -18.14 22.37
C GLY B 95 31.12 -18.83 22.08
N ALA B 96 31.10 -19.78 21.16
CA ALA B 96 32.31 -20.50 20.75
C ALA B 96 33.40 -19.53 20.33
N VAL B 97 32.99 -18.48 19.65
CA VAL B 97 33.91 -17.43 19.21
C VAL B 97 33.78 -16.20 20.10
N ASP B 98 32.54 -15.84 20.44
CA ASP B 98 32.27 -14.64 21.21
C ASP B 98 31.47 -14.93 22.48
N ALA B 99 32.16 -15.21 23.59
CA ALA B 99 33.62 -15.29 23.63
C ALA B 99 34.06 -16.36 24.62
N LYS B 100 33.36 -17.49 24.63
CA LYS B 100 33.68 -18.57 25.57
C LYS B 100 34.93 -19.32 25.14
N GLY B 101 35.19 -19.35 23.83
CA GLY B 101 36.42 -19.89 23.30
C GLY B 101 37.65 -19.21 23.87
N PRO B 102 37.74 -17.88 23.69
CA PRO B 102 38.83 -17.12 24.31
C PRO B 102 38.85 -17.24 25.83
N LEU B 103 37.68 -17.33 26.46
CA LEU B 103 37.60 -17.48 27.90
C LEU B 103 38.14 -18.84 28.36
N ALA B 104 37.78 -19.87 27.63
CA ALA B 104 38.26 -21.23 27.92
C ALA B 104 39.78 -21.29 27.77
N THR B 105 40.28 -20.64 26.73
CA THR B 105 41.72 -20.57 26.48
C THR B 105 42.42 -19.87 27.63
N PHE B 106 41.79 -18.82 28.15
CA PHE B 106 42.32 -18.08 29.30
C PHE B 106 42.50 -18.98 30.51
N VAL B 107 41.45 -19.75 30.81
CA VAL B 107 41.46 -20.63 31.98
C VAL B 107 42.55 -21.68 31.88
N VAL B 108 42.62 -22.38 30.75
CA VAL B 108 43.57 -23.47 30.57
C VAL B 108 45.02 -22.99 30.50
N ALA B 109 45.28 -22.04 29.59
CA ALA B 109 46.63 -21.50 29.42
C ALA B 109 47.14 -20.88 30.70
N GLY B 110 46.24 -20.25 31.44
CA GLY B 110 46.60 -19.62 32.70
C GLY B 110 47.05 -20.61 33.76
N ALA B 111 46.46 -21.80 33.72
CA ALA B 111 46.81 -22.85 34.67
C ALA B 111 48.04 -23.63 34.22
N ARG B 112 48.35 -23.57 32.93
CA ARG B 112 49.53 -24.24 32.39
C ARG B 112 50.77 -23.39 32.50
N ALA B 113 50.58 -22.07 32.43
CA ALA B 113 51.68 -21.12 32.38
C ALA B 113 52.58 -21.17 33.61
N LYS B 114 53.88 -21.25 33.37
CA LYS B 114 54.86 -21.18 34.45
C LYS B 114 55.03 -19.73 34.88
N LEU B 115 54.77 -19.46 36.15
CA LEU B 115 54.92 -18.10 36.68
C LEU B 115 56.21 -17.97 37.48
N PRO B 116 56.91 -16.82 37.30
CA PRO B 116 58.04 -16.42 38.13
C PRO B 116 57.53 -15.82 39.44
N PRO B 117 58.41 -15.68 40.45
CA PRO B 117 57.96 -15.16 41.75
C PRO B 117 57.51 -13.71 41.66
N GLY B 118 56.64 -13.29 42.55
CA GLY B 118 56.17 -11.91 42.58
C GLY B 118 55.16 -11.56 41.51
N VAL B 119 54.58 -12.58 40.86
CA VAL B 119 53.60 -12.35 39.81
C VAL B 119 52.31 -13.10 40.06
N ARG B 120 51.20 -12.35 40.09
CA ARG B 120 49.87 -12.94 40.21
C ARG B 120 49.29 -13.17 38.82
N LEU B 121 48.25 -14.00 38.75
CA LEU B 121 47.53 -14.22 37.51
C LEU B 121 46.04 -14.33 37.79
N THR B 122 45.28 -13.33 37.37
CA THR B 122 43.84 -13.31 37.62
C THR B 122 43.07 -13.49 36.32
N VAL B 123 42.27 -14.56 36.26
CA VAL B 123 41.43 -14.84 35.10
C VAL B 123 39.98 -14.50 35.43
N VAL B 124 39.35 -13.67 34.59
CA VAL B 124 38.01 -13.19 34.87
C VAL B 124 37.01 -13.53 33.77
N GLY B 125 35.91 -14.19 34.15
CA GLY B 125 34.80 -14.39 33.26
C GLY B 125 33.71 -13.38 33.59
N ALA B 126 33.83 -12.19 32.99
CA ALA B 126 32.94 -11.09 33.30
C ALA B 126 31.52 -11.31 32.80
N VAL B 127 30.56 -10.60 33.39
CA VAL B 127 29.16 -10.73 33.02
C VAL B 127 28.62 -9.46 32.36
N GLU B 128 27.52 -9.62 31.62
CA GLU B 128 26.75 -8.51 31.08
C GLU B 128 27.50 -7.61 30.10
N GLU B 129 28.43 -8.20 29.34
CA GLU B 129 29.21 -7.46 28.36
C GLU B 129 28.48 -7.38 27.03
N GLU B 130 27.79 -8.45 26.67
CA GLU B 130 27.26 -8.62 25.32
C GLU B 130 26.02 -7.78 24.98
N VAL B 131 25.00 -7.84 25.83
CA VAL B 131 23.75 -7.13 25.54
C VAL B 131 23.59 -5.91 26.44
N SER B 133 25.41 -3.09 29.69
CA SER B 133 26.41 -2.04 29.80
C SER B 133 27.63 -2.43 30.62
N SER B 134 28.04 -3.70 30.51
CA SER B 134 29.28 -4.19 31.09
C SER B 134 29.41 -3.95 32.59
N ARG B 135 28.42 -4.39 33.36
CA ARG B 135 28.48 -4.31 34.82
C ARG B 135 29.70 -5.03 35.35
N GLY B 136 30.12 -6.07 34.64
CA GLY B 136 31.31 -6.83 35.01
C GLY B 136 32.58 -6.00 35.10
N ALA B 137 33.04 -5.49 33.96
CA ALA B 137 34.28 -4.72 33.91
C ALA B 137 34.23 -3.45 34.74
N ARG B 138 33.08 -2.80 34.77
CA ARG B 138 32.93 -1.55 35.52
C ARG B 138 33.06 -1.80 37.03
N HIS B 139 32.65 -2.98 37.45
CA HIS B 139 32.78 -3.38 38.84
C HIS B 139 34.24 -3.62 39.21
N LEU B 140 34.98 -4.23 38.29
CA LEU B 140 36.41 -4.48 38.48
C LEU B 140 37.16 -3.17 38.67
N ILE B 141 36.86 -2.20 37.81
CA ILE B 141 37.48 -0.88 37.87
C ILE B 141 37.19 -0.20 39.20
N ALA B 142 35.95 -0.33 39.66
CA ALA B 142 35.50 0.36 40.86
C ALA B 142 35.99 -0.30 42.16
N THR B 143 36.37 -1.57 42.05
CA THR B 143 36.72 -2.35 43.25
C THR B 143 38.16 -2.84 43.28
N ARG B 144 38.82 -2.86 42.14
CA ARG B 144 40.17 -3.42 42.08
C ARG B 144 41.24 -2.43 41.66
N GLU B 145 42.49 -2.72 42.04
CA GLU B 145 43.62 -1.95 41.58
C GLU B 145 43.89 -2.28 40.12
N ALA B 146 44.34 -1.31 39.35
CA ALA B 146 44.74 -1.54 37.97
C ALA B 146 45.86 -2.56 37.93
N PRO B 147 45.67 -3.67 37.20
CA PRO B 147 46.73 -4.67 37.05
C PRO B 147 47.86 -4.14 36.20
N ASP B 148 48.95 -4.89 36.10
CA ASP B 148 50.12 -4.41 35.38
C ASP B 148 50.05 -4.74 33.89
N ALA B 149 49.19 -5.69 33.53
CA ALA B 149 48.99 -6.06 32.14
C ALA B 149 47.60 -6.67 31.96
N VAL B 150 46.98 -6.40 30.82
CA VAL B 150 45.64 -6.91 30.54
C VAL B 150 45.55 -7.57 29.17
N VAL B 151 45.06 -8.81 29.15
CA VAL B 151 44.71 -9.48 27.90
C VAL B 151 43.20 -9.61 27.82
N ILE B 152 42.61 -9.03 26.78
CA ILE B 152 41.17 -9.08 26.59
C ILE B 152 40.76 -10.34 25.83
N GLY B 153 39.79 -11.08 26.38
CA GLY B 153 39.32 -12.31 25.77
C GLY B 153 38.33 -12.09 24.63
N GLU B 154 38.86 -11.72 23.48
CA GLU B 154 38.06 -11.55 22.28
C GLU B 154 38.74 -12.29 21.13
N PRO B 155 37.96 -12.79 20.16
CA PRO B 155 38.55 -13.55 19.06
C PRO B 155 39.46 -12.69 18.18
N SER B 156 40.73 -13.06 18.13
CA SER B 156 41.70 -12.40 17.27
C SER B 156 42.19 -13.39 16.24
N GLY B 157 41.77 -14.65 16.39
CA GLY B 157 42.36 -15.75 15.66
C GLY B 157 43.59 -16.20 16.43
N TRP B 158 43.95 -17.47 16.31
CA TRP B 158 45.10 -17.99 17.03
C TRP B 158 46.39 -17.35 16.53
N ASP B 159 46.42 -16.98 15.26
CA ASP B 159 47.59 -16.37 14.66
C ASP B 159 47.40 -14.87 14.44
N GLY B 160 46.47 -14.28 15.18
CA GLY B 160 46.25 -12.84 15.14
C GLY B 160 46.33 -12.25 16.53
N VAL B 161 46.76 -11.00 16.61
CA VAL B 161 46.82 -10.27 17.88
C VAL B 161 46.18 -8.90 17.70
N VAL B 162 45.22 -8.58 18.57
CA VAL B 162 44.51 -7.31 18.47
C VAL B 162 45.12 -6.24 19.37
N LEU B 163 45.50 -5.11 18.77
CA LEU B 163 46.19 -4.04 19.49
C LEU B 163 45.23 -2.99 20.03
N GLY B 164 44.00 -3.02 19.55
CA GLY B 164 43.00 -2.05 19.98
C GLY B 164 41.79 -2.02 19.07
N TYR B 165 41.16 -0.86 18.98
CA TYR B 165 39.92 -0.74 18.22
C TYR B 165 39.80 0.57 17.45
N ARG B 166 39.04 0.52 16.36
CA ARG B 166 38.81 1.69 15.53
C ARG B 166 37.86 2.67 16.23
N GLY B 167 37.99 3.95 15.90
CA GLY B 167 37.10 4.96 16.45
C GLY B 167 35.75 4.89 15.78
N SER B 168 34.71 5.30 16.50
CA SER B 168 33.36 5.28 15.95
C SER B 168 32.70 6.66 16.04
N VAL B 169 32.02 7.03 14.97
CA VAL B 169 31.34 8.31 14.88
C VAL B 169 29.94 8.12 14.33
N ALA B 170 28.94 8.63 15.05
CA ALA B 170 27.56 8.60 14.58
C ALA B 170 27.18 9.95 14.01
N LEU B 171 26.84 9.98 12.72
CA LEU B 171 26.50 11.22 12.05
C LEU B 171 25.00 11.36 11.80
N GLU B 172 24.50 12.57 11.92
CA GLU B 172 23.14 12.87 11.51
C GLU B 172 23.12 14.08 10.59
N TYR B 173 22.64 13.86 9.36
CA TYR B 173 22.46 14.95 8.41
C TYR B 173 20.98 15.29 8.35
N ARG B 174 20.68 16.57 8.47
CA ARG B 174 19.29 17.02 8.43
C ARG B 174 19.13 18.19 7.48
N VAL B 175 18.03 18.18 6.73
CA VAL B 175 17.79 19.24 5.75
C VAL B 175 16.30 19.57 5.67
N THR B 176 16.00 20.85 5.49
CA THR B 176 14.62 21.30 5.34
C THR B 176 14.54 22.22 4.12
N VAL B 177 13.61 21.93 3.22
CA VAL B 177 13.44 22.75 2.02
C VAL B 177 11.97 23.05 1.76
N PRO B 178 11.66 24.24 1.21
CA PRO B 178 10.27 24.58 0.91
C PRO B 178 9.73 23.69 -0.19
N SER B 180 7.72 22.60 -3.56
CA SER B 180 7.51 23.22 -4.87
C SER B 180 7.07 22.13 -5.86
N HIS B 181 6.92 22.51 -7.12
CA HIS B 181 6.47 21.55 -8.13
C HIS B 181 7.63 20.97 -8.94
N SER B 182 8.81 21.57 -8.79
CA SER B 182 9.98 21.23 -9.60
C SER B 182 10.44 19.78 -9.45
N ALA B 183 11.07 19.26 -10.51
CA ALA B 183 11.58 17.88 -10.52
C ALA B 183 13.05 17.85 -10.91
N GLY B 184 13.70 19.01 -10.86
CA GLY B 184 15.12 19.10 -11.14
C GLY B 184 15.93 18.50 -10.01
N PRO B 185 17.27 18.49 -10.17
CA PRO B 185 18.12 17.94 -9.11
C PRO B 185 17.97 18.75 -7.82
N GLU B 186 18.08 18.10 -6.67
N GLU B 186 18.06 18.04 -6.70
CA GLU B 186 18.06 18.80 -5.38
CA GLU B 186 18.01 18.62 -5.36
C GLU B 186 16.67 19.39 -5.06
C GLU B 186 16.70 19.35 -5.08
N ALA B 187 15.65 18.93 -5.78
CA ALA B 187 14.31 19.49 -5.61
C ALA B 187 13.69 19.17 -4.25
N THR B 188 14.01 18.00 -3.70
CA THR B 188 13.41 17.56 -2.44
C THR B 188 14.45 17.33 -1.35
N ALA B 189 13.98 17.31 -0.10
CA ALA B 189 14.84 17.08 1.05
C ALA B 189 15.43 15.67 1.03
N ALA B 190 14.63 14.69 0.60
CA ALA B 190 15.08 13.31 0.52
C ALA B 190 16.23 13.17 -0.47
N GLU B 191 16.10 13.83 -1.62
CA GLU B 191 17.16 13.83 -2.63
C GLU B 191 18.44 14.43 -2.04
N LEU B 192 18.26 15.51 -1.27
CA LEU B 192 19.37 16.20 -0.63
C LEU B 192 20.05 15.33 0.42
N ALA B 193 19.26 14.59 1.18
CA ALA B 193 19.80 13.69 2.19
C ALA B 193 20.51 12.51 1.53
N ALA B 194 19.91 12.00 0.47
CA ALA B 194 20.48 10.88 -0.27
C ALA B 194 21.81 11.25 -0.91
N ASP B 195 21.89 12.45 -1.46
CA ASP B 195 23.11 12.88 -2.14
C ASP B 195 24.25 13.18 -1.18
N PHE B 196 23.92 13.54 0.06
CA PHE B 196 24.93 13.69 1.09
C PHE B 196 25.58 12.34 1.35
N TRP B 197 24.75 11.30 1.38
CA TRP B 197 25.23 9.93 1.57
C TRP B 197 26.21 9.55 0.46
N TYR B 198 25.83 9.82 -0.79
N TYR B 198 25.82 9.80 -0.79
CA TYR B 198 26.65 9.48 -1.94
CA TYR B 198 26.66 9.49 -1.93
C TYR B 198 28.01 10.18 -1.89
C TYR B 198 28.01 10.17 -1.85
N ARG B 199 27.98 11.48 -1.67
CA ARG B 199 29.19 12.31 -1.68
C ARG B 199 30.11 12.01 -0.48
N LEU B 200 29.50 11.65 0.64
CA LEU B 200 30.28 11.21 1.81
C LEU B 200 30.81 9.79 1.60
N ARG B 201 29.98 8.92 1.04
CA ARG B 201 30.38 7.56 0.71
C ARG B 201 31.52 7.58 -0.29
N THR B 202 31.44 8.49 -1.25
CA THR B 202 32.49 8.68 -2.24
C THR B 202 33.79 9.13 -1.59
N TRP B 203 33.70 10.09 -0.68
CA TRP B 203 34.88 10.61 -0.01
C TRP B 203 35.61 9.51 0.76
N CYS B 204 34.87 8.70 1.51
CA CYS B 204 35.46 7.63 2.30
C CYS B 204 36.24 6.67 1.42
N ALA B 205 35.72 6.42 0.24
CA ALA B 205 36.39 5.55 -0.73
C ALA B 205 37.63 6.24 -1.27
N GLU B 206 37.53 7.55 -1.50
CA GLU B 206 38.66 8.33 -1.96
C GLU B 206 39.80 8.30 -0.94
N TRP B 207 39.45 8.55 0.32
CA TRP B 207 40.42 8.62 1.39
C TRP B 207 41.24 7.34 1.53
N SER B 208 40.55 6.20 1.49
CA SER B 208 41.18 4.91 1.78
C SER B 208 41.44 4.05 0.54
N VAL B 209 41.74 4.69 -0.58
CA VAL B 209 42.01 3.98 -1.83
C VAL B 209 43.23 3.06 -1.75
N GLY B 210 43.06 1.80 -2.16
CA GLY B 210 44.16 0.86 -2.25
C GLY B 210 44.60 0.25 -0.92
N ILE B 211 43.98 0.69 0.16
CA ILE B 211 44.29 0.17 1.49
C ILE B 211 43.66 -1.20 1.72
N ASP B 212 44.49 -2.25 1.73
CA ASP B 212 44.00 -3.62 1.94
C ASP B 212 43.81 -3.94 3.42
N HIS B 213 44.36 -3.10 4.29
CA HIS B 213 44.12 -3.24 5.73
C HIS B 213 42.81 -2.55 6.10
N ALA B 214 41.73 -3.33 6.13
CA ALA B 214 40.38 -2.80 6.30
C ALA B 214 40.21 -1.92 7.54
N PHE B 215 40.91 -2.25 8.62
CA PHE B 215 40.82 -1.48 9.85
C PHE B 215 41.62 -0.17 9.77
N HIS B 216 42.32 0.00 8.66
CA HIS B 216 43.02 1.26 8.38
C HIS B 216 42.27 2.05 7.31
N ARG B 217 40.99 1.74 7.17
CA ARG B 217 40.12 2.45 6.24
C ARG B 217 38.99 3.13 6.99
N VAL B 218 38.45 4.20 6.40
CA VAL B 218 37.25 4.83 6.94
C VAL B 218 36.04 4.34 6.15
N GLU B 219 35.21 3.53 6.80
CA GLU B 219 34.06 2.93 6.11
C GLU B 219 32.73 3.40 6.71
N PRO B 220 31.90 4.02 5.86
CA PRO B 220 30.62 4.62 6.25
C PRO B 220 29.47 3.63 6.19
N LYS B 221 28.34 3.97 6.79
CA LYS B 221 27.17 3.11 6.79
C LYS B 221 25.90 3.95 6.92
N LEU B 222 24.98 3.77 5.99
CA LEU B 222 23.69 4.45 6.09
C LEU B 222 22.73 3.59 6.87
N ASN B 223 22.64 3.85 8.17
CA ASN B 223 21.80 3.06 9.05
C ASN B 223 20.32 3.38 8.87
N ALA B 224 20.02 4.66 8.63
CA ALA B 224 18.64 5.08 8.48
C ALA B 224 18.53 6.34 7.63
N LEU B 225 17.50 6.38 6.80
CA LEU B 225 17.15 7.59 6.07
C LEU B 225 15.64 7.75 6.12
N ASN B 226 15.19 8.92 6.52
CA ASN B 226 13.76 9.18 6.64
C ASN B 226 13.40 10.57 6.11
N SER B 227 12.14 10.72 5.72
CA SER B 227 11.67 12.01 5.20
C SER B 227 10.20 12.19 5.51
N SER B 228 9.76 13.44 5.58
CA SER B 228 8.36 13.75 5.80
C SER B 228 8.08 15.17 5.31
N SER B 229 6.81 15.55 5.26
CA SER B 229 6.43 16.87 4.77
C SER B 229 5.12 17.34 5.40
N ASP B 230 4.99 18.66 5.56
CA ASP B 230 3.77 19.23 6.11
C ASP B 230 2.99 20.01 5.05
N GLY B 231 3.39 19.86 3.80
CA GLY B 231 2.73 20.55 2.70
C GLY B 231 3.34 21.89 2.39
N LEU B 232 4.04 22.46 3.39
CA LEU B 232 4.75 23.72 3.20
C LEU B 232 6.24 23.44 3.03
N TYR B 233 6.76 22.58 3.90
CA TYR B 233 8.18 22.21 3.87
C TYR B 233 8.36 20.70 3.85
N GLY B 234 9.45 20.26 3.24
CA GLY B 234 9.85 18.87 3.31
C GLY B 234 11.11 18.74 4.13
N GLU B 235 11.18 17.71 4.95
CA GLU B 235 12.35 17.47 5.78
C GLU B 235 12.90 16.07 5.52
N ALA B 236 14.18 15.87 5.79
CA ALA B 236 14.81 14.57 5.63
C ALA B 236 15.96 14.41 6.61
N VAL B 237 16.17 13.19 7.08
CA VAL B 237 17.27 12.91 7.99
C VAL B 237 17.99 11.62 7.60
N ALA B 238 19.32 11.71 7.51
CA ALA B 238 20.14 10.54 7.25
C ALA B 238 21.01 10.25 8.47
N ARG B 239 20.87 9.06 9.03
CA ARG B 239 21.70 8.65 10.14
C ARG B 239 22.82 7.73 9.65
N ILE B 240 24.06 8.14 9.88
CA ILE B 240 25.22 7.47 9.32
C ILE B 240 26.25 7.12 10.39
N GLY B 241 26.78 5.90 10.32
CA GLY B 241 27.88 5.50 11.18
C GLY B 241 29.19 5.52 10.42
N LEU B 242 30.24 6.01 11.07
CA LEU B 242 31.57 6.09 10.47
C LEU B 242 32.58 5.36 11.34
N ARG B 243 33.18 4.29 10.81
CA ARG B 243 34.20 3.57 11.54
C ARG B 243 35.59 4.04 11.11
N LEU B 244 36.34 4.56 12.06
CA LEU B 244 37.55 5.32 11.76
C LEU B 244 38.85 4.56 11.97
N PRO B 245 39.80 4.69 11.02
CA PRO B 245 41.17 4.23 11.20
C PRO B 245 41.89 5.14 12.18
N PRO B 246 43.02 4.70 12.75
CA PRO B 246 43.73 5.51 13.75
C PRO B 246 44.19 6.86 13.22
N ALA B 247 44.46 6.96 11.92
CA ALA B 247 45.00 8.20 11.34
C ALA B 247 43.91 9.21 10.95
N LEU B 248 42.66 8.90 11.28
CA LEU B 248 41.55 9.81 11.02
C LEU B 248 40.73 10.03 12.29
N SER B 249 41.03 11.11 13.01
CA SER B 249 40.31 11.45 14.23
C SER B 249 38.86 11.82 13.90
N PRO B 250 37.95 11.65 14.88
CA PRO B 250 36.55 12.04 14.73
C PRO B 250 36.40 13.46 14.21
N GLU B 251 36.99 14.42 14.93
CA GLU B 251 36.86 15.84 14.58
C GLU B 251 37.36 16.13 13.16
N GLU B 252 38.30 15.32 12.68
CA GLU B 252 38.74 15.40 11.29
C GLU B 252 37.60 14.94 10.38
N ALA B 253 37.13 13.71 10.61
CA ALA B 253 36.03 13.15 9.82
C ALA B 253 34.76 14.00 9.94
N ILE B 254 34.52 14.54 11.13
CA ILE B 254 33.37 15.39 11.38
C ILE B 254 33.49 16.70 10.59
N ALA B 255 34.73 17.15 10.38
CA ALA B 255 34.97 18.35 9.60
C ALA B 255 34.70 18.14 8.11
N VAL B 256 35.04 16.96 7.62
CA VAL B 256 34.77 16.60 6.22
C VAL B 256 33.27 16.55 5.95
N ALA B 257 32.56 15.81 6.79
CA ALA B 257 31.10 15.70 6.68
C ALA B 257 30.45 17.07 6.72
N THR B 258 30.87 17.90 7.68
CA THR B 258 30.39 19.26 7.80
C THR B 258 30.67 20.06 6.52
N SER B 259 31.84 19.85 5.92
CA SER B 259 32.21 20.56 4.71
C SER B 259 31.47 20.00 3.49
N LEU B 260 31.04 18.75 3.57
CA LEU B 260 30.33 18.12 2.47
C LEU B 260 28.87 18.56 2.40
N ALA B 261 28.35 19.04 3.52
CA ALA B 261 26.97 19.50 3.59
C ALA B 261 26.88 21.01 3.38
N SER B 262 26.00 21.42 2.48
CA SER B 262 25.77 22.84 2.22
C SER B 262 24.37 23.25 2.68
N GLU B 263 23.35 22.64 2.09
CA GLU B 263 21.96 23.00 2.38
C GLU B 263 21.45 22.34 3.66
N GLY B 264 22.18 21.37 4.17
CA GLY B 264 21.78 20.70 5.40
C GLY B 264 22.74 21.01 6.53
N GLU B 265 22.41 20.55 7.73
CA GLU B 265 23.31 20.66 8.86
C GLU B 265 23.67 19.29 9.42
N VAL B 266 24.96 19.09 9.68
CA VAL B 266 25.44 17.82 10.21
C VAL B 266 25.75 17.93 11.70
N THR B 267 25.17 17.05 12.50
CA THR B 267 25.58 16.93 13.90
C THR B 267 26.30 15.59 14.06
N ALA B 268 27.08 15.46 15.12
CA ALA B 268 27.92 14.28 15.28
C ALA B 268 28.17 13.89 16.72
N THR B 269 28.10 12.58 16.98
CA THR B 269 28.47 12.02 18.26
C THR B 269 29.68 11.12 18.06
N VAL B 270 30.69 11.27 18.89
CA VAL B 270 31.81 10.33 18.90
C VAL B 270 31.48 9.20 19.85
N ASN B 271 31.16 8.04 19.30
CA ASN B 271 30.79 6.88 20.10
C ASN B 271 32.00 6.29 20.82
N ALA B 272 33.09 6.12 20.07
CA ALA B 272 34.34 5.63 20.62
C ALA B 272 35.51 6.41 20.06
N PRO B 273 36.31 7.01 20.95
CA PRO B 273 37.61 7.52 20.51
C PRO B 273 38.46 6.32 20.10
N ALA B 274 39.31 6.48 19.09
CA ALA B 274 40.16 5.38 18.69
C ALA B 274 41.17 5.06 19.78
N PHE B 275 41.59 3.81 19.87
CA PHE B 275 42.48 3.38 20.94
C PHE B 275 43.39 2.28 20.45
N GLN B 276 44.64 2.30 20.90
CA GLN B 276 45.65 1.44 20.32
C GLN B 276 46.88 1.33 21.21
N THR B 277 47.30 0.10 21.49
CA THR B 277 48.61 -0.15 22.09
C THR B 277 49.62 -0.20 20.95
N ASP B 278 50.73 0.50 21.11
CA ASP B 278 51.73 0.63 20.05
C ASP B 278 52.42 -0.70 19.72
N LYS B 279 52.81 -0.86 18.45
CA LYS B 279 53.42 -2.08 17.96
C LYS B 279 54.73 -2.45 18.66
N ARG B 280 55.47 -1.45 19.13
CA ARG B 280 56.79 -1.66 19.71
C ARG B 280 56.73 -2.08 21.18
N GLN B 281 55.56 -1.93 21.79
CA GLN B 281 55.40 -2.19 23.22
C GLN B 281 55.71 -3.63 23.64
N PRO B 282 56.24 -3.82 24.86
CA PRO B 282 56.65 -5.12 25.39
C PRO B 282 55.59 -6.21 25.30
N ILE B 283 54.34 -5.90 25.69
CA ILE B 283 53.27 -6.88 25.64
C ILE B 283 53.00 -7.36 24.21
N VAL B 284 53.18 -6.48 23.24
CA VAL B 284 53.03 -6.84 21.84
C VAL B 284 54.21 -7.72 21.42
N ALA B 285 55.40 -7.36 21.88
CA ALA B 285 56.59 -8.14 21.61
C ALA B 285 56.43 -9.57 22.12
N ALA B 286 55.84 -9.69 23.31
CA ALA B 286 55.59 -11.00 23.91
C ALA B 286 54.68 -11.87 23.06
N PHE B 287 53.58 -11.30 22.59
CA PHE B 287 52.59 -12.06 21.83
C PHE B 287 53.05 -12.38 20.40
N LEU B 288 53.74 -11.43 19.77
CA LEU B 288 54.35 -11.69 18.47
C LEU B 288 55.35 -12.83 18.60
N ALA B 289 56.13 -12.81 19.67
CA ALA B 289 57.11 -13.85 19.93
C ALA B 289 56.42 -15.18 20.20
N ALA B 290 55.33 -15.13 20.96
CA ALA B 290 54.60 -16.34 21.36
C ALA B 290 53.97 -17.04 20.16
N VAL B 291 53.38 -16.25 19.25
CA VAL B 291 52.78 -16.81 18.05
C VAL B 291 53.83 -17.49 17.18
N ARG B 292 54.94 -16.80 16.94
CA ARG B 292 56.02 -17.32 16.11
C ARG B 292 56.69 -18.53 16.74
N ALA B 293 56.75 -18.55 18.08
CA ALA B 293 57.36 -19.65 18.80
C ALA B 293 56.61 -20.96 18.58
N HIS B 294 55.34 -20.85 18.19
CA HIS B 294 54.51 -22.02 17.97
C HIS B 294 54.09 -22.18 16.51
N GLY B 295 54.89 -21.62 15.61
CA GLY B 295 54.74 -21.85 14.18
C GLY B 295 53.70 -21.03 13.45
N GLY B 296 53.47 -19.80 13.90
CA GLY B 296 52.48 -18.95 13.27
C GLY B 296 53.05 -17.67 12.71
N THR B 297 52.35 -17.10 11.72
CA THR B 297 52.70 -15.79 11.19
C THR B 297 51.72 -14.76 11.72
N PRO B 298 52.08 -14.08 12.82
CA PRO B 298 51.18 -13.19 13.56
C PRO B 298 50.73 -11.98 12.76
N ARG B 299 49.45 -11.62 12.91
CA ARG B 299 48.91 -10.42 12.27
C ARG B 299 48.46 -9.42 13.32
N LEU B 300 49.00 -8.21 13.23
CA LEU B 300 48.54 -7.12 14.08
C LEU B 300 47.23 -6.58 13.50
N LYS B 301 46.21 -6.49 14.33
CA LYS B 301 44.92 -5.98 13.86
C LYS B 301 44.18 -5.19 14.94
N LEU B 302 43.07 -4.59 14.54
CA LEU B 302 42.23 -3.83 15.45
C LEU B 302 40.83 -4.44 15.43
N LYS B 303 40.13 -4.37 16.56
CA LYS B 303 38.73 -4.78 16.58
C LYS B 303 37.86 -3.64 16.06
N THR B 304 36.81 -3.99 15.33
CA THR B 304 35.85 -2.99 14.86
C THR B 304 34.80 -2.76 15.93
N GLY B 305 34.16 -3.84 16.37
CA GLY B 305 33.12 -3.76 17.38
C GLY B 305 33.66 -3.39 18.75
N THR B 306 32.77 -2.89 19.61
CA THR B 306 33.16 -2.49 20.95
C THR B 306 33.36 -3.71 21.85
N SER B 307 34.06 -3.51 22.96
CA SER B 307 34.32 -4.58 23.92
C SER B 307 34.76 -3.99 25.26
N ASP B 308 35.24 -4.86 26.15
CA ASP B 308 35.76 -4.42 27.44
C ASP B 308 37.03 -3.59 27.25
N ASN B 310 37.34 -1.23 25.34
CA ASN B 310 36.89 0.16 25.24
C ASN B 310 36.73 0.82 26.60
N LEU B 311 36.74 0.02 27.65
CA LEU B 311 36.48 0.53 29.00
C LEU B 311 37.73 0.52 29.88
N VAL B 312 38.25 -0.68 30.14
CA VAL B 312 39.40 -0.85 31.01
C VAL B 312 40.66 -0.23 30.41
N GLY B 313 40.67 -0.10 29.09
CA GLY B 313 41.76 0.56 28.39
C GLY B 313 41.95 1.99 28.83
N PRO B 314 40.95 2.85 28.58
CA PRO B 314 40.97 4.26 29.01
C PRO B 314 41.03 4.40 30.53
N ALA B 315 40.43 3.45 31.25
CA ALA B 315 40.42 3.51 32.71
C ALA B 315 41.81 3.27 33.30
N TRP B 316 42.34 2.08 33.07
CA TRP B 316 43.61 1.67 33.67
C TRP B 316 44.84 2.18 32.91
N GLY B 317 44.72 2.30 31.59
CA GLY B 317 45.81 2.81 30.77
C GLY B 317 47.04 1.92 30.70
N CYS B 318 46.93 0.72 31.25
CA CYS B 318 48.03 -0.24 31.25
C CYS B 318 48.21 -0.83 29.85
N PRO B 319 49.37 -1.47 29.58
CA PRO B 319 49.54 -2.15 28.29
C PRO B 319 48.46 -3.23 28.11
N ILE B 320 47.89 -3.31 26.92
CA ILE B 320 46.72 -4.16 26.71
C ILE B 320 46.63 -4.68 25.28
N VAL B 321 46.31 -5.96 25.15
CA VAL B 321 46.02 -6.56 23.84
C VAL B 321 44.78 -7.42 23.97
N ALA B 322 44.23 -7.83 22.83
CA ALA B 322 43.13 -8.79 22.82
C ALA B 322 43.59 -10.04 22.09
N TYR B 323 43.38 -11.21 22.68
CA TYR B 323 43.77 -12.46 22.05
C TYR B 323 42.79 -13.59 22.33
N GLY B 324 42.53 -14.40 21.31
CA GLY B 324 41.64 -15.53 21.44
C GLY B 324 41.42 -16.22 20.11
N PRO B 325 41.25 -17.55 20.15
CA PRO B 325 40.97 -18.32 18.93
C PRO B 325 39.59 -17.97 18.38
N GLY B 326 39.36 -18.26 17.11
CA GLY B 326 38.05 -18.06 16.52
C GLY B 326 37.99 -16.94 15.50
N ASP B 327 37.05 -17.08 14.56
CA ASP B 327 36.82 -16.09 13.51
C ASP B 327 35.72 -15.13 13.95
N SER B 328 36.09 -13.87 14.17
CA SER B 328 35.16 -12.88 14.71
C SER B 328 33.97 -12.57 13.79
N ARG B 329 34.08 -12.94 12.52
CA ARG B 329 32.98 -12.74 11.58
C ARG B 329 31.80 -13.65 11.96
N LEU B 330 32.10 -14.67 12.76
CA LEU B 330 31.11 -15.63 13.21
C LEU B 330 30.43 -15.21 14.51
N ASP B 331 30.83 -14.05 15.04
CA ASP B 331 30.21 -13.53 16.25
C ASP B 331 28.71 -13.38 16.03
N HIS B 332 27.91 -13.77 17.03
CA HIS B 332 26.46 -13.59 17.00
C HIS B 332 25.79 -14.25 15.79
N THR B 333 26.27 -15.42 15.39
CA THR B 333 25.72 -16.12 14.23
C THR B 333 25.02 -17.41 14.65
N PRO B 334 23.99 -17.82 13.89
CA PRO B 334 23.20 -19.04 14.21
C PRO B 334 24.03 -20.33 14.22
N GLU B 335 25.15 -20.35 13.51
CA GLU B 335 26.03 -21.51 13.53
C GLU B 335 27.45 -21.12 13.93
N GLU B 336 27.56 -20.31 14.98
CA GLU B 336 28.85 -19.87 15.50
C GLU B 336 29.70 -21.07 15.87
N HIS B 337 30.93 -21.11 15.34
CA HIS B 337 31.78 -22.28 15.50
C HIS B 337 33.27 -21.96 15.53
N VAL B 338 34.07 -22.91 16.01
CA VAL B 338 35.52 -22.76 16.06
C VAL B 338 36.19 -24.12 15.89
N PRO B 339 37.27 -24.20 15.09
CA PRO B 339 37.99 -25.46 14.93
C PRO B 339 38.73 -25.87 16.19
N LEU B 340 38.74 -27.17 16.51
CA LEU B 340 39.37 -27.67 17.73
C LEU B 340 40.87 -27.42 17.73
N ALA B 341 41.47 -27.44 16.55
CA ALA B 341 42.90 -27.23 16.41
C ALA B 341 43.30 -25.83 16.85
N ASP B 342 42.51 -24.84 16.43
CA ASP B 342 42.77 -23.45 16.76
C ASP B 342 42.73 -23.20 18.26
N LEU B 343 41.83 -23.90 18.96
CA LEU B 343 41.71 -23.76 20.40
C LEU B 343 43.00 -24.14 21.12
N GLU B 344 43.49 -25.34 20.86
CA GLU B 344 44.69 -25.83 21.51
C GLU B 344 45.94 -25.07 21.06
N ARG B 345 45.93 -24.64 19.81
CA ARG B 345 47.04 -23.86 19.26
C ARG B 345 47.11 -22.49 19.95
N ALA B 346 45.96 -21.88 20.14
CA ALA B 346 45.88 -20.60 20.82
C ALA B 346 46.22 -20.75 22.29
N THR B 347 45.92 -21.93 22.84
CA THR B 347 46.20 -22.21 24.25
C THR B 347 47.71 -22.31 24.47
N ALA B 348 48.39 -22.99 23.56
CA ALA B 348 49.85 -23.11 23.62
C ALA B 348 50.50 -21.74 23.49
N ILE B 349 50.01 -20.94 22.55
CA ILE B 349 50.54 -19.60 22.30
C ILE B 349 50.36 -18.67 23.49
N LEU B 350 49.15 -18.65 24.05
CA LEU B 350 48.87 -17.79 25.20
C LEU B 350 49.67 -18.24 26.42
N THR B 351 49.90 -19.54 26.53
CA THR B 351 50.71 -20.09 27.61
C THR B 351 52.11 -19.47 27.59
N THR B 352 52.70 -19.42 26.40
CA THR B 352 54.02 -18.83 26.22
C THR B 352 53.97 -17.32 26.43
N ALA B 353 52.92 -16.69 25.92
CA ALA B 353 52.75 -15.24 26.01
C ALA B 353 52.63 -14.79 27.47
N ILE B 354 51.88 -15.53 28.27
CA ILE B 354 51.77 -15.24 29.69
C ILE B 354 53.13 -15.37 30.35
N GLU B 355 53.85 -16.44 30.02
CA GLU B 355 55.20 -16.63 30.52
C GLU B 355 56.12 -15.51 30.05
N ARG B 356 55.96 -15.11 28.79
CA ARG B 356 56.79 -14.07 28.19
C ARG B 356 56.53 -12.71 28.85
N VAL B 357 55.26 -12.40 29.12
CA VAL B 357 54.90 -11.16 29.77
C VAL B 357 55.36 -11.17 31.23
N ALA B 358 55.15 -12.30 31.90
CA ALA B 358 55.58 -12.44 33.29
C ALA B 358 57.10 -12.31 33.40
N ALA B 359 57.80 -12.78 32.37
CA ALA B 359 59.25 -12.66 32.29
C ALA B 359 59.67 -11.19 32.18
N GLN B 360 58.98 -10.44 31.33
CA GLN B 360 59.21 -9.01 31.21
C GLN B 360 58.98 -8.31 32.53
N ILE B 361 57.82 -8.60 33.14
CA ILE B 361 57.44 -7.98 34.40
C ILE B 361 58.41 -8.32 35.54
N HIS B 362 58.85 -9.57 35.61
CA HIS B 362 59.77 -9.99 36.65
C HIS B 362 61.15 -9.34 36.46
N SER B 363 61.61 -9.25 35.23
CA SER B 363 62.85 -8.56 34.95
C SER B 363 62.70 -7.10 35.40
N GLY B 364 61.53 -6.52 35.16
CA GLY B 364 61.18 -5.22 35.71
C GLY B 364 61.96 -4.07 35.16
N THR C 14 -17.05 39.79 -9.89
CA THR C 14 -15.67 39.85 -10.40
C THR C 14 -14.93 38.54 -10.16
N THR C 15 -13.96 38.25 -11.01
CA THR C 15 -13.16 37.02 -10.91
C THR C 15 -12.36 36.98 -9.62
N ALA C 16 -11.75 38.10 -9.27
CA ALA C 16 -10.94 38.20 -8.06
C ALA C 16 -11.77 37.97 -6.79
N ASP C 17 -13.04 38.33 -6.84
CA ASP C 17 -13.92 38.19 -5.68
C ASP C 17 -14.29 36.73 -5.48
N LEU C 18 -14.75 36.09 -6.55
CA LEU C 18 -15.08 34.67 -6.53
C LEU C 18 -13.89 33.83 -6.06
N LEU C 19 -12.71 34.15 -6.59
CA LEU C 19 -11.49 33.47 -6.19
C LEU C 19 -11.19 33.70 -4.72
N ARG C 20 -11.41 34.93 -4.26
CA ARG C 20 -11.17 35.28 -2.86
C ARG C 20 -12.02 34.44 -1.94
N GLY C 21 -13.23 34.10 -2.38
CA GLY C 21 -14.09 33.21 -1.63
C GLY C 21 -13.67 31.77 -1.86
N LEU C 22 -13.32 31.45 -3.11
CA LEU C 22 -12.93 30.10 -3.49
C LEU C 22 -11.69 29.61 -2.76
N VAL C 23 -10.73 30.50 -2.56
CA VAL C 23 -9.47 30.15 -1.93
C VAL C 23 -9.58 30.12 -0.40
N SER C 24 -10.75 30.53 0.09
CA SER C 24 -10.99 30.54 1.52
C SER C 24 -11.59 29.22 2.00
N ILE C 25 -11.94 28.35 1.06
CA ILE C 25 -12.43 27.03 1.40
C ILE C 25 -11.38 25.98 1.06
N PRO C 26 -10.74 25.43 2.10
CA PRO C 26 -9.73 24.38 1.98
C PRO C 26 -10.29 23.18 1.20
N SER C 27 -9.60 22.79 0.13
CA SER C 27 -10.01 21.64 -0.65
C SER C 27 -8.82 20.82 -1.11
N PRO C 28 -8.14 20.15 -0.16
CA PRO C 28 -7.02 19.29 -0.55
C PRO C 28 -7.58 18.10 -1.31
N SER C 29 -6.77 17.47 -2.17
CA SER C 29 -7.25 16.35 -2.97
C SER C 29 -7.91 15.27 -2.10
N GLY C 30 -9.17 15.00 -2.37
CA GLY C 30 -9.91 13.98 -1.63
C GLY C 30 -10.89 14.56 -0.61
N ALA C 31 -10.84 15.87 -0.40
CA ALA C 31 -11.74 16.53 0.53
C ALA C 31 -12.31 17.81 -0.09
N GLU C 32 -12.90 17.66 -1.28
CA GLU C 32 -13.30 18.81 -2.09
C GLU C 32 -14.75 19.29 -1.92
N ALA C 33 -15.61 18.44 -1.35
CA ALA C 33 -17.06 18.71 -1.29
C ALA C 33 -17.51 20.11 -0.83
N PRO C 34 -16.95 20.64 0.28
CA PRO C 34 -17.36 21.99 0.69
C PRO C 34 -17.14 23.04 -0.39
N ALA C 35 -15.94 23.08 -0.96
CA ALA C 35 -15.64 24.02 -2.04
C ALA C 35 -16.50 23.76 -3.27
N VAL C 36 -16.67 22.49 -3.60
CA VAL C 36 -17.52 22.07 -4.70
C VAL C 36 -18.96 22.54 -4.51
N GLU C 37 -19.45 22.42 -3.29
CA GLU C 37 -20.80 22.88 -2.94
C GLU C 37 -20.94 24.37 -3.20
N TRP C 38 -20.10 25.14 -2.52
CA TRP C 38 -20.10 26.60 -2.59
C TRP C 38 -20.02 27.09 -4.03
N LEU C 39 -19.16 26.46 -4.83
CA LEU C 39 -18.99 26.87 -6.22
C LEU C 39 -20.24 26.62 -7.06
N CYS C 40 -20.85 25.45 -6.86
CA CYS C 40 -22.10 25.14 -7.54
C CYS C 40 -23.17 26.15 -7.18
N GLN C 41 -23.15 26.60 -5.93
CA GLN C 41 -24.07 27.62 -5.47
C GLN C 41 -23.84 28.95 -6.19
N GLN C 42 -22.59 29.28 -6.45
CA GLN C 42 -22.26 30.56 -7.07
C GLN C 42 -22.54 30.59 -8.57
N ALA C 44 -24.83 29.12 -10.31
CA ALA C 44 -26.25 29.26 -10.61
C ALA C 44 -26.65 30.72 -10.70
N ALA C 45 -26.09 31.54 -9.80
CA ALA C 45 -26.37 32.97 -9.77
C ALA C 45 -25.82 33.67 -11.01
N LEU C 46 -24.99 32.96 -11.76
CA LEU C 46 -24.39 33.50 -12.96
C LEU C 46 -25.04 32.95 -14.23
N GLY C 47 -25.98 32.03 -14.05
CA GLY C 47 -26.77 31.52 -15.17
C GLY C 47 -26.58 30.04 -15.48
N TYR C 48 -25.69 29.39 -14.73
CA TYR C 48 -25.42 27.97 -14.95
C TYR C 48 -26.47 27.06 -14.32
N GLN C 49 -26.61 25.87 -14.88
CA GLN C 49 -27.28 24.78 -14.20
C GLN C 49 -26.18 24.01 -13.47
N ALA C 50 -26.06 24.22 -12.17
CA ALA C 50 -24.95 23.66 -11.41
C ALA C 50 -25.33 22.45 -10.59
N GLU C 51 -24.46 21.44 -10.58
CA GLU C 51 -24.69 20.20 -9.86
C GLU C 51 -23.41 19.36 -9.80
N PRO C 52 -23.07 18.86 -8.60
CA PRO C 52 -21.93 17.95 -8.48
C PRO C 52 -22.25 16.63 -9.16
N ASP C 53 -21.37 16.13 -10.01
CA ASP C 53 -21.65 14.88 -10.71
C ASP C 53 -21.41 13.67 -9.80
N GLY C 54 -21.51 12.47 -10.37
CA GLY C 54 -21.34 11.25 -9.60
C GLY C 54 -19.99 11.11 -8.93
N ALA C 55 -19.01 11.89 -9.39
CA ALA C 55 -17.67 11.84 -8.83
C ALA C 55 -17.45 12.94 -7.79
N GLY C 56 -18.23 14.00 -7.89
CA GLY C 56 -18.07 15.13 -6.99
C GLY C 56 -17.54 16.34 -7.72
N ASN C 57 -17.39 16.20 -9.03
CA ASN C 57 -16.95 17.30 -9.87
C ASN C 57 -18.01 18.40 -9.89
N ALA C 58 -17.59 19.63 -9.60
CA ALA C 58 -18.49 20.77 -9.75
C ALA C 58 -18.73 20.98 -11.24
N VAL C 59 -19.98 20.90 -11.67
CA VAL C 59 -20.31 21.04 -13.08
C VAL C 59 -21.37 22.12 -13.31
N GLY C 60 -20.99 23.18 -14.03
CA GLY C 60 -21.92 24.21 -14.41
C GLY C 60 -22.12 24.24 -15.91
N THR C 61 -23.37 24.14 -16.35
CA THR C 61 -23.68 24.20 -17.77
C THR C 61 -24.70 25.30 -18.06
N ARG C 62 -24.60 25.86 -19.26
CA ARG C 62 -25.56 26.85 -19.72
C ARG C 62 -25.73 26.74 -21.23
N GLY C 63 -26.89 27.16 -21.73
CA GLY C 63 -27.22 27.00 -23.12
C GLY C 63 -27.54 25.55 -23.46
N GLU C 64 -27.77 25.30 -24.75
CA GLU C 64 -27.98 23.94 -25.24
C GLU C 64 -27.70 23.90 -26.72
N GLY C 65 -27.62 22.69 -27.28
CA GLY C 65 -27.33 22.52 -28.69
C GLY C 65 -26.47 21.30 -28.94
N PRO C 66 -26.24 20.97 -30.22
CA PRO C 66 -25.43 19.81 -30.62
C PRO C 66 -24.01 19.90 -30.08
N ARG C 67 -23.49 21.11 -29.95
CA ARG C 67 -22.10 21.32 -29.59
C ARG C 67 -21.91 21.68 -28.12
N GLU C 68 -20.67 21.63 -27.67
CA GLU C 68 -20.33 21.93 -26.28
C GLU C 68 -18.90 22.42 -26.13
N ILE C 69 -18.73 23.47 -25.34
CA ILE C 69 -17.40 23.93 -24.96
C ILE C 69 -17.19 23.68 -23.47
N LEU C 71 -14.98 24.00 -20.16
CA LEU C 71 -13.88 24.63 -19.44
C LEU C 71 -13.49 23.71 -18.30
N LEU C 72 -12.46 22.90 -18.52
CA LEU C 72 -12.08 21.86 -17.56
C LEU C 72 -10.92 22.28 -16.68
N GLY C 73 -11.23 22.66 -15.44
CA GLY C 73 -10.22 22.99 -14.45
C GLY C 73 -10.31 22.03 -13.28
N HIS C 74 -9.59 22.31 -12.20
CA HIS C 74 -9.69 21.47 -11.01
C HIS C 74 -9.85 22.26 -9.72
N ILE C 75 -10.60 21.69 -8.79
CA ILE C 75 -10.96 22.35 -7.54
C ILE C 75 -10.02 21.93 -6.41
N ASP C 76 -9.38 20.78 -6.56
CA ASP C 76 -8.50 20.27 -5.51
C ASP C 76 -7.14 20.93 -5.55
N THR C 77 -6.48 20.97 -4.39
CA THR C 77 -5.13 21.51 -4.28
C THR C 77 -4.24 20.51 -3.53
N VAL C 78 -2.94 20.78 -3.51
CA VAL C 78 -2.05 20.06 -2.63
C VAL C 78 -2.25 20.59 -1.20
N PRO C 79 -1.98 19.75 -0.19
CA PRO C 79 -2.11 20.19 1.20
C PRO C 79 -1.12 21.29 1.59
N GLY C 80 -1.14 21.69 2.86
CA GLY C 80 -0.35 22.81 3.32
C GLY C 80 -1.02 24.12 2.98
N GLU C 81 -1.50 24.84 4.00
CA GLU C 81 -2.29 26.03 3.73
C GLU C 81 -1.51 27.34 3.82
N VAL C 82 -1.68 28.17 2.79
CA VAL C 82 -1.09 29.50 2.72
C VAL C 82 -2.13 30.47 3.26
N PRO C 83 -1.82 31.13 4.40
CA PRO C 83 -2.74 32.08 5.02
C PRO C 83 -3.29 33.05 3.99
N VAL C 84 -4.61 33.08 3.83
CA VAL C 84 -5.24 33.85 2.76
C VAL C 84 -5.26 35.34 3.06
N GLN C 85 -4.63 36.13 2.18
CA GLN C 85 -4.56 37.58 2.35
C GLN C 85 -4.19 38.27 1.04
N VAL C 86 -4.67 39.51 0.89
CA VAL C 86 -4.31 40.33 -0.25
C VAL C 86 -3.37 41.44 0.21
N VAL C 87 -2.18 41.52 -0.39
CA VAL C 87 -1.20 42.53 -0.02
C VAL C 87 -0.55 43.16 -1.26
N ASP C 88 -0.61 44.49 -1.34
CA ASP C 88 0.03 45.24 -2.42
C ASP C 88 -0.37 44.76 -3.82
N GLY C 89 -1.65 44.44 -3.98
CA GLY C 89 -2.18 44.05 -5.27
C GLY C 89 -2.19 42.55 -5.51
N VAL C 90 -1.52 41.80 -4.63
CA VAL C 90 -1.35 40.36 -4.82
C VAL C 90 -2.18 39.55 -3.84
N LEU C 91 -2.86 38.51 -4.35
CA LEU C 91 -3.64 37.59 -3.51
C LEU C 91 -2.84 36.35 -3.13
N TYR C 92 -2.74 36.08 -1.83
CA TYR C 92 -2.03 34.91 -1.35
C TYR C 92 -3.02 33.83 -0.90
N GLY C 93 -2.81 32.60 -1.37
CA GLY C 93 -3.67 31.50 -0.99
C GLY C 93 -3.33 30.20 -1.68
N ARG C 94 -3.58 29.09 -0.98
CA ARG C 94 -3.36 27.77 -1.56
C ARG C 94 -4.28 27.56 -2.76
N GLY C 95 -3.68 27.27 -3.91
CA GLY C 95 -4.44 27.01 -5.12
C GLY C 95 -4.80 28.27 -5.89
N ALA C 96 -4.35 29.41 -5.41
CA ALA C 96 -4.60 30.69 -6.09
C ALA C 96 -4.04 30.66 -7.50
N VAL C 97 -2.93 29.95 -7.67
CA VAL C 97 -2.33 29.74 -8.98
C VAL C 97 -2.74 28.37 -9.53
N ASP C 98 -2.68 27.36 -8.67
CA ASP C 98 -2.85 25.98 -9.09
C ASP C 98 -3.96 25.25 -8.33
N ALA C 99 -5.20 25.33 -8.81
CA ALA C 99 -5.55 26.11 -9.99
C ALA C 99 -6.91 26.79 -9.82
N LYS C 100 -7.17 27.31 -8.62
CA LYS C 100 -8.45 27.97 -8.34
C LYS C 100 -8.52 29.30 -9.08
N GLY C 101 -7.36 29.88 -9.38
CA GLY C 101 -7.27 31.07 -10.20
C GLY C 101 -7.86 30.86 -11.58
N PRO C 102 -7.30 29.92 -12.34
CA PRO C 102 -7.85 29.57 -13.66
C PRO C 102 -9.31 29.13 -13.60
N LEU C 103 -9.72 28.44 -12.55
CA LEU C 103 -11.10 27.97 -12.43
C LEU C 103 -12.08 29.13 -12.22
N ALA C 104 -11.69 30.08 -11.39
CA ALA C 104 -12.50 31.28 -11.16
C ALA C 104 -12.65 32.07 -12.46
N THR C 105 -11.56 32.18 -13.22
CA THR C 105 -11.56 32.83 -14.51
C THR C 105 -12.49 32.10 -15.48
N PHE C 106 -12.44 30.77 -15.43
CA PHE C 106 -13.32 29.92 -16.23
C PHE C 106 -14.79 30.24 -15.97
N VAL C 107 -15.17 30.20 -14.70
CA VAL C 107 -16.55 30.45 -14.29
C VAL C 107 -17.08 31.81 -14.75
N VAL C 108 -16.39 32.87 -14.36
CA VAL C 108 -16.80 34.23 -14.69
C VAL C 108 -16.94 34.45 -16.19
N ALA C 109 -15.90 34.07 -16.94
CA ALA C 109 -15.89 34.25 -18.38
C ALA C 109 -17.03 33.49 -19.08
N GLY C 110 -17.22 32.23 -18.69
CA GLY C 110 -18.21 31.37 -19.31
C GLY C 110 -19.63 31.89 -19.21
N ALA C 111 -19.95 32.54 -18.11
CA ALA C 111 -21.28 33.13 -17.92
C ALA C 111 -21.33 34.54 -18.49
N ARG C 112 -20.16 35.06 -18.84
CA ARG C 112 -20.05 36.42 -19.36
C ARG C 112 -19.94 36.39 -20.89
N ALA C 113 -19.50 35.25 -21.41
CA ALA C 113 -19.34 35.08 -22.85
C ALA C 113 -20.68 35.11 -23.58
N LYS C 114 -20.74 35.86 -24.68
CA LYS C 114 -21.94 35.92 -25.50
C LYS C 114 -22.11 34.61 -26.27
N LEU C 115 -23.06 33.79 -25.84
CA LEU C 115 -23.25 32.45 -26.40
C LEU C 115 -24.12 32.41 -27.66
N PRO C 116 -23.55 31.92 -28.77
CA PRO C 116 -24.31 31.63 -29.99
C PRO C 116 -25.33 30.52 -29.75
N PRO C 117 -26.31 30.36 -30.66
CA PRO C 117 -27.28 29.28 -30.51
C PRO C 117 -26.66 27.94 -30.88
N GLY C 118 -27.10 26.86 -30.23
CA GLY C 118 -26.60 25.53 -30.54
C GLY C 118 -25.25 25.20 -29.94
N VAL C 119 -24.88 25.93 -28.89
CA VAL C 119 -23.61 25.72 -28.21
C VAL C 119 -23.81 25.56 -26.70
N ARG C 120 -23.23 24.51 -26.14
CA ARG C 120 -23.25 24.31 -24.70
C ARG C 120 -21.97 24.87 -24.09
N LEU C 121 -22.08 25.44 -22.90
CA LEU C 121 -20.91 25.91 -22.17
C LEU C 121 -20.84 25.18 -20.85
N THR C 122 -19.92 24.21 -20.77
CA THR C 122 -19.76 23.42 -19.56
C THR C 122 -18.53 23.88 -18.79
N VAL C 123 -18.71 24.20 -17.51
CA VAL C 123 -17.57 24.54 -16.65
C VAL C 123 -17.41 23.46 -15.60
N VAL C 124 -16.25 22.82 -15.56
CA VAL C 124 -16.00 21.72 -14.63
C VAL C 124 -14.90 22.04 -13.63
N GLY C 125 -15.19 21.80 -12.35
CA GLY C 125 -14.18 21.87 -11.31
C GLY C 125 -13.88 20.47 -10.83
N ALA C 126 -12.87 19.83 -11.44
CA ALA C 126 -12.58 18.43 -11.21
C ALA C 126 -11.97 18.16 -9.83
N VAL C 127 -12.26 16.98 -9.29
CA VAL C 127 -11.72 16.56 -8.01
C VAL C 127 -10.49 15.67 -8.21
N GLU C 128 -9.58 15.69 -7.23
CA GLU C 128 -8.43 14.79 -7.20
C GLU C 128 -7.52 14.84 -8.44
N GLU C 129 -7.38 16.01 -9.04
CA GLU C 129 -6.47 16.17 -10.17
C GLU C 129 -5.02 16.21 -9.69
N GLU C 130 -4.82 16.80 -8.52
CA GLU C 130 -3.47 16.96 -7.96
C GLU C 130 -2.86 15.65 -7.46
N VAL C 131 -3.58 14.55 -7.64
CA VAL C 131 -3.07 13.24 -7.22
C VAL C 131 -3.08 12.22 -8.36
N SER C 133 -4.82 9.66 -8.92
CA SER C 133 -6.12 9.17 -9.34
C SER C 133 -6.65 9.89 -10.56
N SER C 134 -6.70 11.21 -10.48
CA SER C 134 -7.44 12.01 -11.45
C SER C 134 -8.84 11.42 -11.52
N ARG C 135 -9.40 11.13 -10.35
CA ARG C 135 -10.66 10.44 -10.23
C ARG C 135 -11.79 11.20 -10.91
N GLY C 136 -11.73 12.52 -10.83
CA GLY C 136 -12.74 13.37 -11.43
C GLY C 136 -12.70 13.33 -12.95
N ALA C 137 -11.51 13.47 -13.50
CA ALA C 137 -11.33 13.45 -14.95
C ALA C 137 -11.69 12.09 -15.54
N ARG C 138 -11.20 11.02 -14.91
CA ARG C 138 -11.47 9.67 -15.37
C ARG C 138 -12.96 9.35 -15.34
N HIS C 139 -13.67 9.95 -14.40
CA HIS C 139 -15.13 9.81 -14.34
C HIS C 139 -15.79 10.51 -15.52
N LEU C 140 -15.30 11.70 -15.86
CA LEU C 140 -15.85 12.47 -16.96
C LEU C 140 -15.74 11.69 -18.27
N ILE C 141 -14.55 11.17 -18.51
CA ILE C 141 -14.28 10.40 -19.72
C ILE C 141 -15.13 9.14 -19.79
N ALA C 142 -15.36 8.51 -18.65
CA ALA C 142 -16.09 7.25 -18.59
C ALA C 142 -17.60 7.41 -18.77
N THR C 143 -18.13 8.59 -18.42
CA THR C 143 -19.57 8.79 -18.40
C THR C 143 -20.08 9.79 -19.42
N ARG C 144 -19.24 10.73 -19.84
CA ARG C 144 -19.65 11.75 -20.80
C ARG C 144 -19.08 11.49 -22.19
N GLU C 145 -19.79 11.94 -23.21
CA GLU C 145 -19.29 11.85 -24.57
C GLU C 145 -18.49 13.12 -24.88
N ALA C 146 -17.67 13.05 -25.91
CA ALA C 146 -16.69 14.11 -26.20
C ALA C 146 -17.28 15.50 -26.47
N PRO C 147 -16.65 16.53 -25.90
CA PRO C 147 -16.95 17.94 -26.20
C PRO C 147 -16.36 18.31 -27.54
N ASP C 148 -16.68 19.49 -28.06
CA ASP C 148 -16.14 19.91 -29.34
C ASP C 148 -14.94 20.82 -29.13
N ALA C 149 -14.78 21.29 -27.90
CA ALA C 149 -13.65 22.12 -27.52
C ALA C 149 -13.42 22.02 -26.02
N VAL C 150 -12.15 21.93 -25.61
CA VAL C 150 -11.80 21.91 -24.20
C VAL C 150 -10.70 22.92 -23.89
N VAL C 151 -10.94 23.77 -22.89
CA VAL C 151 -9.91 24.67 -22.40
C VAL C 151 -9.49 24.18 -21.02
N ILE C 152 -8.19 23.90 -20.86
CA ILE C 152 -7.66 23.37 -19.60
C ILE C 152 -7.34 24.48 -18.61
N GLY C 153 -7.88 24.36 -17.40
CA GLY C 153 -7.69 25.36 -16.36
C GLY C 153 -6.43 25.17 -15.54
N GLU C 154 -5.31 25.64 -16.09
CA GLU C 154 -4.03 25.60 -15.39
C GLU C 154 -3.32 26.93 -15.59
N PRO C 155 -2.38 27.27 -14.69
CA PRO C 155 -1.69 28.56 -14.87
C PRO C 155 -0.76 28.53 -16.08
N SER C 156 -0.94 29.49 -16.97
CA SER C 156 -0.10 29.61 -18.15
C SER C 156 0.49 31.00 -18.17
N GLY C 157 0.01 31.83 -17.25
CA GLY C 157 0.21 33.26 -17.34
C GLY C 157 -0.90 33.81 -18.20
N TRP C 158 -1.39 34.99 -17.87
CA TRP C 158 -2.51 35.57 -18.62
C TRP C 158 -2.08 35.92 -20.04
N ASP C 159 -0.78 36.06 -20.23
CA ASP C 159 -0.22 36.36 -21.54
C ASP C 159 0.43 35.14 -22.18
N GLY C 160 0.21 33.97 -21.58
CA GLY C 160 0.77 32.74 -22.10
C GLY C 160 -0.28 31.67 -22.33
N VAL C 161 0.02 30.74 -23.23
CA VAL C 161 -0.85 29.60 -23.49
C VAL C 161 -0.01 28.32 -23.45
N VAL C 162 -0.51 27.29 -22.78
CA VAL C 162 0.24 26.04 -22.66
C VAL C 162 -0.19 25.01 -23.71
N LEU C 163 0.80 24.46 -24.41
CA LEU C 163 0.54 23.50 -25.48
C LEU C 163 0.52 22.06 -24.99
N GLY C 164 1.24 21.79 -23.92
CA GLY C 164 1.31 20.43 -23.42
C GLY C 164 2.00 20.28 -22.07
N TYR C 165 1.90 19.07 -21.52
CA TYR C 165 2.47 18.75 -20.23
C TYR C 165 3.19 17.41 -20.32
N ARG C 166 4.18 17.21 -19.47
CA ARG C 166 4.84 15.92 -19.40
C ARG C 166 3.89 14.87 -18.86
N GLY C 167 4.15 13.61 -19.18
CA GLY C 167 3.39 12.51 -18.61
C GLY C 167 3.97 12.19 -17.25
N SER C 168 3.40 11.20 -16.57
CA SER C 168 3.95 10.81 -15.27
C SER C 168 3.62 9.38 -14.88
N VAL C 169 4.50 8.81 -14.06
CA VAL C 169 4.33 7.48 -13.50
C VAL C 169 4.70 7.58 -12.02
N ALA C 170 4.01 6.82 -11.17
CA ALA C 170 4.36 6.78 -9.75
C ALA C 170 5.01 5.45 -9.39
N LEU C 171 6.22 5.52 -8.83
CA LEU C 171 6.97 4.33 -8.46
C LEU C 171 7.04 4.18 -6.94
N GLU C 172 6.91 2.94 -6.46
CA GLU C 172 7.26 2.64 -5.08
C GLU C 172 8.28 1.50 -5.03
N TYR C 173 9.43 1.78 -4.42
CA TYR C 173 10.47 0.77 -4.27
C TYR C 173 10.48 0.25 -2.83
N ARG C 174 10.28 -1.05 -2.68
CA ARG C 174 10.31 -1.67 -1.36
C ARG C 174 11.42 -2.70 -1.26
N VAL C 175 12.05 -2.78 -0.09
CA VAL C 175 13.08 -3.76 0.16
C VAL C 175 13.18 -4.08 1.65
N THR C 176 13.50 -5.34 1.97
CA THR C 176 13.64 -5.78 3.35
C THR C 176 14.96 -6.54 3.52
N VAL C 177 15.68 -6.25 4.59
CA VAL C 177 16.96 -6.89 4.89
C VAL C 177 16.98 -7.43 6.32
N PRO C 178 17.34 -8.71 6.49
CA PRO C 178 17.39 -9.33 7.82
C PRO C 178 18.71 -9.06 8.54
N SER C 180 22.22 -11.14 9.62
CA SER C 180 23.19 -12.23 9.78
C SER C 180 24.12 -11.89 10.93
N HIS C 181 25.22 -11.22 10.60
CA HIS C 181 26.07 -10.53 11.58
C HIS C 181 26.83 -9.47 10.79
N SER C 182 26.83 -9.64 9.48
CA SER C 182 27.58 -8.78 8.57
C SER C 182 27.26 -7.30 8.73
N ALA C 183 27.82 -6.68 9.77
CA ALA C 183 27.70 -5.24 9.97
C ALA C 183 28.65 -4.52 9.02
N GLY C 184 29.57 -5.28 8.43
CA GLY C 184 30.51 -4.76 7.46
C GLY C 184 30.13 -5.00 6.00
N PRO C 185 30.08 -6.27 5.58
CA PRO C 185 29.84 -6.59 4.16
C PRO C 185 28.38 -6.49 3.69
N GLU C 186 27.55 -7.49 3.99
CA GLU C 186 26.15 -7.48 3.53
C GLU C 186 25.31 -6.44 4.30
N ALA C 187 24.73 -5.49 3.56
CA ALA C 187 24.36 -4.19 4.13
C ALA C 187 22.87 -3.82 4.19
N THR C 188 22.62 -2.54 4.51
CA THR C 188 21.30 -2.09 4.99
C THR C 188 20.23 -1.80 3.94
N ALA C 189 18.98 -1.80 4.39
CA ALA C 189 17.82 -1.54 3.54
C ALA C 189 17.82 -0.10 3.02
N ALA C 190 18.12 0.84 3.90
CA ALA C 190 18.21 2.25 3.50
C ALA C 190 19.28 2.41 2.41
N GLU C 191 20.38 1.67 2.55
CA GLU C 191 21.43 1.70 1.56
C GLU C 191 20.97 1.10 0.23
N LEU C 192 20.14 0.05 0.31
CA LEU C 192 19.62 -0.60 -0.89
C LEU C 192 18.60 0.28 -1.61
N ALA C 193 17.82 1.02 -0.82
CA ALA C 193 16.84 1.94 -1.39
C ALA C 193 17.52 3.16 -1.99
N ALA C 194 18.55 3.65 -1.32
CA ALA C 194 19.35 4.76 -1.82
C ALA C 194 20.10 4.34 -3.08
N ASP C 195 20.46 3.07 -3.13
CA ASP C 195 21.12 2.50 -4.29
C ASP C 195 20.19 2.51 -5.50
N PHE C 196 18.90 2.24 -5.25
CA PHE C 196 17.92 2.26 -6.33
C PHE C 196 17.74 3.67 -6.86
N TRP C 197 17.61 4.64 -5.95
CA TRP C 197 17.42 6.02 -6.35
C TRP C 197 18.60 6.53 -7.19
N TYR C 198 19.81 6.18 -6.78
CA TYR C 198 21.00 6.61 -7.52
C TYR C 198 20.98 6.08 -8.95
N ARG C 199 20.63 4.82 -9.09
CA ARG C 199 20.55 4.17 -10.37
C ARG C 199 19.56 4.88 -11.27
N LEU C 200 18.37 5.11 -10.78
CA LEU C 200 17.31 5.76 -11.54
C LEU C 200 17.66 7.21 -11.86
N ARG C 201 18.14 7.93 -10.85
CA ARG C 201 18.57 9.31 -11.03
C ARG C 201 19.64 9.39 -12.10
N THR C 202 20.61 8.49 -12.03
CA THR C 202 21.70 8.43 -13.00
C THR C 202 21.18 8.16 -14.41
N TRP C 203 20.33 7.15 -14.54
CA TRP C 203 19.78 6.77 -15.83
C TRP C 203 19.03 7.91 -16.48
N CYS C 204 18.15 8.54 -15.72
CA CYS C 204 17.36 9.66 -16.23
C CYS C 204 18.24 10.81 -16.65
N ALA C 205 19.27 11.08 -15.85
CA ALA C 205 20.20 12.17 -16.14
C ALA C 205 20.99 11.89 -17.41
N GLU C 206 21.43 10.64 -17.58
CA GLU C 206 22.16 10.25 -18.77
C GLU C 206 21.30 10.39 -20.03
N TRP C 207 20.02 10.06 -19.90
CA TRP C 207 19.06 10.17 -20.99
C TRP C 207 18.84 11.63 -21.36
N SER C 208 18.86 12.49 -20.36
CA SER C 208 18.40 13.88 -20.50
C SER C 208 19.49 14.91 -20.79
N VAL C 209 20.73 14.46 -21.00
CA VAL C 209 21.86 15.38 -21.20
C VAL C 209 21.62 16.34 -22.38
N GLY C 210 21.95 17.61 -22.18
CA GLY C 210 21.90 18.58 -23.26
C GLY C 210 20.53 19.18 -23.53
N ILE C 211 19.48 18.48 -23.14
CA ILE C 211 18.11 18.92 -23.39
C ILE C 211 17.72 20.11 -22.50
N ASP C 212 17.38 21.23 -23.14
CA ASP C 212 17.17 22.49 -22.44
C ASP C 212 15.84 22.60 -21.71
N HIS C 213 14.78 22.08 -22.33
CA HIS C 213 13.43 22.17 -21.76
C HIS C 213 13.07 20.90 -20.97
N ALA C 214 12.51 21.09 -19.78
CA ALA C 214 12.13 19.97 -18.92
C ALA C 214 11.09 19.06 -19.57
N PHE C 215 10.20 19.64 -20.36
CA PHE C 215 9.16 18.87 -21.05
C PHE C 215 9.74 17.79 -21.94
N HIS C 216 10.92 18.04 -22.50
CA HIS C 216 11.59 17.05 -23.34
C HIS C 216 12.66 16.28 -22.57
N ARG C 217 12.63 16.41 -21.24
CA ARG C 217 13.54 15.66 -20.37
C ARG C 217 12.76 14.60 -19.60
N VAL C 218 13.44 13.55 -19.17
CA VAL C 218 12.88 12.63 -18.19
C VAL C 218 13.53 12.91 -16.83
N GLU C 219 12.72 13.31 -15.87
CA GLU C 219 13.23 13.68 -14.55
C GLU C 219 12.49 12.93 -13.45
N PRO C 220 13.24 12.25 -12.58
CA PRO C 220 12.65 11.58 -11.42
C PRO C 220 12.59 12.54 -10.24
N LYS C 221 11.74 12.23 -9.27
CA LYS C 221 11.60 13.03 -8.06
C LYS C 221 11.39 12.10 -6.88
N LEU C 222 12.38 12.03 -6.00
CA LEU C 222 12.28 11.20 -4.80
C LEU C 222 11.42 11.91 -3.76
N ASN C 223 10.11 11.69 -3.84
CA ASN C 223 9.18 12.37 -2.95
C ASN C 223 9.33 11.95 -1.49
N ALA C 224 9.69 10.68 -1.28
CA ALA C 224 9.88 10.17 0.07
C ALA C 224 10.84 8.99 0.10
N LEU C 225 11.60 8.88 1.17
CA LEU C 225 12.46 7.74 1.40
C LEU C 225 12.49 7.47 2.90
N ASN C 226 11.89 6.36 3.31
CA ASN C 226 11.80 6.03 4.73
C ASN C 226 12.25 4.61 5.06
N SER C 227 13.16 4.48 6.02
CA SER C 227 13.57 3.18 6.50
C SER C 227 13.06 2.97 7.92
N SER C 228 13.00 1.71 8.34
CA SER C 228 12.58 1.37 9.69
C SER C 228 13.26 0.10 10.15
N SER C 229 13.23 -0.15 11.46
CA SER C 229 13.80 -1.36 12.02
C SER C 229 12.93 -1.82 13.19
N ASP C 230 12.53 -3.09 13.17
CA ASP C 230 11.68 -3.62 14.23
C ASP C 230 12.48 -4.52 15.16
N GLY C 231 13.76 -4.66 14.88
CA GLY C 231 14.63 -5.52 15.65
C GLY C 231 14.82 -6.86 14.94
N LEU C 232 13.87 -7.19 14.08
CA LEU C 232 13.90 -8.43 13.33
C LEU C 232 14.35 -8.15 11.90
N TYR C 233 13.53 -7.37 11.18
CA TYR C 233 13.83 -7.02 9.81
C TYR C 233 13.87 -5.51 9.61
N GLY C 234 14.83 -5.05 8.83
CA GLY C 234 14.86 -3.67 8.39
C GLY C 234 14.07 -3.57 7.10
N GLU C 235 13.44 -2.43 6.88
CA GLU C 235 12.64 -2.20 5.68
C GLU C 235 12.85 -0.79 5.18
N ALA C 236 12.79 -0.61 3.86
CA ALA C 236 12.92 0.72 3.28
C ALA C 236 11.93 0.90 2.13
N VAL C 237 11.26 2.05 2.11
CA VAL C 237 10.31 2.38 1.06
C VAL C 237 10.62 3.73 0.44
N ALA C 238 10.79 3.75 -0.87
CA ALA C 238 10.96 5.00 -1.60
C ALA C 238 9.72 5.27 -2.44
N ARG C 239 9.25 6.51 -2.40
CA ARG C 239 8.14 6.93 -3.24
C ARG C 239 8.64 7.93 -4.27
N ILE C 240 8.53 7.56 -5.54
CA ILE C 240 9.16 8.32 -6.61
C ILE C 240 8.18 8.71 -7.70
N GLY C 241 8.26 9.95 -8.15
CA GLY C 241 7.49 10.41 -9.29
C GLY C 241 8.36 10.54 -10.52
N LEU C 242 7.98 9.87 -11.60
CA LEU C 242 8.71 9.95 -12.86
C LEU C 242 7.98 10.86 -13.83
N ARG C 243 8.63 11.95 -14.22
CA ARG C 243 8.04 12.83 -15.23
C ARG C 243 8.52 12.46 -16.62
N LEU C 244 7.59 12.30 -17.55
CA LEU C 244 7.89 11.73 -18.87
C LEU C 244 7.76 12.71 -20.03
N PRO C 245 8.78 12.76 -20.88
CA PRO C 245 8.71 13.49 -22.16
C PRO C 245 8.04 12.59 -23.20
N PRO C 246 7.59 13.17 -24.32
CA PRO C 246 6.96 12.37 -25.38
C PRO C 246 7.79 11.18 -25.82
N ALA C 247 9.09 11.37 -25.93
CA ALA C 247 9.99 10.34 -26.47
C ALA C 247 10.16 9.12 -25.55
N LEU C 248 9.51 9.15 -24.39
CA LEU C 248 9.61 8.06 -23.43
C LEU C 248 8.26 7.64 -22.87
N SER C 249 7.76 6.49 -23.33
CA SER C 249 6.47 5.98 -22.90
C SER C 249 6.47 5.49 -21.45
N PRO C 250 5.32 5.55 -20.79
CA PRO C 250 5.15 4.99 -19.45
C PRO C 250 5.55 3.52 -19.39
N GLU C 251 5.18 2.74 -20.40
CA GLU C 251 5.54 1.32 -20.44
C GLU C 251 7.05 1.12 -20.44
N GLU C 252 7.76 1.93 -21.21
CA GLU C 252 9.21 1.80 -21.31
C GLU C 252 9.90 2.25 -20.02
N ALA C 253 9.45 3.38 -19.48
CA ALA C 253 10.01 3.91 -18.24
C ALA C 253 9.87 2.91 -17.10
N ILE C 254 8.67 2.36 -16.96
CA ILE C 254 8.39 1.36 -15.93
C ILE C 254 9.25 0.11 -16.14
N ALA C 255 9.39 -0.31 -17.39
CA ALA C 255 10.25 -1.44 -17.72
C ALA C 255 11.69 -1.17 -17.30
N VAL C 256 12.14 0.06 -17.54
CA VAL C 256 13.48 0.48 -17.15
C VAL C 256 13.63 0.48 -15.62
N ALA C 257 12.67 1.11 -14.94
CA ALA C 257 12.69 1.18 -13.48
C ALA C 257 12.72 -0.21 -12.85
N THR C 258 11.89 -1.10 -13.39
CA THR C 258 11.81 -2.48 -12.91
C THR C 258 13.15 -3.21 -13.07
N SER C 259 13.86 -2.92 -14.16
CA SER C 259 15.11 -3.61 -14.45
C SER C 259 16.25 -3.09 -13.59
N LEU C 260 16.11 -1.86 -13.07
CA LEU C 260 17.16 -1.25 -12.26
C LEU C 260 17.25 -1.83 -10.85
N ALA C 261 16.11 -2.30 -10.33
CA ALA C 261 16.06 -2.86 -8.98
C ALA C 261 16.76 -4.21 -8.90
N SER C 262 17.77 -4.30 -8.04
CA SER C 262 18.53 -5.53 -7.88
C SER C 262 17.83 -6.53 -6.96
N GLU C 263 17.62 -6.14 -5.71
CA GLU C 263 17.04 -7.04 -4.71
C GLU C 263 15.68 -6.56 -4.22
N GLY C 264 15.34 -5.31 -4.52
CA GLY C 264 14.11 -4.73 -4.04
C GLY C 264 12.89 -5.09 -4.87
N GLU C 265 11.78 -4.42 -4.58
CA GLU C 265 10.54 -4.65 -5.31
C GLU C 265 9.98 -3.32 -5.84
N VAL C 266 9.95 -3.19 -7.16
CA VAL C 266 9.43 -1.97 -7.77
C VAL C 266 7.94 -2.08 -8.09
N THR C 267 7.19 -1.08 -7.66
CA THR C 267 5.75 -1.03 -7.86
C THR C 267 5.44 0.23 -8.66
N ALA C 268 4.62 0.10 -9.71
CA ALA C 268 4.39 1.21 -10.63
C ALA C 268 2.93 1.51 -10.93
N THR C 269 2.61 2.79 -11.08
CA THR C 269 1.28 3.24 -11.44
C THR C 269 1.38 4.30 -12.54
N VAL C 270 0.62 4.13 -13.62
CA VAL C 270 0.65 5.08 -14.72
C VAL C 270 -0.44 6.14 -14.55
N ASN C 271 -0.06 7.41 -14.64
CA ASN C 271 -1.04 8.48 -14.76
C ASN C 271 -1.42 8.63 -16.22
N ALA C 272 -0.47 9.11 -17.00
CA ALA C 272 -0.66 9.37 -18.42
C ALA C 272 0.69 9.60 -19.08
N PRO C 273 0.78 9.38 -20.40
CA PRO C 273 2.00 9.76 -21.12
C PRO C 273 1.97 11.25 -21.42
N ALA C 274 3.08 11.80 -21.91
CA ALA C 274 3.13 13.20 -22.29
C ALA C 274 2.11 13.46 -23.41
N PHE C 275 1.59 14.69 -23.44
CA PHE C 275 0.62 15.07 -24.45
C PHE C 275 0.89 16.53 -24.84
N GLN C 276 0.89 16.80 -26.13
CA GLN C 276 1.04 18.18 -26.61
C GLN C 276 0.18 18.43 -27.84
N THR C 277 -0.07 19.72 -28.10
CA THR C 277 -0.86 20.12 -29.25
C THR C 277 -0.02 21.04 -30.14
N ASP C 278 -0.11 20.84 -31.45
CA ASP C 278 0.65 21.64 -32.39
C ASP C 278 0.23 23.10 -32.35
N LYS C 279 1.19 24.01 -32.47
CA LYS C 279 0.90 25.44 -32.47
C LYS C 279 0.17 25.82 -33.75
N ARG C 280 0.27 24.99 -34.77
CA ARG C 280 -0.40 25.22 -36.04
C ARG C 280 -1.90 24.89 -35.95
N GLN C 281 -2.33 24.37 -34.80
CA GLN C 281 -3.74 24.06 -34.58
C GLN C 281 -4.53 25.35 -34.35
N PRO C 282 -5.76 25.40 -34.87
CA PRO C 282 -6.61 26.61 -34.85
C PRO C 282 -6.83 27.18 -33.45
N ILE C 283 -7.10 26.30 -32.48
CA ILE C 283 -7.37 26.72 -31.11
C ILE C 283 -6.18 27.49 -30.51
N VAL C 284 -4.98 27.08 -30.89
CA VAL C 284 -3.77 27.78 -30.49
C VAL C 284 -3.73 29.15 -31.15
N ALA C 285 -4.00 29.17 -32.46
CA ALA C 285 -4.01 30.40 -33.23
C ALA C 285 -4.99 31.42 -32.66
N ALA C 286 -6.14 30.91 -32.21
CA ALA C 286 -7.16 31.75 -31.60
C ALA C 286 -6.65 32.39 -30.30
N PHE C 287 -6.13 31.57 -29.40
CA PHE C 287 -5.67 32.06 -28.09
C PHE C 287 -4.48 33.01 -28.21
N LEU C 288 -3.60 32.78 -29.18
CA LEU C 288 -2.54 33.73 -29.49
C LEU C 288 -3.18 35.05 -29.91
N ALA C 289 -4.16 34.95 -30.82
CA ALA C 289 -4.90 36.11 -31.29
C ALA C 289 -5.73 36.73 -30.18
N ALA C 290 -6.19 35.90 -29.25
CA ALA C 290 -7.01 36.37 -28.14
C ALA C 290 -6.23 37.31 -27.21
N VAL C 291 -4.97 36.95 -26.94
CA VAL C 291 -4.14 37.71 -26.02
C VAL C 291 -3.75 39.08 -26.58
N ARG C 292 -3.47 39.14 -27.88
CA ARG C 292 -3.13 40.39 -28.53
C ARG C 292 -4.29 41.39 -28.49
N ALA C 293 -5.51 40.86 -28.45
CA ALA C 293 -6.72 41.68 -28.46
C ALA C 293 -6.95 42.39 -27.14
N HIS C 294 -6.06 42.18 -26.17
CA HIS C 294 -6.17 42.86 -24.88
C HIS C 294 -4.81 43.40 -24.42
N GLY C 295 -4.00 43.82 -25.39
CA GLY C 295 -2.72 44.44 -25.12
C GLY C 295 -1.63 43.46 -24.75
N GLY C 296 -1.84 42.19 -25.08
CA GLY C 296 -0.89 41.15 -24.69
C GLY C 296 0.02 40.68 -25.80
N THR C 297 1.12 40.05 -25.40
CA THR C 297 2.02 39.41 -26.34
C THR C 297 2.09 37.93 -25.97
N PRO C 298 1.34 37.10 -26.73
CA PRO C 298 1.13 35.69 -26.39
C PRO C 298 2.40 34.83 -26.46
N ARG C 299 2.54 33.91 -25.52
CA ARG C 299 3.67 32.99 -25.48
C ARG C 299 3.18 31.55 -25.40
N LEU C 300 3.86 30.65 -26.10
CA LEU C 300 3.49 29.24 -26.09
C LEU C 300 4.46 28.44 -25.24
N LYS C 301 3.93 27.63 -24.33
CA LYS C 301 4.78 26.88 -23.41
C LYS C 301 4.45 25.39 -23.34
N LEU C 302 5.46 24.60 -22.98
CA LEU C 302 5.30 23.18 -22.70
C LEU C 302 5.81 22.94 -21.28
N LYS C 303 4.99 22.34 -20.44
CA LYS C 303 5.26 22.34 -19.00
C LYS C 303 5.87 21.07 -18.41
N THR C 304 6.41 21.23 -17.20
CA THR C 304 7.14 20.20 -16.49
C THR C 304 6.24 19.12 -15.90
N GLY C 305 5.19 19.55 -15.23
CA GLY C 305 4.28 18.62 -14.56
C GLY C 305 3.31 17.97 -15.51
N THR C 306 2.37 17.20 -14.95
CA THR C 306 1.33 16.56 -15.75
C THR C 306 -0.02 17.20 -15.48
N SER C 307 -0.99 16.92 -16.35
CA SER C 307 -2.30 17.56 -16.26
C SER C 307 -3.40 16.57 -16.64
N ASP C 308 -4.64 16.93 -16.37
CA ASP C 308 -5.76 16.14 -16.85
C ASP C 308 -5.89 16.29 -18.37
N ASN C 310 -3.57 15.54 -20.29
CA ASN C 310 -2.97 14.31 -20.78
C ASN C 310 -3.96 13.15 -20.83
N LEU C 311 -5.11 13.32 -20.18
CA LEU C 311 -6.14 12.30 -20.18
C LEU C 311 -7.23 12.59 -21.21
N VAL C 312 -7.85 13.76 -21.08
CA VAL C 312 -8.98 14.13 -21.92
C VAL C 312 -8.58 14.44 -23.36
N GLY C 313 -7.32 14.85 -23.53
CA GLY C 313 -6.76 15.06 -24.86
C GLY C 313 -6.91 13.84 -25.74
N PRO C 314 -6.27 12.73 -25.35
CA PRO C 314 -6.35 11.48 -26.11
C PRO C 314 -7.75 10.86 -26.14
N ALA C 315 -8.42 10.83 -25.00
CA ALA C 315 -9.70 10.15 -24.85
C ALA C 315 -10.82 10.76 -25.70
N TRP C 316 -10.80 12.08 -25.83
CA TRP C 316 -11.84 12.80 -26.56
C TRP C 316 -11.36 13.26 -27.94
N GLY C 317 -10.05 13.40 -28.09
CA GLY C 317 -9.46 13.74 -29.37
C GLY C 317 -9.92 15.07 -29.96
N CYS C 318 -10.39 15.96 -29.10
CA CYS C 318 -10.87 17.27 -29.54
C CYS C 318 -9.75 18.30 -29.41
N PRO C 319 -9.92 19.48 -30.06
CA PRO C 319 -8.97 20.58 -29.85
C PRO C 319 -8.87 20.97 -28.38
N ILE C 320 -7.68 21.35 -27.93
CA ILE C 320 -7.45 21.59 -26.51
C ILE C 320 -6.18 22.38 -26.20
N VAL C 321 -6.27 23.33 -25.26
CA VAL C 321 -5.12 24.04 -24.74
C VAL C 321 -5.30 24.33 -23.27
N ALA C 322 -4.23 24.75 -22.61
CA ALA C 322 -4.31 25.18 -21.22
C ALA C 322 -4.12 26.69 -21.13
N TYR C 323 -5.03 27.36 -20.45
CA TYR C 323 -4.92 28.80 -20.23
C TYR C 323 -5.40 29.18 -18.84
N GLY C 324 -4.66 30.07 -18.20
CA GLY C 324 -4.99 30.54 -16.87
C GLY C 324 -3.96 31.52 -16.37
N PRO C 325 -4.40 32.55 -15.64
CA PRO C 325 -3.50 33.55 -15.10
C PRO C 325 -2.67 32.96 -13.96
N GLY C 326 -1.49 33.51 -13.73
CA GLY C 326 -0.66 33.07 -12.63
C GLY C 326 0.71 32.54 -13.01
N ASP C 327 1.60 32.49 -12.04
CA ASP C 327 2.95 31.98 -12.25
C ASP C 327 2.99 30.52 -11.84
N SER C 328 3.07 29.63 -12.82
CA SER C 328 3.08 28.19 -12.54
C SER C 328 4.31 27.76 -11.75
N ARG C 329 5.30 28.65 -11.65
CA ARG C 329 6.50 28.38 -10.88
C ARG C 329 6.18 28.49 -9.38
N LEU C 330 5.02 29.07 -9.08
CA LEU C 330 4.57 29.20 -7.69
C LEU C 330 3.72 28.01 -7.25
N ASP C 331 3.55 27.05 -8.17
CA ASP C 331 2.84 25.81 -7.87
C ASP C 331 3.43 25.11 -6.66
N HIS C 332 2.56 24.71 -5.72
CA HIS C 332 2.94 23.89 -4.57
C HIS C 332 3.91 24.59 -3.60
N THR C 333 4.02 25.91 -3.72
CA THR C 333 4.95 26.69 -2.89
C THR C 333 4.26 27.29 -1.66
N PRO C 334 5.01 27.46 -0.55
CA PRO C 334 4.46 27.94 0.73
C PRO C 334 3.76 29.31 0.69
N GLU C 335 4.08 30.15 -0.29
CA GLU C 335 3.38 31.42 -0.44
C GLU C 335 2.86 31.61 -1.86
N GLU C 336 2.21 30.58 -2.38
CA GLU C 336 1.56 30.62 -3.69
C GLU C 336 0.65 31.85 -3.77
N HIS C 337 0.77 32.60 -4.88
CA HIS C 337 0.05 33.86 -4.99
C HIS C 337 -0.14 34.30 -6.44
N VAL C 338 -1.05 35.24 -6.65
CA VAL C 338 -1.29 35.78 -7.98
C VAL C 338 -1.78 37.23 -7.90
N PRO C 339 -1.25 38.10 -8.76
CA PRO C 339 -1.72 39.50 -8.82
C PRO C 339 -3.16 39.60 -9.31
N LEU C 340 -3.98 40.31 -8.53
CA LEU C 340 -5.42 40.43 -8.78
C LEU C 340 -5.79 40.91 -10.19
N ALA C 341 -4.92 41.73 -10.79
CA ALA C 341 -5.21 42.32 -12.09
C ALA C 341 -5.11 41.30 -13.23
N ASP C 342 -4.21 40.32 -13.08
CA ASP C 342 -4.03 39.29 -14.10
C ASP C 342 -5.30 38.46 -14.27
N LEU C 343 -6.06 38.35 -13.19
CA LEU C 343 -7.31 37.57 -13.18
C LEU C 343 -8.30 38.09 -14.21
N GLU C 344 -8.68 39.36 -14.05
CA GLU C 344 -9.62 40.01 -14.96
C GLU C 344 -8.98 40.22 -16.32
N ARG C 345 -7.65 40.24 -16.35
CA ARG C 345 -6.89 40.38 -17.59
C ARG C 345 -7.04 39.10 -18.40
N ALA C 346 -6.94 37.97 -17.71
CA ALA C 346 -7.13 36.68 -18.35
C ALA C 346 -8.61 36.39 -18.57
N THR C 347 -9.45 36.95 -17.71
CA THR C 347 -10.90 36.79 -17.81
C THR C 347 -11.40 37.40 -19.12
N ALA C 348 -10.89 38.58 -19.45
CA ALA C 348 -11.25 39.27 -20.67
C ALA C 348 -10.76 38.50 -21.91
N ILE C 349 -9.51 38.07 -21.85
CA ILE C 349 -8.90 37.30 -22.93
C ILE C 349 -9.64 35.99 -23.15
N LEU C 350 -10.09 35.38 -22.05
CA LEU C 350 -10.81 34.11 -22.11
C LEU C 350 -12.25 34.30 -22.61
N THR C 351 -12.92 35.37 -22.17
CA THR C 351 -14.28 35.67 -22.63
C THR C 351 -14.29 35.81 -24.15
N THR C 352 -13.29 36.53 -24.66
CA THR C 352 -13.11 36.67 -26.09
C THR C 352 -12.92 35.31 -26.76
N ALA C 353 -11.92 34.57 -26.29
CA ALA C 353 -11.56 33.28 -26.88
C ALA C 353 -12.74 32.30 -26.97
N ILE C 354 -13.57 32.28 -25.94
CA ILE C 354 -14.74 31.40 -25.91
C ILE C 354 -15.74 31.77 -27.01
N GLU C 355 -16.04 33.05 -27.13
CA GLU C 355 -17.00 33.55 -28.12
C GLU C 355 -16.55 33.27 -29.55
N ARG C 356 -15.24 33.21 -29.78
CA ARG C 356 -14.69 32.98 -31.12
C ARG C 356 -14.61 31.49 -31.47
N VAL C 357 -14.17 30.68 -30.50
CA VAL C 357 -14.12 29.24 -30.70
C VAL C 357 -15.52 28.70 -30.96
N ALA C 358 -16.50 29.23 -30.22
CA ALA C 358 -17.89 28.86 -30.40
C ALA C 358 -18.36 29.13 -31.83
N ALA C 359 -17.81 30.17 -32.44
CA ALA C 359 -18.15 30.51 -33.81
C ALA C 359 -17.61 29.49 -34.79
N GLN C 360 -16.31 29.19 -34.69
CA GLN C 360 -15.66 28.20 -35.54
C GLN C 360 -16.34 26.84 -35.44
N ILE C 361 -16.83 26.53 -34.25
CA ILE C 361 -17.56 25.30 -34.00
C ILE C 361 -18.91 25.33 -34.71
N HIS C 362 -19.65 26.42 -34.50
CA HIS C 362 -20.93 26.62 -35.17
C HIS C 362 -20.73 26.63 -36.68
N SER C 363 -19.63 27.24 -37.11
CA SER C 363 -19.26 27.30 -38.52
C SER C 363 -19.07 25.91 -39.10
N GLY C 364 -18.26 25.10 -38.44
CA GLY C 364 -17.86 23.81 -38.97
C GLY C 364 -16.45 23.93 -39.52
N SER D 12 22.97 -43.31 7.65
CA SER D 12 22.80 -41.90 7.33
C SER D 12 21.32 -41.58 7.18
N THR D 14 17.72 -40.60 5.91
CA THR D 14 16.98 -40.65 4.65
C THR D 14 16.29 -39.31 4.40
N THR D 15 15.78 -39.13 3.19
CA THR D 15 15.11 -37.89 2.83
C THR D 15 13.79 -37.74 3.59
N ALA D 16 13.19 -38.88 3.94
CA ALA D 16 11.90 -38.89 4.61
C ALA D 16 11.98 -38.42 6.06
N ASP D 17 13.00 -38.87 6.78
CA ASP D 17 13.22 -38.42 8.16
C ASP D 17 13.59 -36.94 8.17
N LEU D 18 14.28 -36.51 7.11
CA LEU D 18 14.64 -35.12 6.94
C LEU D 18 13.42 -34.26 6.63
N LEU D 19 12.49 -34.81 5.85
CA LEU D 19 11.35 -34.04 5.40
C LEU D 19 10.36 -33.68 6.52
N ARG D 20 9.97 -34.66 7.33
CA ARG D 20 9.01 -34.39 8.40
C ARG D 20 9.56 -33.39 9.39
N GLY D 21 10.85 -33.48 9.69
CA GLY D 21 11.50 -32.52 10.56
C GLY D 21 11.38 -31.11 10.03
N LEU D 22 11.58 -30.95 8.72
CA LEU D 22 11.47 -29.65 8.08
C LEU D 22 10.01 -29.21 7.97
N VAL D 23 9.13 -30.14 7.61
CA VAL D 23 7.71 -29.87 7.51
C VAL D 23 7.11 -29.55 8.88
N SER D 24 7.65 -30.18 9.92
CA SER D 24 7.18 -29.93 11.28
C SER D 24 7.54 -28.53 11.76
N ILE D 25 8.51 -27.91 11.10
CA ILE D 25 8.89 -26.54 11.42
C ILE D 25 8.25 -25.59 10.42
N PRO D 26 7.21 -24.88 10.86
CA PRO D 26 6.47 -23.93 10.01
C PRO D 26 7.39 -22.83 9.50
N SER D 27 7.31 -22.54 8.21
CA SER D 27 8.12 -21.50 7.61
C SER D 27 7.36 -20.73 6.53
N PRO D 28 6.24 -20.09 6.90
CA PRO D 28 5.54 -19.31 5.88
C PRO D 28 6.41 -18.11 5.50
N SER D 29 6.22 -17.58 4.29
CA SER D 29 7.05 -16.50 3.77
C SER D 29 7.17 -15.35 4.77
N GLY D 30 8.41 -15.02 5.15
CA GLY D 30 8.67 -13.99 6.15
C GLY D 30 9.12 -14.57 7.47
N ALA D 31 8.79 -15.84 7.69
CA ALA D 31 9.09 -16.50 8.96
C ALA D 31 9.96 -17.75 8.78
N GLU D 32 10.95 -17.67 7.90
CA GLU D 32 11.77 -18.83 7.55
C GLU D 32 12.93 -19.07 8.48
N ALA D 33 13.24 -18.11 9.35
CA ALA D 33 14.45 -18.16 10.19
C ALA D 33 14.66 -19.45 11.01
N PRO D 34 13.65 -19.89 11.79
CA PRO D 34 13.85 -21.12 12.55
C PRO D 34 14.05 -22.34 11.65
N ALA D 35 13.32 -22.39 10.54
CA ALA D 35 13.48 -23.48 9.58
C ALA D 35 14.87 -23.44 8.95
N VAL D 36 15.27 -22.27 8.50
CA VAL D 36 16.61 -22.05 7.95
C VAL D 36 17.68 -22.41 8.97
N GLU D 37 17.51 -21.92 10.19
CA GLU D 37 18.43 -22.17 11.29
C GLU D 37 18.62 -23.66 11.51
N TRP D 38 17.50 -24.37 11.60
CA TRP D 38 17.52 -25.81 11.83
C TRP D 38 18.09 -26.57 10.64
N LEU D 39 17.76 -26.12 9.43
CA LEU D 39 18.23 -26.79 8.22
C LEU D 39 19.75 -26.72 8.08
N CYS D 40 20.33 -25.60 8.50
CA CYS D 40 21.78 -25.42 8.38
C CYS D 40 22.57 -26.37 9.29
N GLN D 41 22.06 -26.60 10.49
CA GLN D 41 22.70 -27.54 11.40
C GLN D 41 22.55 -28.97 10.90
N GLN D 42 21.44 -29.23 10.20
CA GLN D 42 21.24 -30.52 9.54
C GLN D 42 22.24 -30.65 8.41
N ALA D 44 25.09 -28.87 8.50
CA ALA D 44 26.37 -28.85 9.20
C ALA D 44 26.70 -30.24 9.77
N ALA D 45 25.69 -30.91 10.31
CA ALA D 45 25.87 -32.26 10.84
C ALA D 45 26.22 -33.22 9.71
N LEU D 46 25.69 -32.94 8.52
CA LEU D 46 25.91 -33.80 7.37
C LEU D 46 27.25 -33.51 6.69
N GLY D 47 27.87 -32.40 7.06
CA GLY D 47 29.21 -32.10 6.59
C GLY D 47 29.35 -30.88 5.68
N TYR D 48 28.26 -30.19 5.41
CA TYR D 48 28.32 -28.97 4.62
C TYR D 48 28.95 -27.85 5.43
N GLN D 49 29.70 -26.96 4.78
CA GLN D 49 30.00 -25.67 5.38
C GLN D 49 28.73 -24.84 5.27
N ALA D 50 28.01 -24.67 6.37
CA ALA D 50 26.65 -24.16 6.31
C ALA D 50 26.31 -23.08 7.33
N GLU D 51 25.85 -21.94 6.82
CA GLU D 51 25.25 -20.88 7.61
C GLU D 51 24.23 -20.16 6.74
N PRO D 52 23.35 -19.35 7.34
CA PRO D 52 22.50 -18.50 6.51
C PRO D 52 23.29 -17.35 5.91
N ASP D 53 22.88 -16.84 4.75
CA ASP D 53 23.57 -15.71 4.14
C ASP D 53 22.95 -14.38 4.55
N GLY D 54 23.27 -13.33 3.80
CA GLY D 54 22.82 -11.99 4.12
C GLY D 54 21.33 -11.77 4.06
N ALA D 55 20.63 -12.55 3.24
CA ALA D 55 19.19 -12.40 3.09
C ALA D 55 18.41 -13.38 3.96
N GLY D 56 19.11 -14.33 4.56
CA GLY D 56 18.46 -15.32 5.41
C GLY D 56 18.29 -16.66 4.74
N ASN D 57 18.75 -16.76 3.49
CA ASN D 57 18.74 -18.03 2.78
C ASN D 57 19.52 -19.07 3.57
N ALA D 58 19.07 -20.31 3.56
CA ALA D 58 19.85 -21.40 4.13
C ALA D 58 20.85 -21.86 3.09
N VAL D 59 22.15 -21.73 3.38
CA VAL D 59 23.18 -22.06 2.41
C VAL D 59 24.21 -23.05 2.95
N GLY D 60 24.41 -24.14 2.22
CA GLY D 60 25.45 -25.10 2.54
C GLY D 60 26.16 -25.50 1.26
N THR D 61 27.49 -25.54 1.28
CA THR D 61 28.24 -25.83 0.06
C THR D 61 29.24 -26.97 0.20
N ARG D 62 29.36 -27.76 -0.86
CA ARG D 62 30.20 -28.95 -0.86
C ARG D 62 31.43 -28.76 -1.74
N GLY D 63 32.29 -29.76 -1.75
CA GLY D 63 33.43 -29.82 -2.65
C GLY D 63 34.42 -28.67 -2.58
N GLU D 64 35.19 -28.52 -3.64
CA GLU D 64 36.27 -27.55 -3.72
C GLU D 64 36.41 -27.09 -5.16
N GLY D 65 36.86 -25.85 -5.39
CA GLY D 65 37.22 -25.42 -6.72
C GLY D 65 36.43 -24.24 -7.28
N PRO D 66 36.65 -23.95 -8.58
CA PRO D 66 36.05 -22.81 -9.29
C PRO D 66 34.78 -23.18 -10.07
N ARG D 67 34.45 -24.46 -10.13
CA ARG D 67 33.24 -24.88 -10.85
C ARG D 67 32.13 -25.26 -9.89
N GLU D 68 30.94 -24.73 -10.12
CA GLU D 68 29.85 -24.85 -9.15
C GLU D 68 28.51 -25.28 -9.74
N ILE D 69 27.92 -26.30 -9.14
CA ILE D 69 26.54 -26.68 -9.42
C ILE D 69 25.69 -26.19 -8.24
N LEU D 71 22.01 -26.30 -6.27
CA LEU D 71 20.70 -26.88 -6.04
C LEU D 71 19.84 -25.84 -5.34
N LEU D 72 19.14 -25.02 -6.12
CA LEU D 72 18.36 -23.92 -5.58
C LEU D 72 16.92 -24.31 -5.29
N GLY D 73 16.62 -24.51 -4.01
CA GLY D 73 15.25 -24.79 -3.58
C GLY D 73 14.75 -23.63 -2.76
N HIS D 74 13.55 -23.75 -2.20
CA HIS D 74 13.06 -22.73 -1.28
C HIS D 74 12.44 -23.36 -0.04
N ILE D 75 12.65 -22.69 1.10
CA ILE D 75 12.27 -23.24 2.39
C ILE D 75 10.96 -22.63 2.88
N ASP D 76 10.52 -21.57 2.23
CA ASP D 76 9.27 -20.93 2.62
C ASP D 76 8.07 -21.65 2.02
N THR D 77 6.91 -21.46 2.63
CA THR D 77 5.68 -22.06 2.19
C THR D 77 4.58 -21.02 2.22
N VAL D 78 3.43 -21.33 1.59
CA VAL D 78 2.24 -20.51 1.76
C VAL D 78 1.66 -20.79 3.15
N PRO D 79 0.81 -19.88 3.67
CA PRO D 79 0.26 -20.14 5.00
C PRO D 79 -0.75 -21.29 5.02
N GLY D 80 -1.38 -21.49 6.17
CA GLY D 80 -2.30 -22.60 6.36
C GLY D 80 -1.64 -23.74 7.10
N GLU D 81 -2.31 -24.24 8.14
CA GLU D 81 -1.76 -25.34 8.91
C GLU D 81 -2.25 -26.68 8.39
N VAL D 82 -1.35 -27.44 7.78
CA VAL D 82 -1.62 -28.80 7.37
C VAL D 82 -1.00 -29.71 8.41
N PRO D 83 -1.83 -30.46 9.15
CA PRO D 83 -1.37 -31.34 10.22
C PRO D 83 -0.30 -32.31 9.74
N VAL D 84 0.89 -32.22 10.34
CA VAL D 84 2.01 -33.06 9.94
C VAL D 84 1.84 -34.47 10.48
N GLN D 85 1.64 -35.43 9.58
CA GLN D 85 1.40 -36.81 9.98
C GLN D 85 1.74 -37.77 8.85
N VAL D 86 2.00 -39.02 9.21
CA VAL D 86 2.21 -40.07 8.22
C VAL D 86 1.03 -41.03 8.25
N VAL D 87 0.39 -41.21 7.10
CA VAL D 87 -0.73 -42.14 6.97
C VAL D 87 -0.41 -43.18 5.90
N ASP D 88 0.07 -44.34 6.35
CA ASP D 88 0.46 -45.44 5.44
C ASP D 88 1.43 -44.98 4.36
N GLY D 89 2.60 -44.52 4.78
CA GLY D 89 3.64 -44.11 3.85
C GLY D 89 3.36 -42.83 3.09
N VAL D 90 2.37 -42.06 3.55
CA VAL D 90 2.05 -40.78 2.93
C VAL D 90 2.23 -39.64 3.93
N LEU D 91 3.18 -38.75 3.64
CA LEU D 91 3.47 -37.64 4.54
C LEU D 91 2.65 -36.40 4.19
N TYR D 92 1.82 -35.96 5.13
CA TYR D 92 1.05 -34.73 4.97
C TYR D 92 1.80 -33.57 5.62
N GLY D 93 1.57 -32.36 5.13
CA GLY D 93 2.16 -31.18 5.72
C GLY D 93 2.40 -30.07 4.73
N ARG D 94 2.28 -28.83 5.20
CA ARG D 94 2.55 -27.68 4.36
C ARG D 94 4.03 -27.66 3.98
N GLY D 95 4.30 -27.84 2.69
CA GLY D 95 5.66 -27.84 2.19
C GLY D 95 6.13 -29.22 1.80
N ALA D 96 5.30 -30.23 2.06
CA ALA D 96 5.63 -31.61 1.69
C ALA D 96 5.89 -31.73 0.19
N VAL D 97 5.17 -30.93 -0.59
CA VAL D 97 5.32 -30.90 -2.03
C VAL D 97 5.98 -29.60 -2.47
N ASP D 98 5.54 -28.51 -1.86
CA ASP D 98 5.95 -27.17 -2.27
C ASP D 98 6.53 -26.37 -1.09
N ALA D 99 7.84 -26.45 -0.86
CA ALA D 99 8.74 -27.29 -1.64
C ALA D 99 9.85 -27.86 -0.75
N LYS D 100 9.48 -28.28 0.45
CA LYS D 100 10.45 -28.84 1.39
C LYS D 100 10.89 -30.23 0.98
N GLY D 101 10.01 -30.95 0.29
CA GLY D 101 10.32 -32.24 -0.28
C GLY D 101 11.52 -32.19 -1.21
N PRO D 102 11.43 -31.37 -2.28
CA PRO D 102 12.57 -31.16 -3.17
C PRO D 102 13.80 -30.61 -2.43
N LEU D 103 13.60 -29.72 -1.46
CA LEU D 103 14.71 -29.13 -0.73
C LEU D 103 15.45 -30.17 0.11
N ALA D 104 14.69 -31.03 0.78
CA ALA D 104 15.27 -32.12 1.56
C ALA D 104 16.02 -33.08 0.63
N THR D 105 15.44 -33.32 -0.54
CA THR D 105 16.06 -34.16 -1.55
C THR D 105 17.40 -33.60 -1.99
N PHE D 106 17.46 -32.27 -2.08
CA PHE D 106 18.70 -31.57 -2.43
C PHE D 106 19.78 -31.79 -1.38
N VAL D 107 19.39 -31.71 -0.12
CA VAL D 107 20.31 -31.86 1.00
C VAL D 107 20.92 -33.26 1.06
N VAL D 108 20.12 -34.27 0.75
CA VAL D 108 20.56 -35.66 0.84
C VAL D 108 21.31 -36.13 -0.40
N ALA D 109 20.70 -35.93 -1.57
CA ALA D 109 21.34 -36.30 -2.82
C ALA D 109 22.58 -35.44 -3.06
N GLY D 110 22.56 -34.23 -2.53
CA GLY D 110 23.68 -33.31 -2.66
C GLY D 110 24.91 -33.77 -1.90
N ALA D 111 24.71 -34.52 -0.82
CA ALA D 111 25.81 -35.05 -0.04
C ALA D 111 26.20 -36.44 -0.52
N ARG D 112 25.18 -37.21 -0.94
CA ARG D 112 25.38 -38.59 -1.38
C ARG D 112 26.32 -38.69 -2.59
N ALA D 113 26.10 -37.83 -3.57
CA ALA D 113 26.88 -37.85 -4.81
C ALA D 113 28.36 -37.61 -4.57
N LYS D 114 29.19 -38.16 -5.46
CA LYS D 114 30.64 -37.89 -5.42
C LYS D 114 31.05 -37.00 -6.59
N LEU D 115 31.85 -35.99 -6.30
CA LEU D 115 32.19 -34.96 -7.26
C LEU D 115 33.67 -35.03 -7.69
N PRO D 116 33.97 -34.54 -8.91
CA PRO D 116 35.36 -34.40 -9.38
C PRO D 116 36.04 -33.26 -8.64
N PRO D 117 37.37 -33.14 -8.74
CA PRO D 117 38.04 -31.99 -8.11
C PRO D 117 37.75 -30.72 -8.89
N GLY D 118 37.73 -29.58 -8.23
CA GLY D 118 37.43 -28.32 -8.89
C GLY D 118 35.94 -28.05 -9.01
N VAL D 119 35.14 -29.06 -8.67
CA VAL D 119 33.68 -28.96 -8.72
C VAL D 119 33.06 -28.91 -7.33
N ARG D 120 32.46 -27.78 -7.00
CA ARG D 120 31.78 -27.62 -5.72
C ARG D 120 30.26 -27.59 -5.89
N LEU D 121 29.55 -28.16 -4.94
CA LEU D 121 28.08 -28.18 -4.97
C LEU D 121 27.55 -27.29 -3.86
N THR D 122 26.48 -26.57 -4.14
CA THR D 122 25.90 -25.66 -3.15
C THR D 122 24.38 -25.83 -3.06
N VAL D 123 23.88 -26.01 -1.84
CA VAL D 123 22.44 -26.15 -1.62
C VAL D 123 21.87 -24.86 -1.02
N VAL D 124 20.83 -24.33 -1.63
CA VAL D 124 20.21 -23.10 -1.15
C VAL D 124 18.72 -23.29 -0.82
N GLY D 125 18.37 -23.03 0.44
CA GLY D 125 16.98 -22.96 0.84
C GLY D 125 16.57 -21.49 0.90
N ALA D 126 16.19 -20.96 -0.25
CA ALA D 126 15.89 -19.53 -0.37
C ALA D 126 14.63 -19.11 0.36
N VAL D 127 14.57 -17.85 0.74
CA VAL D 127 13.39 -17.29 1.37
C VAL D 127 12.54 -16.54 0.35
N GLU D 128 11.25 -16.43 0.64
CA GLU D 128 10.33 -15.59 -0.14
C GLU D 128 10.10 -15.96 -1.60
N GLU D 129 10.29 -17.24 -1.95
CA GLU D 129 10.02 -17.65 -3.33
C GLU D 129 8.53 -17.62 -3.62
N GLU D 130 7.74 -18.00 -2.63
CA GLU D 130 6.29 -18.09 -2.80
C GLU D 130 5.62 -16.74 -3.02
N VAL D 131 6.18 -15.68 -2.45
CA VAL D 131 5.62 -14.34 -2.61
C VAL D 131 6.29 -13.57 -3.75
N SER D 133 8.13 -10.84 -3.92
CA SER D 133 9.48 -10.30 -3.73
C SER D 133 10.57 -11.19 -4.32
N SER D 134 10.47 -12.50 -4.06
CA SER D 134 11.51 -13.45 -4.47
C SER D 134 12.89 -12.95 -4.09
N ARG D 135 12.98 -12.28 -2.94
N ARG D 135 12.99 -12.27 -2.94
CA ARG D 135 14.20 -11.60 -2.55
CA ARG D 135 14.22 -11.59 -2.57
C ARG D 135 15.30 -12.57 -2.15
C ARG D 135 15.31 -12.57 -2.16
N GLY D 136 14.92 -13.79 -1.84
CA GLY D 136 15.87 -14.83 -1.49
C GLY D 136 16.76 -15.10 -2.69
N ALA D 137 16.12 -15.34 -3.82
CA ALA D 137 16.84 -15.58 -5.06
C ALA D 137 17.55 -14.32 -5.54
N ARG D 138 16.89 -13.17 -5.36
CA ARG D 138 17.44 -11.89 -5.78
C ARG D 138 18.75 -11.55 -5.07
N HIS D 139 18.89 -12.04 -3.84
CA HIS D 139 20.10 -11.82 -3.07
C HIS D 139 21.25 -12.65 -3.63
N LEU D 140 20.92 -13.81 -4.19
CA LEU D 140 21.92 -14.66 -4.84
C LEU D 140 22.44 -13.97 -6.09
N ILE D 141 21.51 -13.44 -6.88
CA ILE D 141 21.84 -12.70 -8.08
C ILE D 141 22.73 -11.49 -7.76
N ALA D 142 22.53 -10.91 -6.59
CA ALA D 142 23.25 -9.71 -6.20
C ALA D 142 24.61 -10.00 -5.56
N THR D 143 24.71 -11.13 -4.87
CA THR D 143 25.88 -11.40 -4.03
C THR D 143 26.69 -12.64 -4.42
N ARG D 144 26.33 -13.29 -5.53
CA ARG D 144 27.01 -14.52 -5.89
C ARG D 144 27.41 -14.58 -7.36
N GLU D 145 28.47 -15.33 -7.66
CA GLU D 145 28.88 -15.56 -9.02
C GLU D 145 27.97 -16.62 -9.63
N ALA D 146 27.73 -16.52 -10.93
CA ALA D 146 26.86 -17.45 -11.63
C ALA D 146 27.45 -18.87 -11.66
N PRO D 147 26.70 -19.85 -11.13
CA PRO D 147 27.12 -21.26 -11.14
C PRO D 147 27.14 -21.82 -12.55
N ASP D 148 27.70 -23.02 -12.74
CA ASP D 148 27.76 -23.63 -14.06
C ASP D 148 26.45 -24.31 -14.44
N ALA D 149 25.67 -24.69 -13.44
CA ALA D 149 24.36 -25.28 -13.66
C ALA D 149 23.47 -25.05 -12.45
N VAL D 150 22.15 -25.08 -12.66
CA VAL D 150 21.21 -24.92 -11.55
C VAL D 150 20.09 -25.95 -11.62
N VAL D 151 19.75 -26.52 -10.47
CA VAL D 151 18.55 -27.35 -10.35
C VAL D 151 17.57 -26.64 -9.42
N ILE D 152 16.40 -26.29 -9.94
CA ILE D 152 15.38 -25.63 -9.12
C ILE D 152 14.58 -26.67 -8.34
N GLY D 153 14.43 -26.42 -7.04
CA GLY D 153 13.73 -27.35 -6.17
C GLY D 153 12.22 -27.18 -6.15
N GLU D 154 11.56 -27.66 -7.19
CA GLU D 154 10.11 -27.66 -7.25
C GLU D 154 9.63 -29.08 -7.59
N PRO D 155 8.40 -29.43 -7.17
CA PRO D 155 7.91 -30.80 -7.39
C PRO D 155 7.63 -31.11 -8.86
N SER D 156 8.54 -31.85 -9.48
CA SER D 156 8.37 -32.26 -10.87
C SER D 156 7.73 -33.64 -10.93
N GLY D 157 7.71 -34.32 -9.79
CA GLY D 157 7.37 -35.72 -9.74
C GLY D 157 8.66 -36.51 -9.84
N TRP D 158 8.71 -37.69 -9.23
CA TRP D 158 9.92 -38.50 -9.22
C TRP D 158 10.35 -38.90 -10.63
N ASP D 159 9.39 -38.94 -11.54
CA ASP D 159 9.65 -39.28 -12.94
C ASP D 159 9.22 -38.16 -13.87
N GLY D 160 9.46 -36.93 -13.44
CA GLY D 160 9.12 -35.76 -14.23
C GLY D 160 10.26 -34.76 -14.29
N VAL D 161 10.35 -34.02 -15.38
CA VAL D 161 11.37 -33.00 -15.55
C VAL D 161 10.74 -31.68 -16.01
N VAL D 162 10.73 -30.69 -15.13
CA VAL D 162 10.13 -29.41 -15.46
C VAL D 162 11.13 -28.49 -16.17
N LEU D 163 10.78 -28.07 -17.38
CA LEU D 163 11.67 -27.26 -18.20
C LEU D 163 11.34 -25.77 -18.12
N GLY D 164 10.23 -25.42 -17.49
CA GLY D 164 9.83 -24.03 -17.45
C GLY D 164 8.58 -23.70 -16.66
N TYR D 165 8.39 -22.41 -16.40
CA TYR D 165 7.25 -21.91 -15.66
C TYR D 165 6.76 -20.62 -16.31
N ARG D 166 5.52 -20.25 -16.02
CA ARG D 166 4.97 -19.01 -16.54
C ARG D 166 5.52 -17.81 -15.78
N GLY D 167 5.45 -16.64 -16.41
CA GLY D 167 5.87 -15.41 -15.76
C GLY D 167 4.80 -14.95 -14.79
N SER D 168 5.08 -13.89 -14.05
CA SER D 168 4.14 -13.43 -13.04
C SER D 168 4.16 -11.91 -12.88
N VAL D 169 2.98 -11.32 -12.85
CA VAL D 169 2.80 -9.91 -12.58
C VAL D 169 1.63 -9.77 -11.62
N ALA D 170 1.82 -9.07 -10.52
CA ALA D 170 0.73 -8.82 -9.59
C ALA D 170 0.10 -7.47 -9.90
N LEU D 171 -1.22 -7.43 -9.88
CA LEU D 171 -1.96 -6.22 -10.19
C LEU D 171 -2.81 -5.78 -9.01
N GLU D 172 -2.91 -4.47 -8.81
CA GLU D 172 -3.76 -3.95 -7.77
C GLU D 172 -4.64 -2.84 -8.32
N TYR D 173 -5.95 -3.06 -8.28
CA TYR D 173 -6.91 -2.06 -8.72
C TYR D 173 -7.54 -1.41 -7.49
N ARG D 174 -7.55 -0.08 -7.48
CA ARG D 174 -8.20 0.65 -6.40
C ARG D 174 -9.12 1.71 -6.99
N VAL D 175 -10.34 1.79 -6.47
CA VAL D 175 -11.31 2.76 -6.96
C VAL D 175 -12.05 3.43 -5.80
N THR D 176 -12.33 4.72 -5.94
CA THR D 176 -13.03 5.49 -4.93
C THR D 176 -14.31 6.07 -5.50
N VAL D 177 -15.37 6.08 -4.72
CA VAL D 177 -16.64 6.67 -5.13
C VAL D 177 -17.25 7.39 -3.93
N PRO D 178 -17.84 8.58 -4.15
CA PRO D 178 -18.44 9.26 -2.99
C PRO D 178 -19.65 8.52 -2.45
N SER D 180 -22.60 9.17 -1.77
CA SER D 180 -23.78 10.00 -1.97
C SER D 180 -24.64 9.47 -3.11
N HIS D 181 -24.55 10.12 -4.25
CA HIS D 181 -25.48 9.82 -5.32
C HIS D 181 -24.90 9.80 -6.73
N SER D 182 -24.54 8.60 -7.18
CA SER D 182 -24.19 8.31 -8.58
C SER D 182 -22.93 7.47 -8.76
N ALA D 187 -22.49 3.97 -10.19
CA ALA D 187 -21.81 2.71 -9.88
C ALA D 187 -21.16 2.77 -8.51
N THR D 188 -21.33 1.71 -7.73
CA THR D 188 -20.65 1.60 -6.44
C THR D 188 -19.19 1.26 -6.68
N ALA D 189 -18.37 1.42 -5.65
CA ALA D 189 -16.95 1.09 -5.75
C ALA D 189 -16.80 -0.38 -6.09
N ALA D 190 -17.67 -1.21 -5.53
CA ALA D 190 -17.68 -2.64 -5.79
C ALA D 190 -17.99 -2.96 -7.25
N GLU D 191 -18.98 -2.29 -7.79
CA GLU D 191 -19.39 -2.52 -9.17
C GLU D 191 -18.30 -2.16 -10.17
N LEU D 192 -17.63 -1.04 -9.93
CA LEU D 192 -16.53 -0.60 -10.79
C LEU D 192 -15.39 -1.60 -10.76
N ALA D 193 -15.05 -2.07 -9.56
CA ALA D 193 -13.96 -3.01 -9.37
C ALA D 193 -14.28 -4.35 -10.03
N ALA D 194 -15.53 -4.78 -9.91
CA ALA D 194 -15.96 -6.05 -10.48
C ALA D 194 -15.94 -6.01 -12.01
N ASP D 195 -16.38 -4.89 -12.58
CA ASP D 195 -16.39 -4.73 -14.02
C ASP D 195 -14.98 -4.64 -14.59
N PHE D 196 -14.05 -4.09 -13.81
CA PHE D 196 -12.65 -4.10 -14.20
C PHE D 196 -12.16 -5.53 -14.29
N TRP D 197 -12.52 -6.33 -13.30
CA TRP D 197 -12.15 -7.74 -13.29
C TRP D 197 -12.77 -8.45 -14.49
N TYR D 198 -14.03 -8.14 -14.78
CA TYR D 198 -14.74 -8.70 -15.91
C TYR D 198 -14.01 -8.41 -17.22
N ARG D 199 -13.57 -7.16 -17.37
CA ARG D 199 -12.82 -6.75 -18.56
C ARG D 199 -11.50 -7.51 -18.67
N LEU D 200 -10.77 -7.55 -17.55
CA LEU D 200 -9.47 -8.21 -17.52
C LEU D 200 -9.61 -9.71 -17.79
N ARG D 201 -10.59 -10.32 -17.15
CA ARG D 201 -10.83 -11.76 -17.29
C ARG D 201 -11.21 -12.12 -18.72
N THR D 202 -12.01 -11.26 -19.34
CA THR D 202 -12.47 -11.49 -20.71
C THR D 202 -11.34 -11.32 -21.72
N TRP D 203 -10.50 -10.29 -21.52
CA TRP D 203 -9.38 -10.02 -22.41
C TRP D 203 -8.44 -11.22 -22.45
N CYS D 204 -8.19 -11.80 -21.27
CA CYS D 204 -7.28 -12.92 -21.15
C CYS D 204 -7.87 -14.19 -21.75
N ALA D 205 -9.17 -14.37 -21.54
CA ALA D 205 -9.86 -15.55 -22.02
C ALA D 205 -9.99 -15.54 -23.55
N GLU D 206 -10.23 -14.36 -24.11
CA GLU D 206 -10.33 -14.23 -25.56
C GLU D 206 -8.96 -14.35 -26.23
N TRP D 207 -7.91 -13.94 -25.52
CA TRP D 207 -6.55 -14.10 -26.00
C TRP D 207 -6.18 -15.57 -26.03
N SER D 208 -6.46 -16.28 -24.94
CA SER D 208 -5.97 -17.64 -24.74
C SER D 208 -6.90 -18.71 -25.28
N VAL D 209 -7.93 -18.30 -26.02
CA VAL D 209 -8.98 -19.22 -26.45
C VAL D 209 -8.45 -20.44 -27.22
N GLY D 210 -8.88 -21.63 -26.79
CA GLY D 210 -8.54 -22.85 -27.51
C GLY D 210 -7.11 -23.33 -27.40
N ILE D 211 -6.32 -22.67 -26.55
CA ILE D 211 -4.93 -23.07 -26.34
C ILE D 211 -4.87 -24.32 -25.45
N ASP D 212 -4.06 -25.29 -25.86
CA ASP D 212 -3.99 -26.60 -25.20
C ASP D 212 -3.62 -26.52 -23.71
N HIS D 213 -2.38 -26.13 -23.42
CA HIS D 213 -1.85 -26.20 -22.06
C HIS D 213 -1.79 -24.85 -21.35
N ALA D 214 -1.81 -24.89 -20.01
CA ALA D 214 -1.80 -23.69 -19.18
C ALA D 214 -0.57 -22.81 -19.41
N PHE D 215 0.56 -23.43 -19.73
CA PHE D 215 1.82 -22.72 -19.93
C PHE D 215 1.72 -21.63 -21.00
N HIS D 216 0.92 -21.87 -22.03
CA HIS D 216 0.83 -20.96 -23.15
C HIS D 216 -0.33 -19.97 -23.04
N ARG D 217 -1.15 -20.13 -22.00
CA ARG D 217 -2.28 -19.24 -21.80
C ARG D 217 -1.91 -18.10 -20.86
N VAL D 218 -2.60 -16.97 -21.00
CA VAL D 218 -2.51 -15.90 -20.01
C VAL D 218 -3.73 -16.00 -19.09
N GLU D 219 -3.48 -16.16 -17.79
CA GLU D 219 -4.56 -16.40 -16.85
C GLU D 219 -4.50 -15.45 -15.66
N PRO D 220 -5.54 -14.61 -15.51
CA PRO D 220 -5.64 -13.69 -14.38
C PRO D 220 -6.26 -14.42 -13.19
N LYS D 221 -5.91 -13.97 -11.99
CA LYS D 221 -6.32 -14.64 -10.78
C LYS D 221 -6.83 -13.59 -9.80
N LEU D 222 -8.12 -13.63 -9.50
CA LEU D 222 -8.69 -12.69 -8.54
C LEU D 222 -8.53 -13.24 -7.13
N ASN D 223 -7.42 -12.87 -6.48
CA ASN D 223 -7.10 -13.40 -5.16
C ASN D 223 -7.95 -12.77 -4.05
N ALA D 224 -8.27 -11.49 -4.21
CA ALA D 224 -9.13 -10.80 -3.27
C ALA D 224 -9.83 -9.62 -3.92
N LEU D 225 -11.10 -9.45 -3.61
CA LEU D 225 -11.81 -8.21 -3.92
C LEU D 225 -12.55 -7.78 -2.66
N ASN D 226 -12.26 -6.56 -2.20
CA ASN D 226 -12.88 -6.06 -1.00
C ASN D 226 -13.34 -4.61 -1.13
N SER D 227 -14.63 -4.39 -0.95
CA SER D 227 -15.19 -3.04 -0.94
C SER D 227 -15.38 -2.58 0.50
N SER D 228 -15.13 -1.30 0.74
CA SER D 228 -15.29 -0.73 2.08
C SER D 228 -15.97 0.62 2.02
N SER D 229 -16.56 1.04 3.14
CA SER D 229 -17.13 2.37 3.23
C SER D 229 -16.25 3.26 4.10
N ASP D 230 -15.52 4.17 3.46
CA ASP D 230 -14.65 5.12 4.16
C ASP D 230 -15.45 5.94 5.16
N GLY D 231 -16.61 6.43 4.71
CA GLY D 231 -17.46 7.29 5.51
C GLY D 231 -18.20 8.22 4.57
N LEU D 232 -17.44 8.99 3.80
CA LEU D 232 -18.01 9.84 2.76
C LEU D 232 -17.68 9.28 1.38
N TYR D 233 -16.75 8.32 1.36
CA TYR D 233 -16.37 7.65 0.13
C TYR D 233 -16.66 6.16 0.19
N GLY D 234 -17.01 5.59 -0.96
CA GLY D 234 -17.03 4.15 -1.10
C GLY D 234 -15.69 3.73 -1.67
N GLU D 235 -15.11 2.68 -1.11
CA GLU D 235 -13.80 2.22 -1.53
C GLU D 235 -13.87 0.76 -1.96
N ALA D 236 -12.98 0.35 -2.85
CA ALA D 236 -12.86 -1.05 -3.23
C ALA D 236 -11.47 -1.32 -3.77
N VAL D 237 -10.91 -2.46 -3.40
CA VAL D 237 -9.62 -2.89 -3.90
C VAL D 237 -9.69 -4.32 -4.42
N ALA D 238 -8.92 -4.59 -5.48
CA ALA D 238 -8.85 -5.94 -6.04
C ALA D 238 -7.41 -6.39 -6.19
N ARG D 239 -7.06 -7.48 -5.50
CA ARG D 239 -5.72 -8.06 -5.60
C ARG D 239 -5.74 -9.10 -6.70
N ILE D 240 -4.93 -8.89 -7.74
CA ILE D 240 -4.94 -9.79 -8.89
C ILE D 240 -3.55 -10.31 -9.23
N GLY D 241 -3.41 -11.63 -9.30
CA GLY D 241 -2.20 -12.25 -9.81
C GLY D 241 -2.41 -12.58 -11.28
N LEU D 242 -1.37 -12.34 -12.08
CA LEU D 242 -1.47 -12.61 -13.52
C LEU D 242 -0.32 -13.50 -13.96
N ARG D 243 -0.66 -14.61 -14.61
CA ARG D 243 0.35 -15.58 -15.06
C ARG D 243 0.54 -15.53 -16.57
N LEU D 244 1.77 -15.25 -16.99
CA LEU D 244 2.06 -14.92 -18.38
C LEU D 244 2.80 -16.02 -19.12
N PRO D 245 2.42 -16.24 -20.39
CA PRO D 245 3.12 -17.14 -21.31
C PRO D 245 4.30 -16.40 -21.93
N PRO D 246 5.20 -17.11 -22.62
CA PRO D 246 6.32 -16.44 -23.29
C PRO D 246 5.87 -15.35 -24.26
N ALA D 247 4.76 -15.56 -24.95
CA ALA D 247 4.30 -14.62 -25.98
C ALA D 247 3.87 -13.26 -25.43
N LEU D 248 3.47 -13.24 -24.16
CA LEU D 248 3.01 -12.00 -23.54
C LEU D 248 3.92 -11.59 -22.39
N SER D 249 4.72 -10.54 -22.60
CA SER D 249 5.66 -10.04 -21.61
C SER D 249 4.94 -9.33 -20.47
N PRO D 250 5.60 -9.22 -19.30
CA PRO D 250 5.10 -8.40 -18.20
C PRO D 250 4.80 -6.98 -18.65
N GLU D 251 5.69 -6.40 -19.45
CA GLU D 251 5.53 -5.05 -19.97
C GLU D 251 4.24 -4.91 -20.76
N GLU D 252 4.05 -5.82 -21.72
CA GLU D 252 2.84 -5.84 -22.54
C GLU D 252 1.58 -6.01 -21.69
N ALA D 253 1.64 -6.94 -20.74
CA ALA D 253 0.48 -7.25 -19.90
C ALA D 253 0.07 -6.09 -19.00
N ILE D 254 1.05 -5.29 -18.59
CA ILE D 254 0.77 -4.12 -17.76
C ILE D 254 0.12 -3.02 -18.60
N ALA D 255 0.59 -2.86 -19.83
CA ALA D 255 0.00 -1.89 -20.74
C ALA D 255 -1.48 -2.19 -20.97
N VAL D 256 -1.79 -3.47 -21.14
CA VAL D 256 -3.17 -3.92 -21.31
C VAL D 256 -3.98 -3.63 -20.04
N ALA D 257 -3.44 -4.05 -18.90
CA ALA D 257 -4.08 -3.83 -17.61
C ALA D 257 -4.38 -2.35 -17.39
N THR D 258 -3.42 -1.50 -17.74
CA THR D 258 -3.59 -0.06 -17.63
C THR D 258 -4.74 0.44 -18.50
N SER D 259 -4.90 -0.15 -19.68
CA SER D 259 -5.88 0.32 -20.65
C SER D 259 -7.31 -0.05 -20.28
N LEU D 260 -7.47 -0.86 -19.23
CA LEU D 260 -8.80 -1.30 -18.79
C LEU D 260 -9.20 -0.67 -17.47
N ALA D 261 -8.35 0.22 -16.96
CA ALA D 261 -8.57 0.83 -15.66
C ALA D 261 -9.80 1.73 -15.61
N SER D 262 -9.96 2.57 -16.64
CA SER D 262 -11.07 3.52 -16.72
C SER D 262 -11.11 4.46 -15.51
N GLU D 263 -12.09 4.24 -14.63
CA GLU D 263 -12.32 5.14 -13.50
C GLU D 263 -11.35 4.94 -12.34
N GLY D 264 -10.73 3.77 -12.28
CA GLY D 264 -9.80 3.47 -11.22
C GLY D 264 -8.35 3.48 -11.68
N GLU D 265 -7.45 3.16 -10.77
CA GLU D 265 -6.03 3.08 -11.11
C GLU D 265 -5.50 1.66 -10.90
N VAL D 266 -4.57 1.25 -11.75
CA VAL D 266 -3.95 -0.05 -11.63
C VAL D 266 -2.49 0.09 -11.22
N THR D 267 -2.13 -0.58 -10.12
CA THR D 267 -0.77 -0.61 -9.63
C THR D 267 -0.16 -1.97 -9.96
N ALA D 268 1.00 -1.97 -10.60
CA ALA D 268 1.59 -3.23 -11.08
C ALA D 268 3.00 -3.47 -10.55
N THR D 269 3.30 -4.74 -10.25
CA THR D 269 4.60 -5.15 -9.77
C THR D 269 5.07 -6.40 -10.53
N VAL D 270 6.16 -6.27 -11.26
CA VAL D 270 6.68 -7.37 -12.09
C VAL D 270 7.50 -8.35 -11.26
N ASN D 271 7.17 -9.64 -11.36
CA ASN D 271 8.01 -10.69 -10.82
C ASN D 271 9.07 -11.08 -11.83
N ALA D 272 8.62 -11.65 -12.94
CA ALA D 272 9.51 -12.15 -13.97
C ALA D 272 8.69 -12.47 -15.21
N PRO D 273 9.35 -12.51 -16.38
CA PRO D 273 8.68 -13.02 -17.57
C PRO D 273 8.65 -14.54 -17.52
N ALA D 274 7.98 -15.18 -18.47
CA ALA D 274 7.98 -16.64 -18.54
C ALA D 274 9.40 -17.11 -18.85
N PHE D 275 9.71 -18.34 -18.47
CA PHE D 275 11.01 -18.93 -18.76
C PHE D 275 10.82 -20.39 -19.14
N GLN D 276 11.68 -20.89 -20.03
CA GLN D 276 11.63 -22.28 -20.42
C GLN D 276 13.01 -22.80 -20.79
N THR D 277 13.33 -24.00 -20.34
CA THR D 277 14.57 -24.65 -20.75
C THR D 277 14.35 -25.45 -22.02
N ASP D 278 15.23 -25.24 -22.99
CA ASP D 278 15.18 -25.90 -24.28
C ASP D 278 15.28 -27.41 -24.13
N LYS D 279 14.37 -28.13 -24.78
CA LYS D 279 14.14 -29.55 -24.55
C LYS D 279 15.34 -30.50 -24.75
N ARG D 280 16.29 -30.11 -25.58
CA ARG D 280 17.38 -31.02 -25.95
C ARG D 280 18.70 -30.70 -25.25
N GLN D 281 18.62 -30.02 -24.10
CA GLN D 281 19.81 -29.66 -23.33
C GLN D 281 20.49 -30.87 -22.70
N PRO D 282 21.83 -30.82 -22.56
CA PRO D 282 22.59 -31.89 -21.91
C PRO D 282 22.16 -32.10 -20.47
N ILE D 283 21.80 -31.02 -19.79
CA ILE D 283 21.33 -31.11 -18.41
C ILE D 283 19.99 -31.83 -18.33
N VAL D 284 19.20 -31.70 -19.40
CA VAL D 284 17.92 -32.40 -19.50
C VAL D 284 18.18 -33.89 -19.70
N ALA D 285 19.09 -34.21 -20.62
CA ALA D 285 19.46 -35.58 -20.90
C ALA D 285 19.95 -36.29 -19.64
N ALA D 286 20.71 -35.58 -18.83
CA ALA D 286 21.23 -36.12 -17.58
C ALA D 286 20.13 -36.57 -16.63
N PHE D 287 19.07 -35.76 -16.53
CA PHE D 287 17.95 -36.08 -15.65
C PHE D 287 17.07 -37.17 -16.25
N LEU D 288 16.81 -37.07 -17.56
CA LEU D 288 16.07 -38.10 -18.29
C LEU D 288 16.68 -39.47 -18.07
N ALA D 289 18.00 -39.55 -18.28
CA ALA D 289 18.73 -40.78 -18.04
C ALA D 289 18.57 -41.24 -16.60
N ALA D 290 18.81 -40.32 -15.66
CA ALA D 290 18.65 -40.60 -14.24
C ALA D 290 17.25 -41.14 -13.94
N VAL D 291 16.25 -40.58 -14.60
CA VAL D 291 14.88 -41.08 -14.49
C VAL D 291 14.75 -42.43 -15.17
N ARG D 292 15.13 -42.48 -16.45
CA ARG D 292 15.00 -43.67 -17.27
C ARG D 292 15.79 -44.87 -16.72
N ALA D 293 17.07 -44.65 -16.42
CA ALA D 293 17.93 -45.71 -15.91
C ALA D 293 17.47 -46.22 -14.56
N HIS D 294 16.69 -45.40 -13.83
CA HIS D 294 16.11 -45.83 -12.57
C HIS D 294 14.69 -46.35 -12.78
N GLY D 295 14.45 -46.89 -13.97
CA GLY D 295 13.21 -47.59 -14.27
C GLY D 295 11.98 -46.72 -14.41
N GLY D 296 12.16 -45.46 -14.80
CA GLY D 296 11.05 -44.54 -14.92
C GLY D 296 10.68 -44.21 -16.35
N THR D 297 9.45 -43.73 -16.54
CA THR D 297 9.00 -43.25 -17.82
C THR D 297 8.79 -41.75 -17.73
N PRO D 298 9.85 -40.97 -18.02
CA PRO D 298 9.84 -39.52 -17.83
C PRO D 298 8.84 -38.81 -18.75
N ARG D 299 8.11 -37.84 -18.19
CA ARG D 299 7.32 -36.92 -18.99
C ARG D 299 7.81 -35.50 -18.75
N LEU D 300 8.22 -34.84 -19.83
CA LEU D 300 8.69 -33.47 -19.73
C LEU D 300 7.51 -32.54 -19.47
N LYS D 301 7.62 -31.69 -18.46
CA LYS D 301 6.50 -30.86 -18.07
C LYS D 301 6.81 -29.37 -18.12
N LEU D 302 5.78 -28.59 -18.43
CA LEU D 302 5.84 -27.14 -18.30
C LEU D 302 4.68 -26.75 -17.39
N LYS D 303 4.99 -26.00 -16.33
CA LYS D 303 4.02 -25.79 -15.24
C LYS D 303 3.28 -24.46 -15.30
N THR D 304 2.11 -24.43 -14.67
CA THR D 304 1.24 -23.25 -14.68
C THR D 304 1.75 -22.11 -13.83
N GLY D 305 2.32 -22.44 -12.67
CA GLY D 305 2.77 -21.44 -11.73
C GLY D 305 4.10 -20.83 -12.14
N THR D 306 4.74 -20.12 -11.21
CA THR D 306 6.05 -19.54 -11.47
C THR D 306 7.07 -20.10 -10.50
N SER D 307 8.31 -19.63 -10.63
CA SER D 307 9.42 -20.20 -9.87
C SER D 307 10.55 -19.19 -9.78
N ASP D 308 11.53 -19.47 -8.94
CA ASP D 308 12.73 -18.64 -8.92
C ASP D 308 13.61 -18.96 -10.13
N ASN D 310 12.61 -18.54 -13.03
CA ASN D 310 12.31 -17.43 -13.91
C ASN D 310 13.17 -16.19 -13.65
N LEU D 311 13.84 -16.17 -12.50
CA LEU D 311 14.74 -15.07 -12.17
C LEU D 311 16.21 -15.44 -12.39
N VAL D 312 16.65 -16.55 -11.80
CA VAL D 312 18.04 -16.97 -11.92
C VAL D 312 18.38 -17.45 -13.33
N GLY D 313 17.35 -17.85 -14.07
CA GLY D 313 17.53 -18.28 -15.44
C GLY D 313 18.12 -17.19 -16.32
N PRO D 314 17.30 -16.15 -16.61
CA PRO D 314 17.73 -15.00 -17.41
C PRO D 314 18.91 -14.25 -16.79
N ALA D 315 19.09 -14.37 -15.48
CA ALA D 315 20.22 -13.72 -14.81
C ALA D 315 21.53 -14.44 -15.09
N TRP D 316 21.55 -15.74 -14.79
CA TRP D 316 22.78 -16.53 -14.88
C TRP D 316 23.05 -17.13 -16.26
N GLY D 317 22.02 -17.72 -16.87
CA GLY D 317 22.15 -18.24 -18.22
C GLY D 317 22.73 -19.64 -18.33
N CYS D 318 23.12 -20.20 -17.19
CA CYS D 318 23.67 -21.56 -17.16
C CYS D 318 22.55 -22.58 -17.40
N PRO D 319 22.92 -23.82 -17.75
CA PRO D 319 21.95 -24.91 -17.89
C PRO D 319 21.11 -25.08 -16.62
N ILE D 320 19.79 -25.14 -16.78
CA ILE D 320 18.89 -25.07 -15.65
C ILE D 320 17.63 -25.91 -15.86
N VAL D 321 17.24 -26.65 -14.83
CA VAL D 321 16.00 -27.44 -14.85
C VAL D 321 15.40 -27.46 -13.45
N ALA D 322 14.15 -27.90 -13.35
CA ALA D 322 13.49 -28.06 -12.07
C ALA D 322 13.20 -29.54 -11.83
N TYR D 323 13.56 -30.04 -10.66
CA TYR D 323 13.32 -31.45 -10.33
C TYR D 323 13.03 -31.62 -8.85
N GLY D 324 12.14 -32.57 -8.54
CA GLY D 324 11.84 -32.90 -7.16
C GLY D 324 10.65 -33.82 -7.03
N PRO D 325 10.55 -34.51 -5.89
CA PRO D 325 9.38 -35.34 -5.58
C PRO D 325 8.15 -34.47 -5.33
N GLY D 326 6.97 -35.00 -5.61
CA GLY D 326 5.74 -34.26 -5.34
C GLY D 326 4.90 -33.93 -6.57
N ASP D 327 3.59 -33.95 -6.38
CA ASP D 327 2.65 -33.58 -7.44
C ASP D 327 2.24 -32.13 -7.27
N SER D 328 2.57 -31.30 -8.26
CA SER D 328 2.36 -29.86 -8.17
C SER D 328 0.90 -29.43 -8.02
N ARG D 329 -0.02 -30.34 -8.32
CA ARG D 329 -1.45 -30.03 -8.18
C ARG D 329 -1.83 -29.89 -6.71
N LEU D 330 -1.02 -30.47 -5.83
CA LEU D 330 -1.27 -30.43 -4.40
C LEU D 330 -0.67 -29.19 -3.75
N ASP D 331 -0.01 -28.36 -4.56
CA ASP D 331 0.57 -27.12 -4.08
C ASP D 331 -0.50 -26.23 -3.44
N HIS D 332 -0.21 -25.77 -2.22
CA HIS D 332 -1.04 -24.78 -1.52
C HIS D 332 -2.39 -25.33 -1.04
N THR D 333 -2.53 -26.67 -1.04
CA THR D 333 -3.78 -27.32 -0.65
C THR D 333 -3.85 -27.61 0.86
N PRO D 334 -5.07 -27.73 1.42
CA PRO D 334 -5.26 -28.00 2.84
C PRO D 334 -4.68 -29.33 3.33
N GLU D 335 -4.53 -30.30 2.43
CA GLU D 335 -3.94 -31.57 2.80
C GLU D 335 -2.79 -31.96 1.87
N GLU D 336 -1.94 -30.98 1.59
CA GLU D 336 -0.73 -31.16 0.80
C GLU D 336 0.08 -32.35 1.32
N HIS D 337 0.42 -33.27 0.43
CA HIS D 337 1.07 -34.52 0.82
C HIS D 337 1.89 -35.15 -0.30
N VAL D 338 2.80 -36.04 0.09
CA VAL D 338 3.63 -36.76 -0.86
C VAL D 338 3.86 -38.19 -0.34
N PRO D 339 3.78 -39.18 -1.24
CA PRO D 339 4.13 -40.55 -0.84
C PRO D 339 5.60 -40.63 -0.42
N LEU D 340 5.89 -41.31 0.69
CA LEU D 340 7.25 -41.43 1.18
C LEU D 340 8.13 -42.21 0.21
N ALA D 341 7.52 -43.11 -0.55
CA ALA D 341 8.25 -43.88 -1.55
C ALA D 341 8.87 -42.97 -2.60
N ASP D 342 8.17 -41.89 -2.95
CA ASP D 342 8.63 -40.95 -3.96
C ASP D 342 9.92 -40.24 -3.54
N LEU D 343 10.13 -40.13 -2.24
CA LEU D 343 11.30 -39.42 -1.71
C LEU D 343 12.60 -40.16 -1.96
N GLU D 344 12.60 -41.46 -1.70
CA GLU D 344 13.80 -42.28 -1.85
C GLU D 344 14.28 -42.34 -3.30
N ARG D 345 13.34 -42.50 -4.23
CA ARG D 345 13.67 -42.56 -5.65
C ARG D 345 14.21 -41.24 -6.15
N ALA D 346 13.53 -40.15 -5.80
CA ALA D 346 13.92 -38.81 -6.22
C ALA D 346 15.33 -38.45 -5.76
N THR D 347 15.70 -38.91 -4.56
CA THR D 347 17.04 -38.67 -4.03
C THR D 347 18.08 -39.40 -4.86
N ALA D 348 17.83 -40.67 -5.16
CA ALA D 348 18.75 -41.48 -5.93
C ALA D 348 18.84 -41.00 -7.38
N ILE D 349 17.69 -40.62 -7.95
CA ILE D 349 17.64 -40.13 -9.33
C ILE D 349 18.39 -38.81 -9.46
N LEU D 350 18.16 -37.89 -8.52
CA LEU D 350 18.88 -36.63 -8.51
C LEU D 350 20.38 -36.86 -8.44
N THR D 351 20.78 -37.87 -7.67
CA THR D 351 22.19 -38.23 -7.52
C THR D 351 22.81 -38.66 -8.86
N THR D 352 22.17 -39.60 -9.53
CA THR D 352 22.59 -40.05 -10.85
C THR D 352 22.66 -38.88 -11.80
N ALA D 353 21.65 -38.01 -11.72
CA ALA D 353 21.61 -36.80 -12.51
C ALA D 353 22.78 -35.88 -12.19
N ILE D 354 23.02 -35.66 -10.89
CA ILE D 354 24.11 -34.80 -10.43
C ILE D 354 25.46 -35.24 -10.97
N GLU D 355 25.76 -36.53 -10.83
CA GLU D 355 27.02 -37.09 -11.31
C GLU D 355 27.23 -36.79 -12.79
N ARG D 356 26.20 -37.04 -13.59
CA ARG D 356 26.26 -36.70 -15.00
C ARG D 356 25.72 -35.30 -15.24
#